data_6JY4
#
_entry.id   6JY4
#
_cell.length_a   149.395
_cell.length_b   152.395
_cell.length_c   174.040
_cell.angle_alpha   90.00
_cell.angle_beta   90.00
_cell.angle_gamma   90.00
#
_symmetry.space_group_name_H-M   'P 21 21 21'
#
loop_
_entity.id
_entity.type
_entity.pdbx_description
1 polymer 'Cytochrome c oxidase subunit 1'
2 polymer 'Cytochrome c oxidase subunit 2'
3 polymer 'Cytochrome c oxidase subunit 3'
4 polymer 'Cytochrome c oxidase subunit 4 isoform 1'
5 polymer 'Cytochrome c oxidase subunit 5A'
6 polymer 'Cytochrome c oxidase subunit 5B'
7 polymer 'Cytochrome c oxidase subunit 6A2, mitochondrial'
8 polymer 'Cytochrome c oxidase subunit 6B1'
9 polymer 'Cytochrome c oxidase subunit 6C'
10 polymer 'Cytochrome c oxidase subunit 7A1'
11 polymer 'Cytochrome c oxidase subunit 7B'
12 polymer 'Cytochrome c oxidase subunit 7C, mitochondrial'
13 polymer 'Cytochrome c oxidase subunit 8B'
14 non-polymer HEME-A
15 non-polymer 'COPPER (II) ION'
16 non-polymer 'MAGNESIUM ION'
17 non-polymer 'SODIUM ION'
18 non-polymer (2S,3S,4S,5S,6R)-2-(2-decoxyethoxy)-6-(hydroxymethyl)oxane-3,4,5-triol
19 non-polymer '(1R)-2-{[{[(2S)-2,3-DIHYDROXYPROPYL]OXY}(HYDROXY)PHOSPHORYL]OXY}-1-[(PALMITOYLOXY)METHYL]ETHYL (11E)-OCTADEC-11-ENOATE'
20 non-polymer CARDIOLIPIN
21 non-polymer 'DINUCLEAR COPPER ION'
22 non-polymer 'CHOLIC ACID'
23 non-polymer 'ZINC ION'
24 non-polymer '(1S)-2-{[(2-AMINOETHOXY)(HYDROXY)PHOSPHORYL]OXY}-1-[(STEAROYLOXY)METHYL]ETHYL (5E,8E,11E,14E)-ICOSA-5,8,11,14-TETRAENOATE'
25 water water
#
loop_
_entity_poly.entity_id
_entity_poly.type
_entity_poly.pdbx_seq_one_letter_code
_entity_poly.pdbx_strand_id
1 'polypeptide(L)'
;(FME)FINRWLFSTNHKDIGTLYLLFGAWAGMVGTALSLLIRAELGQPGTLLGDDQIYNVVVTAHAFVMIFFMVMPIMIG
GFGNWLVPLMIGAPDMAFPRMNNMSFWLLPPSFLLLLASSMVEAGAGTGWTVYPPLAGNLAHAGASVDLTIFSLHLAGVS
SILGAINFITTIINMKPPAMSQYQTPLFVWSVMITAVLLLLSLPVLAAGITMLLTDRNLNTTFFDPAGGGDPILYQHLFW
FFGHPEVYILILPGFGMISHIVTYYSGKKEPFGYMGMVWAMMSIGFLGFIVWAHHMFTVGMDVDTRAYFTSATMIIAIPT
GVKVFSWLATLHGGNIKWSPAMMWALGFIFLFTVGGLTGIVLANSSLDIVLHDTYYVVAHFHYVLSMGAVFAIMGGFVHW
FPLFSGYTLNDTWAKIHFAIMFVGVNMTFFPQHFLGLSGMPRRYSDYPDAYTMWNTISSMGSFISLTAVMLMVFIIWEAF
ASKREVLTVDLTTTNLEWLNGCPPPYHTFEEPTYVNLK
;
A
2 'polypeptide(L)'
;(FME)AYPMQLGFQDATSPIMEELLHFHDHTLMIVFLISSLVLYIISLMLTTKLTHTSTMDAQEVETIWTILPAIILILI
ALPSLRILYMMDEINNPSLTVKTMGHQWYWSYEYTDYEDLSFDSYMIPTSELKPGELRLLEVDNRVVLPMEMTIRMLVSS
EDVLHSWAVPSLGLKTDAIPGRLNQTTLMSSRPGLYYGQCSEICGSNHSFMPIVLELVPLKYFEKWSASML
;
B
3 'polypeptide(L)'
;MTHQTHAYHMVNPSPWPLTGALSALLMTSGLTMWFHFNSMTLLMIGLTTNMLTMYQWWRDVIRESTFQGHHTPAVQKGLR
YGMILFIISEVLFFTGFFWAFYHSSLAPTPELGGCWPPTGIHPLNPLEVPLLNTSVLLASGVSITWAHHSLMEGDRKHML
QALFITITLGVYFTLLQASEYYEAPFTISDGVYGSTFFVATGFHGLHVIIGSTFLIVCFFRQLKFHFTSNHHFGFEAAAW
YWHFVDVVWLFLYVSIYWWGS
;
C
4 'polypeptide(L)'
;AHGSVVKSEDYALPSYVDRRDYPLPDVAHVKNLSASQKALKEKEKASWSSLSIDEKVELYRLKFKESFAEMNRSTNEWKT
VVGAAMFFIGFTALLLIWEKHYVYGPIPHTFEEEWVAKQTKRMLDMKVAPIQGFSAKWDYDKNEWKK
;
D
5 'polypeptide(L)'
;SHGSHETDEEFDARWVTYFNKPDIDAWELRKGMNTLVGYDLVPEPKIIDAALRACRRLNDFASAVRILEVVKDKAGPHKE
IYPYVIQELRPTLNELGISTPEELGLDKV
;
E
6 'polypeptide(L)'
;ASGGGVPTDEEQATGLEREVMLAARKGQDPYNILAPKATSGTKEDPNLVPSITNKRIVGCICEEDNSTVIWFWLHKGEAQ
RCPSCGTHYKLVPHQLAH
;
F
7 'polypeptide(L)'
;ASAAKGDHGGTGARTWRFLTFGLALPSVALCTLNSWLHSGHRERPAFIPYHHLRIRTKPFSWGDGNHTFFHNPRVNPLPT
GYEKP
;
G
8 'polypeptide(L)'
;AEDIQAKIKNYQTAPFDSRFPNQNQTRNCWQNYLDFHRCEKAMTAKGGDVSVCEWYRRVYKSLCPISWVSTWDDRRAEGT
FPGKI
;
H
9 'polypeptide(L)' STALAKPQMRGLLARRLRFHIVGAFMVSLGFATFYKFAVAEKRKKAYADFYRNYDSMKDFEEMRKAGIFQSAK I
10 'polypeptide(L)' FENRVAEKQKLFQEDNGLPVHLKGGATDNILYRVTMTLCLGGTLYSLYCLGWASFPHKK J
11 'polypeptide(L)' IHQKRAPDFHDKYGNAVLASGATFCVAVWVYMATQIGIEWNPSPVGRVTPKEWREQ K
12 'polypeptide(L)' SHYEEGPGKNIPFSVENKWRLLAMMTLFFGSGFAAPFFIVRHQLLKK L
13 'polypeptide(L)' ITAKPAKTPTSPKEQAIGLSVTFLSFLLPAGWVLYHLDNYKKSSAA M
#
loop_
_chem_comp.id
_chem_comp.type
_chem_comp.name
_chem_comp.formula
CDL non-polymer CARDIOLIPIN 'C81 H156 O17 P2 -2'
CHD non-polymer 'CHOLIC ACID' 'C24 H40 O5'
CQX non-polymer (2S,3S,4S,5S,6R)-2-(2-decoxyethoxy)-6-(hydroxymethyl)oxane-3,4,5-triol 'C18 H36 O7'
CU non-polymer 'COPPER (II) ION' 'Cu 2'
CUA non-polymer 'DINUCLEAR COPPER ION' Cu2
HEA non-polymer HEME-A 'C49 H56 Fe N4 O6'
MG non-polymer 'MAGNESIUM ION' 'Mg 2'
NA non-polymer 'SODIUM ION' 'Na 1'
PEK non-polymer '(1S)-2-{[(2-AMINOETHOXY)(HYDROXY)PHOSPHORYL]OXY}-1-[(STEAROYLOXY)METHYL]ETHYL (5E,8E,11E,14E)-ICOSA-5,8,11,14-TETRAENOATE' 'C43 H78 N O8 P'
PGV non-polymer '(1R)-2-{[{[(2S)-2,3-DIHYDROXYPROPYL]OXY}(HYDROXY)PHOSPHORYL]OXY}-1-[(PALMITOYLOXY)METHYL]ETHYL (11E)-OCTADEC-11-ENOATE' 'C40 H77 O10 P'
ZN non-polymer 'ZINC ION' 'Zn 2'
#
# COMPACT_ATOMS: atom_id res chain seq x y z
N FME A 1 -5.49 18.40 -30.84
CN FME A 1 -6.72 18.44 -30.30
O1 FME A 1 -7.15 17.51 -29.62
CA FME A 1 -4.62 17.23 -30.62
CB FME A 1 -3.34 17.25 -31.47
CG FME A 1 -3.27 16.02 -32.39
SD FME A 1 -4.44 16.03 -33.74
CE FME A 1 -5.80 15.04 -33.20
C FME A 1 -4.27 17.10 -29.17
O FME A 1 -4.18 16.01 -28.68
N PHE A 2 -4.08 18.19 -28.47
CA PHE A 2 -3.74 18.11 -27.08
C PHE A 2 -4.87 17.52 -26.25
N ILE A 3 -6.07 17.97 -26.49
CA ILE A 3 -7.19 17.40 -25.76
C ILE A 3 -7.35 15.94 -26.12
N ASN A 4 -7.33 15.63 -27.41
CA ASN A 4 -7.50 14.23 -27.84
C ASN A 4 -6.48 13.32 -27.20
N ARG A 5 -5.27 13.81 -27.12
CA ARG A 5 -4.18 12.96 -26.63
C ARG A 5 -4.16 12.77 -25.11
N TRP A 6 -4.34 13.88 -24.40
CA TRP A 6 -4.10 13.94 -22.94
C TRP A 6 -5.34 13.90 -22.09
N LEU A 7 -6.52 14.16 -22.69
CA LEU A 7 -7.80 14.08 -21.93
C LEU A 7 -8.68 12.88 -22.38
N PHE A 8 -8.51 12.44 -23.63
CA PHE A 8 -9.35 11.43 -24.23
C PHE A 8 -8.45 10.22 -24.53
N SER A 9 -7.37 10.04 -23.77
CA SER A 9 -6.40 8.99 -24.11
C SER A 9 -6.99 7.61 -24.07
N THR A 10 -6.52 6.76 -24.96
CA THR A 10 -6.70 5.32 -24.84
C THR A 10 -5.33 4.66 -25.00
N ASN A 11 -4.29 5.30 -24.47
CA ASN A 11 -2.88 4.80 -24.71
C ASN A 11 -2.18 4.53 -23.38
N HIS A 12 -1.71 3.31 -23.20
CA HIS A 12 -1.21 2.90 -21.87
C HIS A 12 0.02 3.74 -21.43
N LYS A 13 0.80 4.20 -22.40
CA LYS A 13 2.03 5.00 -22.05
C LYS A 13 1.65 6.37 -21.59
N ASP A 14 0.77 7.03 -22.36
CA ASP A 14 0.36 8.38 -22.01
C ASP A 14 -0.40 8.35 -20.70
N ILE A 15 -1.23 7.31 -20.49
CA ILE A 15 -1.95 7.22 -19.24
C ILE A 15 -0.95 7.02 -18.09
N GLY A 16 -0.04 6.10 -18.32
CA GLY A 16 1.10 5.92 -17.35
C GLY A 16 1.76 7.25 -16.99
N THR A 17 1.97 8.07 -18.02
CA THR A 17 2.62 9.39 -17.84
C THR A 17 1.76 10.28 -17.00
N LEU A 18 0.47 10.32 -17.32
CA LEU A 18 -0.45 11.08 -16.50
C LEU A 18 -0.38 10.68 -15.04
N TYR A 19 -0.41 9.38 -14.79
CA TYR A 19 -0.38 8.92 -13.43
C TYR A 19 0.92 9.36 -12.70
N LEU A 20 2.04 9.25 -13.42
CA LEU A 20 3.33 9.66 -12.80
C LEU A 20 3.30 11.11 -12.43
N LEU A 21 2.77 11.97 -13.33
CA LEU A 21 2.67 13.40 -13.04
C LEU A 21 1.77 13.69 -11.88
N PHE A 22 0.60 13.07 -11.83
CA PHE A 22 -0.33 13.24 -10.71
C PHE A 22 0.29 12.79 -9.41
N GLY A 23 0.90 11.59 -9.48
CA GLY A 23 1.57 11.01 -8.27
C GLY A 23 2.70 11.87 -7.75
N ALA A 24 3.49 12.40 -8.67
CA ALA A 24 4.57 13.34 -8.24
C ALA A 24 3.98 14.60 -7.61
N TRP A 25 2.93 15.15 -8.22
CA TRP A 25 2.26 16.30 -7.60
C TRP A 25 1.75 15.99 -6.21
N ALA A 26 1.06 14.85 -6.08
CA ALA A 26 0.49 14.42 -4.79
C ALA A 26 1.60 14.26 -3.76
N GLY A 27 2.70 13.69 -4.22
CA GLY A 27 3.84 13.54 -3.29
C GLY A 27 4.30 14.90 -2.72
N MET A 28 4.26 15.97 -3.52
CA MET A 28 4.57 17.31 -2.99
C MET A 28 3.59 17.75 -1.93
N VAL A 29 2.29 17.53 -2.17
CA VAL A 29 1.30 17.84 -1.16
C VAL A 29 1.55 17.02 0.09
N GLY A 30 1.77 15.70 -0.08
CA GLY A 30 1.96 14.83 1.09
C GLY A 30 3.24 15.19 1.90
N THR A 31 4.28 15.61 1.17
CA THR A 31 5.54 15.99 1.86
C THR A 31 5.31 17.26 2.63
N ALA A 32 4.60 18.24 2.02
CA ALA A 32 4.29 19.47 2.76
C ALA A 32 3.52 19.15 4.01
N LEU A 33 2.51 18.28 3.92
CA LEU A 33 1.77 17.91 5.11
C LEU A 33 2.68 17.30 6.17
N SER A 34 3.58 16.43 5.71
CA SER A 34 4.53 15.78 6.66
C SER A 34 5.40 16.81 7.37
N LEU A 35 5.79 17.83 6.60
CA LEU A 35 6.65 18.88 7.19
C LEU A 35 5.84 19.64 8.21
N LEU A 36 4.55 19.86 7.94
CA LEU A 36 3.69 20.51 8.93
C LEU A 36 3.55 19.71 10.24
N ILE A 37 3.40 18.39 10.12
CA ILE A 37 3.33 17.51 11.31
C ILE A 37 4.64 17.71 12.13
N ARG A 38 5.75 17.56 11.42
CA ARG A 38 7.07 17.62 12.11
C ARG A 38 7.45 19.03 12.61
N ALA A 39 6.93 20.08 11.98
CA ALA A 39 7.14 21.42 12.54
C ALA A 39 6.31 21.68 13.84
N GLU A 40 5.06 21.18 13.88
CA GLU A 40 4.30 21.17 15.12
C GLU A 40 5.01 20.48 16.30
N LEU A 41 5.74 19.40 15.99
CA LEU A 41 6.39 18.54 17.01
C LEU A 41 7.93 18.90 17.20
N GLY A 42 8.44 19.81 16.37
CA GLY A 42 9.92 20.20 16.32
C GLY A 42 10.43 20.85 17.60
N GLN A 43 9.53 21.40 18.42
CA GLN A 43 9.87 21.86 19.74
C GLN A 43 8.62 21.68 20.60
N PRO A 44 8.81 21.59 21.92
CA PRO A 44 7.69 21.45 22.82
C PRO A 44 6.76 22.66 22.77
N GLY A 45 5.47 22.42 22.97
CA GLY A 45 4.47 23.47 22.94
C GLY A 45 3.64 23.36 21.72
N THR A 46 2.98 24.47 21.36
CA THR A 46 2.03 24.48 20.21
C THR A 46 2.50 25.43 19.14
N LEU A 47 2.58 24.95 17.92
CA LEU A 47 2.93 25.82 16.85
C LEU A 47 1.67 26.32 16.18
N LEU A 48 0.78 25.38 15.87
CA LEU A 48 -0.37 25.74 15.08
C LEU A 48 -1.42 26.45 15.91
N GLY A 49 -1.38 26.27 17.22
CA GLY A 49 -2.37 26.83 18.13
C GLY A 49 -3.75 26.23 17.89
N ASP A 50 -3.82 25.02 17.33
CA ASP A 50 -5.10 24.45 16.90
C ASP A 50 -4.89 23.00 16.60
N ASP A 51 -5.19 22.15 17.59
CA ASP A 51 -5.00 20.74 17.42
C ASP A 51 -6.00 20.10 16.48
N GLN A 52 -7.13 20.75 16.20
CA GLN A 52 -8.04 20.16 15.24
C GLN A 52 -7.32 20.22 13.87
N ILE A 53 -6.68 21.34 13.59
CA ILE A 53 -5.95 21.50 12.34
C ILE A 53 -4.83 20.45 12.28
N TYR A 54 -4.16 20.19 13.42
CA TYR A 54 -3.03 19.24 13.46
C TYR A 54 -3.55 17.91 12.97
N ASN A 55 -4.69 17.53 13.56
CA ASN A 55 -5.36 16.26 13.25
C ASN A 55 -5.81 16.18 11.80
N VAL A 56 -6.25 17.31 11.26
CA VAL A 56 -6.60 17.37 9.87
C VAL A 56 -5.40 17.13 8.96
N VAL A 57 -4.31 17.74 9.36
CA VAL A 57 -3.06 17.62 8.61
C VAL A 57 -2.56 16.17 8.61
N VAL A 58 -2.54 15.56 9.80
CA VAL A 58 -2.06 14.14 9.93
C VAL A 58 -2.87 13.21 9.03
N THR A 59 -4.20 13.38 9.12
CA THR A 59 -5.16 12.57 8.34
C THR A 59 -4.94 12.75 6.85
N ALA A 60 -4.88 14.02 6.39
CA ALA A 60 -4.69 14.24 4.97
C ALA A 60 -3.31 13.74 4.50
N HIS A 61 -2.28 13.88 5.35
CA HIS A 61 -0.95 13.37 5.00
C HIS A 61 -1.03 11.93 4.53
N ALA A 62 -1.67 11.14 5.37
CA ALA A 62 -1.79 9.72 5.12
C ALA A 62 -2.60 9.45 3.86
N PHE A 63 -3.79 10.03 3.75
CA PHE A 63 -4.59 9.71 2.53
C PHE A 63 -3.81 10.12 1.25
N VAL A 64 -3.17 11.31 1.28
CA VAL A 64 -2.45 11.78 0.12
C VAL A 64 -1.31 10.83 -0.19
N MET A 65 -0.50 10.46 0.81
CA MET A 65 0.65 9.62 0.45
C MET A 65 0.23 8.25 -0.09
N ILE A 66 -0.81 7.68 0.55
CA ILE A 66 -1.31 6.32 0.18
C ILE A 66 -2.12 6.34 -1.12
N PHE A 67 -3.21 7.10 -1.12
CA PHE A 67 -4.15 6.98 -2.26
C PHE A 67 -3.79 7.81 -3.47
N PHE A 68 -3.07 8.93 -3.26
CA PHE A 68 -2.70 9.79 -4.37
C PHE A 68 -1.23 9.80 -4.78
N MET A 69 -0.33 9.34 -3.89
CA MET A 69 1.10 9.23 -4.31
C MET A 69 1.50 7.82 -4.62
N VAL A 70 1.51 6.91 -3.62
CA VAL A 70 2.02 5.53 -3.91
C VAL A 70 1.19 4.71 -4.91
N MET A 71 -0.12 4.54 -4.65
CA MET A 71 -0.91 3.72 -5.57
C MET A 71 -0.92 4.25 -7.01
N PRO A 72 -1.12 5.57 -7.19
CA PRO A 72 -1.11 5.96 -8.62
C PRO A 72 0.25 5.81 -9.28
N ILE A 73 1.33 6.08 -8.52
CA ILE A 73 2.69 5.91 -9.12
C ILE A 73 2.95 4.47 -9.44
N MET A 74 2.79 3.58 -8.44
CA MET A 74 3.17 2.16 -8.66
C MET A 74 2.26 1.45 -9.67
N ILE A 75 0.94 1.54 -9.49
CA ILE A 75 0.02 0.72 -10.31
C ILE A 75 -0.36 1.53 -11.55
N GLY A 76 -0.82 2.77 -11.37
CA GLY A 76 -1.15 3.57 -12.55
C GLY A 76 -0.01 3.98 -13.43
N GLY A 77 1.10 4.29 -12.77
CA GLY A 77 2.29 4.82 -13.53
C GLY A 77 3.14 3.69 -14.08
N PHE A 78 3.89 3.03 -13.18
CA PHE A 78 4.78 1.96 -13.66
C PHE A 78 3.96 0.80 -14.27
N GLY A 79 2.85 0.48 -13.63
CA GLY A 79 1.96 -0.57 -14.18
C GLY A 79 1.53 -0.35 -15.61
N ASN A 80 1.00 0.84 -15.88
CA ASN A 80 0.55 1.12 -17.25
C ASN A 80 1.66 1.19 -18.24
N TRP A 81 2.73 1.85 -17.85
CA TRP A 81 3.89 1.96 -18.76
C TRP A 81 4.48 0.60 -19.05
N LEU A 82 4.74 -0.17 -17.98
CA LEU A 82 5.58 -1.36 -18.17
C LEU A 82 4.84 -2.63 -18.50
N VAL A 83 3.69 -2.86 -17.87
CA VAL A 83 3.08 -4.18 -18.01
C VAL A 83 2.85 -4.57 -19.47
N PRO A 84 2.23 -3.68 -20.28
CA PRO A 84 1.96 -4.09 -21.66
C PRO A 84 3.25 -4.38 -22.40
N LEU A 85 4.24 -3.55 -22.13
CA LEU A 85 5.54 -3.74 -22.82
C LEU A 85 6.16 -5.07 -22.44
N MET A 86 6.07 -5.39 -21.16
CA MET A 86 6.71 -6.61 -20.66
C MET A 86 6.12 -7.93 -21.15
N ILE A 87 4.91 -7.88 -21.67
CA ILE A 87 4.26 -9.09 -22.27
C ILE A 87 4.00 -8.87 -23.76
N GLY A 88 4.56 -7.81 -24.33
CA GLY A 88 4.43 -7.54 -25.76
C GLY A 88 3.02 -7.30 -26.25
N ALA A 89 2.18 -6.76 -25.40
CA ALA A 89 0.77 -6.46 -25.71
C ALA A 89 0.69 -5.08 -26.29
N PRO A 90 -0.32 -4.82 -27.14
CA PRO A 90 -0.40 -3.56 -27.87
C PRO A 90 -0.98 -2.43 -27.01
N ASP A 91 -1.65 -2.79 -25.91
CA ASP A 91 -2.13 -1.87 -24.87
C ASP A 91 -2.78 -2.67 -23.78
N MET A 92 -3.51 -2.02 -22.87
CA MET A 92 -4.30 -2.70 -21.86
C MET A 92 -5.62 -3.29 -22.49
N ALA A 93 -6.22 -4.24 -21.84
CA ALA A 93 -7.45 -4.89 -22.33
C ALA A 93 -8.59 -3.84 -22.59
N PHE A 94 -8.73 -2.87 -21.68
CA PHE A 94 -9.82 -1.92 -21.66
C PHE A 94 -9.20 -0.55 -21.66
N PRO A 95 -8.70 -0.14 -22.82
CA PRO A 95 -7.85 1.07 -22.84
C PRO A 95 -8.60 2.34 -22.63
N ARG A 96 -9.91 2.36 -22.92
CA ARG A 96 -10.72 3.48 -22.62
C ARG A 96 -11.13 3.50 -21.14
N MET A 97 -11.58 2.37 -20.59
CA MET A 97 -11.88 2.33 -19.15
C MET A 97 -10.62 2.73 -18.37
N ASN A 98 -9.45 2.37 -18.93
CA ASN A 98 -8.17 2.71 -18.25
C ASN A 98 -8.09 4.20 -17.99
N ASN A 99 -8.55 4.97 -18.99
CA ASN A 99 -8.53 6.42 -18.87
C ASN A 99 -9.43 6.93 -17.78
N MET A 100 -10.50 6.21 -17.47
CA MET A 100 -11.36 6.73 -16.43
C MET A 100 -10.75 6.46 -15.08
N SER A 101 -9.99 5.36 -14.99
CA SER A 101 -9.31 5.10 -13.71
C SER A 101 -8.39 6.30 -13.40
N PHE A 102 -7.73 6.83 -14.42
CA PHE A 102 -6.92 8.03 -14.24
C PHE A 102 -7.78 9.19 -13.86
N TRP A 103 -8.82 9.45 -14.69
CA TRP A 103 -9.52 10.74 -14.46
C TRP A 103 -10.38 10.80 -13.22
N LEU A 104 -10.65 9.65 -12.59
CA LEU A 104 -11.31 9.67 -11.32
C LEU A 104 -10.41 10.26 -10.23
N LEU A 105 -9.08 10.29 -10.43
CA LEU A 105 -8.22 10.65 -9.27
C LEU A 105 -8.18 12.17 -8.99
N PRO A 106 -8.10 13.01 -10.06
CA PRO A 106 -8.17 14.47 -9.69
C PRO A 106 -9.43 14.86 -8.93
N PRO A 107 -10.62 14.38 -9.36
CA PRO A 107 -11.77 14.73 -8.55
C PRO A 107 -11.73 14.13 -7.13
N SER A 108 -11.22 12.91 -7.03
CA SER A 108 -11.04 12.29 -5.69
C SER A 108 -10.19 13.21 -4.84
N PHE A 109 -9.12 13.69 -5.45
CA PHE A 109 -8.19 14.56 -4.68
C PHE A 109 -8.89 15.87 -4.36
N LEU A 110 -9.63 16.41 -5.36
CA LEU A 110 -10.47 17.60 -5.09
C LEU A 110 -11.43 17.38 -3.92
N LEU A 111 -12.10 16.22 -3.82
CA LEU A 111 -12.99 15.98 -2.63
C LEU A 111 -12.25 16.08 -1.30
N LEU A 112 -11.04 15.50 -1.29
CA LEU A 112 -10.24 15.49 -0.06
C LEU A 112 -9.85 16.92 0.30
N LEU A 113 -9.41 17.68 -0.72
CA LEU A 113 -8.96 19.08 -0.48
C LEU A 113 -10.20 19.86 0.02
N ALA A 114 -11.38 19.57 -0.60
CA ALA A 114 -12.62 20.19 -0.12
C ALA A 114 -12.92 19.91 1.35
N SER A 115 -12.71 18.65 1.76
CA SER A 115 -12.97 18.26 3.14
C SER A 115 -12.19 19.15 4.12
N SER A 116 -10.95 19.52 3.76
CA SER A 116 -10.12 20.33 4.68
C SER A 116 -10.45 21.82 4.58
N MET A 117 -11.15 22.23 3.52
CA MET A 117 -11.50 23.67 3.27
C MET A 117 -12.82 24.08 3.95
N VAL A 118 -13.71 23.11 4.08
CA VAL A 118 -15.01 23.35 4.74
C VAL A 118 -15.01 23.01 6.22
N GLU A 119 -15.87 23.71 6.97
CA GLU A 119 -16.02 23.51 8.41
C GLU A 119 -14.65 23.50 9.02
N ALA A 120 -14.38 22.51 9.89
CA ALA A 120 -13.05 22.45 10.54
C ALA A 120 -12.22 21.22 10.09
N GLY A 121 -12.55 20.69 8.90
CA GLY A 121 -11.85 19.53 8.30
C GLY A 121 -12.15 18.22 9.02
N ALA A 122 -11.62 17.13 8.47
CA ALA A 122 -11.78 15.81 9.00
C ALA A 122 -10.51 15.47 9.78
N GLY A 123 -10.56 15.69 11.09
CA GLY A 123 -9.47 15.43 12.07
C GLY A 123 -9.69 14.10 12.73
N THR A 124 -9.72 13.04 11.90
CA THR A 124 -10.20 11.74 12.37
C THR A 124 -9.11 10.69 12.45
N GLY A 125 -7.92 10.97 11.87
CA GLY A 125 -7.04 9.88 11.43
C GLY A 125 -7.48 9.22 10.13
N TRP A 126 -6.56 8.59 9.39
CA TRP A 126 -6.89 7.95 8.11
C TRP A 126 -7.77 6.73 8.25
N THR A 127 -7.92 6.30 9.48
CA THR A 127 -8.75 5.19 9.88
C THR A 127 -10.29 5.60 9.93
N VAL A 128 -10.53 6.87 10.18
CA VAL A 128 -11.88 7.44 10.15
C VAL A 128 -12.84 6.67 11.06
N TYR A 129 -12.38 6.28 12.27
CA TYR A 129 -13.18 5.56 13.24
C TYR A 129 -14.34 6.41 13.76
N PRO A 130 -15.55 5.80 13.79
CA PRO A 130 -16.62 6.36 14.63
C PRO A 130 -16.40 5.91 16.07
N PRO A 131 -16.98 6.61 17.08
CA PRO A 131 -17.86 7.82 16.86
C PRO A 131 -17.16 9.17 16.60
N LEU A 132 -15.84 9.27 16.68
CA LEU A 132 -15.20 10.57 16.42
C LEU A 132 -15.55 11.08 15.01
N ALA A 133 -15.55 10.20 13.99
CA ALA A 133 -15.86 10.57 12.63
C ALA A 133 -17.40 10.62 12.32
N GLY A 134 -18.20 10.35 13.33
CA GLY A 134 -19.68 10.47 13.17
C GLY A 134 -20.20 11.87 13.19
N ASN A 135 -21.54 11.99 13.15
CA ASN A 135 -22.18 13.27 12.95
C ASN A 135 -22.34 14.18 14.19
N LEU A 136 -22.02 13.69 15.38
CA LEU A 136 -21.99 14.53 16.59
C LEU A 136 -20.55 15.07 16.83
N ALA A 137 -19.52 14.22 16.72
CA ALA A 137 -18.16 14.66 17.01
C ALA A 137 -17.47 15.24 15.79
N HIS A 138 -17.94 14.90 14.60
CA HIS A 138 -17.56 15.56 13.39
C HIS A 138 -18.80 15.95 12.56
N ALA A 139 -19.64 16.82 13.14
CA ALA A 139 -20.78 17.40 12.41
C ALA A 139 -20.30 18.13 11.19
N GLY A 140 -21.07 18.04 10.12
CA GLY A 140 -20.82 18.83 8.92
C GLY A 140 -20.24 18.02 7.80
N ALA A 141 -19.90 18.71 6.73
CA ALA A 141 -19.53 18.06 5.48
C ALA A 141 -18.16 17.39 5.41
N SER A 142 -17.23 17.75 6.29
CA SER A 142 -15.82 17.31 6.01
C SER A 142 -15.65 15.80 5.85
N VAL A 143 -16.17 15.02 6.80
CA VAL A 143 -16.04 13.56 6.82
C VAL A 143 -16.77 13.00 5.61
N ASP A 144 -17.94 13.57 5.28
CA ASP A 144 -18.62 13.07 4.10
C ASP A 144 -17.78 13.26 2.84
N LEU A 145 -17.16 14.46 2.73
CA LEU A 145 -16.28 14.68 1.58
C LEU A 145 -15.10 13.70 1.57
N THR A 146 -14.62 13.37 2.74
CA THR A 146 -13.53 12.35 2.81
C THR A 146 -14.03 10.97 2.32
N ILE A 147 -15.22 10.59 2.80
CA ILE A 147 -15.79 9.31 2.37
C ILE A 147 -15.92 9.27 0.85
N PHE A 148 -16.45 10.36 0.27
CA PHE A 148 -16.65 10.40 -1.15
C PHE A 148 -15.33 10.34 -1.89
N SER A 149 -14.34 11.02 -1.34
CA SER A 149 -12.98 10.94 -1.95
C SER A 149 -12.55 9.48 -2.06
N LEU A 150 -12.69 8.78 -0.94
CA LEU A 150 -12.36 7.31 -0.92
C LEU A 150 -13.23 6.45 -1.85
N HIS A 151 -14.51 6.77 -2.00
CA HIS A 151 -15.32 6.04 -2.97
C HIS A 151 -14.73 6.20 -4.35
N LEU A 152 -14.42 7.45 -4.74
CA LEU A 152 -13.92 7.67 -6.11
C LEU A 152 -12.57 6.98 -6.31
N ALA A 153 -11.69 7.12 -5.33
CA ALA A 153 -10.37 6.40 -5.42
C ALA A 153 -10.60 4.89 -5.49
N GLY A 154 -11.53 4.41 -4.69
CA GLY A 154 -11.91 3.00 -4.71
C GLY A 154 -12.37 2.52 -6.05
N VAL A 155 -13.30 3.27 -6.66
CA VAL A 155 -13.73 2.88 -7.95
C VAL A 155 -12.59 2.86 -8.98
N SER A 156 -11.76 3.89 -8.92
CA SER A 156 -10.58 3.99 -9.81
C SER A 156 -9.73 2.71 -9.73
N SER A 157 -9.41 2.33 -8.48
CA SER A 157 -8.54 1.17 -8.30
C SER A 157 -9.21 -0.17 -8.61
N ILE A 158 -10.51 -0.28 -8.35
CA ILE A 158 -11.26 -1.51 -8.70
C ILE A 158 -11.31 -1.72 -10.19
N LEU A 159 -11.65 -0.68 -10.96
CA LEU A 159 -11.65 -0.80 -12.37
C LEU A 159 -10.24 -1.07 -12.91
N GLY A 160 -9.27 -0.39 -12.32
CA GLY A 160 -7.83 -0.66 -12.65
C GLY A 160 -7.46 -2.10 -12.41
N ALA A 161 -7.84 -2.65 -11.25
CA ALA A 161 -7.60 -4.06 -10.96
C ALA A 161 -8.23 -5.00 -11.99
N ILE A 162 -9.49 -4.74 -12.39
CA ILE A 162 -10.08 -5.53 -13.43
C ILE A 162 -9.25 -5.49 -14.72
N ASN A 163 -8.83 -4.28 -15.06
CA ASN A 163 -8.05 -4.05 -16.29
C ASN A 163 -6.72 -4.81 -16.23
N PHE A 164 -6.04 -4.67 -15.10
CA PHE A 164 -4.70 -5.37 -15.05
C PHE A 164 -4.85 -6.87 -15.02
N ILE A 165 -5.78 -7.41 -14.21
CA ILE A 165 -5.94 -8.85 -14.24
C ILE A 165 -6.28 -9.36 -15.66
N THR A 166 -7.20 -8.69 -16.37
CA THR A 166 -7.59 -9.14 -17.64
C THR A 166 -6.44 -9.11 -18.60
N THR A 167 -5.71 -8.00 -18.57
CA THR A 167 -4.61 -7.78 -19.49
C THR A 167 -3.51 -8.86 -19.31
N ILE A 168 -3.20 -9.11 -18.06
CA ILE A 168 -2.08 -9.98 -17.73
C ILE A 168 -2.42 -11.46 -18.02
N ILE A 169 -3.68 -11.86 -17.80
CA ILE A 169 -4.13 -13.24 -18.12
C ILE A 169 -4.38 -13.44 -19.57
N ASN A 170 -4.94 -12.41 -20.24
CA ASN A 170 -5.45 -12.66 -21.60
C ASN A 170 -4.58 -12.18 -22.74
N MET A 171 -3.64 -11.28 -22.47
CA MET A 171 -2.94 -10.59 -23.56
C MET A 171 -1.44 -10.91 -23.69
N LYS A 172 -1.01 -12.06 -23.18
CA LYS A 172 0.34 -12.53 -23.42
C LYS A 172 0.48 -13.16 -24.76
N PRO A 173 1.70 -13.33 -25.22
CA PRO A 173 1.84 -14.11 -26.42
C PRO A 173 1.29 -15.52 -26.19
N PRO A 174 0.72 -16.16 -27.24
CA PRO A 174 0.07 -17.46 -27.02
C PRO A 174 1.02 -18.55 -26.56
N ALA A 175 2.30 -18.44 -26.86
CA ALA A 175 3.25 -19.45 -26.33
C ALA A 175 3.71 -19.20 -24.90
N MET A 176 3.49 -18.01 -24.37
CA MET A 176 4.01 -17.63 -23.05
C MET A 176 3.07 -18.07 -21.95
N SER A 177 3.52 -18.93 -21.07
CA SER A 177 2.70 -19.19 -19.91
C SER A 177 2.80 -18.09 -18.88
N GLN A 178 1.97 -18.16 -17.85
CA GLN A 178 2.01 -17.17 -16.79
C GLN A 178 3.39 -17.23 -16.07
N TYR A 179 4.03 -18.39 -16.03
CA TYR A 179 5.34 -18.55 -15.38
C TYR A 179 6.49 -18.25 -16.34
N GLN A 180 6.20 -17.52 -17.41
CA GLN A 180 7.20 -16.96 -18.28
C GLN A 180 6.95 -15.47 -18.44
N THR A 181 6.26 -14.86 -17.47
CA THR A 181 6.08 -13.40 -17.44
C THR A 181 7.02 -12.89 -16.38
N PRO A 182 7.52 -11.65 -16.55
CA PRO A 182 8.39 -11.07 -15.56
C PRO A 182 7.74 -10.84 -14.21
N LEU A 183 8.54 -10.79 -13.20
CA LEU A 183 8.09 -10.60 -11.85
C LEU A 183 7.32 -9.33 -11.57
N PHE A 184 7.63 -8.24 -12.24
CA PHE A 184 6.91 -7.01 -12.02
C PHE A 184 5.46 -7.23 -12.49
N VAL A 185 5.28 -8.00 -13.57
CA VAL A 185 3.96 -8.34 -14.13
C VAL A 185 3.21 -9.16 -13.08
N TRP A 186 3.82 -10.19 -12.51
CA TRP A 186 3.25 -10.91 -11.37
C TRP A 186 2.86 -10.02 -10.21
N SER A 187 3.75 -9.11 -9.84
CA SER A 187 3.52 -8.32 -8.65
C SER A 187 2.27 -7.43 -8.88
N VAL A 188 2.11 -6.95 -10.12
CA VAL A 188 0.97 -6.09 -10.46
C VAL A 188 -0.35 -6.93 -10.46
N MET A 189 -0.30 -8.12 -11.00
CA MET A 189 -1.48 -9.00 -11.00
C MET A 189 -1.91 -9.32 -9.59
N ILE A 190 -0.96 -9.64 -8.71
CA ILE A 190 -1.30 -9.98 -7.36
C ILE A 190 -1.84 -8.79 -6.58
N THR A 191 -1.22 -7.64 -6.78
CA THR A 191 -1.73 -6.40 -6.19
C THR A 191 -3.21 -6.14 -6.64
N ALA A 192 -3.42 -6.36 -7.93
CA ALA A 192 -4.76 -6.19 -8.54
C ALA A 192 -5.80 -7.12 -7.92
N VAL A 193 -5.42 -8.38 -7.66
CA VAL A 193 -6.31 -9.27 -6.92
C VAL A 193 -6.62 -8.75 -5.56
N LEU A 194 -5.61 -8.32 -4.83
CA LEU A 194 -5.86 -7.80 -3.52
C LEU A 194 -6.80 -6.56 -3.59
N LEU A 195 -6.58 -5.66 -4.54
CA LEU A 195 -7.45 -4.45 -4.65
C LEU A 195 -8.92 -4.85 -4.95
N LEU A 196 -9.09 -5.79 -5.84
CA LEU A 196 -10.44 -6.23 -6.26
C LEU A 196 -11.25 -6.79 -5.08
N LEU A 197 -10.60 -7.52 -4.16
CA LEU A 197 -11.28 -8.09 -3.04
C LEU A 197 -11.42 -7.19 -1.82
N SER A 198 -10.43 -6.32 -1.61
CA SER A 198 -10.37 -5.56 -0.35
C SER A 198 -11.14 -4.23 -0.46
N LEU A 199 -11.00 -3.53 -1.58
CA LEU A 199 -11.64 -2.18 -1.68
C LEU A 199 -13.18 -2.26 -1.58
N PRO A 200 -13.79 -3.37 -2.05
CA PRO A 200 -15.31 -3.33 -1.87
C PRO A 200 -15.67 -3.45 -0.43
N VAL A 201 -14.81 -4.11 0.40
CA VAL A 201 -15.15 -4.19 1.80
C VAL A 201 -15.01 -2.78 2.49
N LEU A 202 -13.93 -2.09 2.18
CA LEU A 202 -13.81 -0.70 2.62
C LEU A 202 -15.05 0.10 2.15
N ALA A 203 -15.39 -0.02 0.88
CA ALA A 203 -16.54 0.74 0.33
C ALA A 203 -17.80 0.45 1.15
N ALA A 204 -17.97 -0.78 1.55
CA ALA A 204 -19.11 -1.11 2.43
C ALA A 204 -19.04 -0.45 3.77
N GLY A 205 -17.88 -0.52 4.43
CA GLY A 205 -17.77 0.12 5.71
C GLY A 205 -17.94 1.63 5.69
N ILE A 206 -17.34 2.31 4.69
CA ILE A 206 -17.42 3.78 4.67
C ILE A 206 -18.86 4.25 4.26
N THR A 207 -19.52 3.44 3.45
CA THR A 207 -20.94 3.66 3.07
C THR A 207 -21.81 3.55 4.34
N MET A 208 -21.55 2.58 5.21
CA MET A 208 -22.23 2.49 6.46
C MET A 208 -21.95 3.68 7.34
N LEU A 209 -20.70 4.15 7.31
CA LEU A 209 -20.42 5.36 8.09
C LEU A 209 -21.24 6.52 7.51
N LEU A 210 -21.31 6.61 6.18
CA LEU A 210 -22.10 7.64 5.49
C LEU A 210 -23.57 7.62 5.88
N THR A 211 -24.13 6.42 5.91
CA THR A 211 -25.53 6.28 6.32
C THR A 211 -25.77 6.54 7.82
N ASP A 212 -24.82 6.20 8.68
CA ASP A 212 -24.96 6.55 10.08
C ASP A 212 -24.93 8.06 10.23
N ARG A 213 -24.12 8.71 9.37
CA ARG A 213 -23.97 10.19 9.46
C ARG A 213 -25.17 10.94 8.88
N ASN A 214 -25.85 10.36 7.90
CA ASN A 214 -26.84 11.10 7.16
C ASN A 214 -28.21 10.47 7.01
N LEU A 215 -28.40 9.17 7.28
CA LEU A 215 -29.71 8.52 7.05
C LEU A 215 -30.24 7.84 8.28
N ASN A 216 -29.66 8.20 9.42
CA ASN A 216 -30.04 7.68 10.73
C ASN A 216 -29.94 6.16 10.89
N THR A 217 -29.03 5.52 10.15
CA THR A 217 -28.64 4.13 10.48
C THR A 217 -27.78 4.20 11.71
N THR A 218 -27.60 3.04 12.33
CA THR A 218 -26.81 2.89 13.56
C THR A 218 -25.89 1.67 13.55
N PHE A 219 -25.27 1.43 12.41
CA PHE A 219 -24.31 0.29 12.31
C PHE A 219 -23.22 0.36 13.37
N PHE A 220 -22.82 1.58 13.71
CA PHE A 220 -21.66 1.81 14.61
C PHE A 220 -22.03 2.54 15.89
N ASP A 221 -23.34 2.66 16.17
CA ASP A 221 -23.89 3.44 17.28
C ASP A 221 -24.56 2.54 18.29
N PRO A 222 -23.94 2.38 19.48
CA PRO A 222 -24.54 1.53 20.52
C PRO A 222 -26.05 1.82 20.80
N ALA A 223 -26.44 3.07 20.71
CA ALA A 223 -27.83 3.47 21.05
C ALA A 223 -28.86 2.68 20.23
N GLY A 224 -28.47 2.31 18.98
CA GLY A 224 -29.21 1.49 18.04
C GLY A 224 -28.87 0.03 18.10
N GLY A 225 -27.95 -0.36 19.00
CA GLY A 225 -27.44 -1.73 19.02
C GLY A 225 -26.26 -1.95 18.07
N GLY A 226 -25.74 -0.87 17.51
CA GLY A 226 -24.55 -0.97 16.67
C GLY A 226 -23.26 -1.04 17.51
N ASP A 227 -22.11 -1.06 16.84
CA ASP A 227 -20.81 -1.33 17.52
C ASP A 227 -19.71 -0.59 16.71
N PRO A 228 -19.05 0.41 17.32
CA PRO A 228 -17.86 1.06 16.67
C PRO A 228 -16.82 0.06 16.20
N ILE A 229 -16.71 -1.05 16.94
CA ILE A 229 -15.71 -2.11 16.57
C ILE A 229 -16.01 -2.80 15.24
N LEU A 230 -17.28 -2.86 14.84
CA LEU A 230 -17.56 -3.37 13.53
C LEU A 230 -16.86 -2.55 12.46
N TYR A 231 -16.89 -1.20 12.60
CA TYR A 231 -16.30 -0.36 11.57
C TYR A 231 -14.80 -0.74 11.47
N GLN A 232 -14.19 -0.94 12.62
CA GLN A 232 -12.73 -1.30 12.66
C GLN A 232 -12.44 -2.60 11.91
N HIS A 233 -13.24 -3.65 12.11
CA HIS A 233 -13.01 -4.86 11.35
C HIS A 233 -13.10 -4.62 9.85
N LEU A 234 -14.12 -3.91 9.39
CA LEU A 234 -14.32 -3.74 8.00
C LEU A 234 -13.18 -2.88 7.45
N PHE A 235 -12.81 -1.85 8.22
CA PHE A 235 -11.71 -0.97 7.72
C PHE A 235 -10.40 -1.79 7.55
N TRP A 236 -10.03 -2.50 8.60
CA TRP A 236 -8.75 -3.28 8.58
C TRP A 236 -8.80 -4.53 7.74
N PHE A 237 -10.00 -5.12 7.52
CA PHE A 237 -10.08 -6.16 6.51
C PHE A 237 -9.57 -5.68 5.17
N PHE A 238 -9.87 -4.39 4.85
CA PHE A 238 -9.27 -3.73 3.69
C PHE A 238 -7.81 -3.32 3.97
N GLY A 239 -7.62 -2.71 5.12
CA GLY A 239 -6.40 -1.96 5.43
C GLY A 239 -5.15 -2.85 5.47
N HIS A 240 -5.28 -4.09 5.98
CA HIS A 240 -4.11 -4.97 5.90
C HIS A 240 -3.70 -5.34 4.45
N PRO A 241 -4.64 -5.89 3.66
CA PRO A 241 -4.33 -6.11 2.29
C PRO A 241 -3.78 -4.82 1.61
N GLU A 242 -4.32 -3.65 1.99
CA GLU A 242 -3.84 -2.36 1.45
C GLU A 242 -2.30 -2.20 1.67
N VAL A 243 -1.81 -2.52 2.84
CA VAL A 243 -0.33 -2.28 3.06
C VAL A 243 0.49 -3.22 2.17
N TYR A 244 0.00 -4.43 1.86
CA TYR A 244 0.65 -5.27 0.88
C TYR A 244 0.52 -4.82 -0.54
N ILE A 245 -0.64 -4.25 -0.88
CA ILE A 245 -0.85 -3.60 -2.17
C ILE A 245 0.17 -2.46 -2.36
N LEU A 246 0.45 -1.75 -1.28
CA LEU A 246 1.44 -0.63 -1.34
C LEU A 246 2.86 -1.12 -1.58
N ILE A 247 3.18 -2.31 -1.12
CA ILE A 247 4.58 -2.80 -1.29
C ILE A 247 4.81 -3.76 -2.44
N LEU A 248 3.78 -4.52 -2.86
CA LEU A 248 4.00 -5.53 -3.86
C LEU A 248 4.58 -5.10 -5.17
N PRO A 249 4.06 -4.02 -5.79
CA PRO A 249 4.70 -3.57 -7.02
C PRO A 249 6.14 -3.09 -6.76
N GLY A 250 6.40 -2.56 -5.57
CA GLY A 250 7.80 -2.23 -5.19
C GLY A 250 8.67 -3.50 -5.16
N PHE A 251 8.20 -4.59 -4.55
CA PHE A 251 8.87 -5.89 -4.69
C PHE A 251 9.16 -6.24 -6.10
N GLY A 252 8.15 -6.10 -6.98
CA GLY A 252 8.36 -6.35 -8.37
C GLY A 252 9.50 -5.51 -9.01
N MET A 253 9.50 -4.18 -8.77
CA MET A 253 10.46 -3.33 -9.42
C MET A 253 11.83 -3.68 -8.82
N ILE A 254 11.89 -3.92 -7.54
CA ILE A 254 13.19 -4.29 -6.87
C ILE A 254 13.82 -5.55 -7.52
N SER A 255 13.04 -6.59 -7.77
CA SER A 255 13.55 -7.74 -8.47
C SER A 255 14.15 -7.40 -9.82
N HIS A 256 13.46 -6.57 -10.59
CA HIS A 256 13.99 -6.18 -11.88
C HIS A 256 15.30 -5.34 -11.74
N ILE A 257 15.32 -4.46 -10.78
CA ILE A 257 16.44 -3.50 -10.63
C ILE A 257 17.67 -4.29 -10.17
N VAL A 258 17.47 -5.14 -9.17
CA VAL A 258 18.59 -5.92 -8.59
C VAL A 258 19.17 -6.85 -9.65
N THR A 259 18.29 -7.50 -10.42
CA THR A 259 18.71 -8.32 -11.49
C THR A 259 19.56 -7.53 -12.52
N TYR A 260 19.04 -6.37 -12.93
CA TYR A 260 19.66 -5.63 -14.02
C TYR A 260 21.06 -5.15 -13.65
N TYR A 261 21.16 -4.52 -12.49
CA TYR A 261 22.42 -3.86 -12.10
C TYR A 261 23.41 -4.87 -11.47
N SER A 262 22.96 -6.12 -11.33
CA SER A 262 23.86 -7.21 -11.01
C SER A 262 24.41 -7.86 -12.31
N GLY A 263 23.99 -7.35 -13.46
CA GLY A 263 24.41 -7.94 -14.72
C GLY A 263 23.85 -9.30 -15.03
N LYS A 264 22.71 -9.67 -14.45
CA LYS A 264 22.19 -11.01 -14.59
C LYS A 264 21.08 -11.01 -15.61
N LYS A 265 20.82 -12.14 -16.24
CA LYS A 265 19.77 -12.24 -17.22
C LYS A 265 18.41 -12.53 -16.53
N GLU A 266 18.47 -12.93 -15.27
CA GLU A 266 17.27 -13.34 -14.54
C GLU A 266 17.48 -13.24 -13.06
N PRO A 267 16.39 -12.98 -12.30
CA PRO A 267 16.47 -13.04 -10.85
C PRO A 267 16.75 -14.43 -10.39
N PHE A 268 17.38 -14.58 -9.23
CA PHE A 268 17.51 -15.91 -8.63
C PHE A 268 16.13 -16.42 -8.15
N GLY A 269 15.82 -17.69 -8.46
CA GLY A 269 14.69 -18.42 -7.89
C GLY A 269 13.34 -17.83 -8.32
N TYR A 270 13.19 -17.64 -9.61
CA TYR A 270 11.92 -17.11 -10.15
C TYR A 270 10.65 -17.76 -9.53
N MET A 271 10.55 -19.09 -9.53
CA MET A 271 9.37 -19.74 -9.02
C MET A 271 9.14 -19.41 -7.56
N GLY A 272 10.20 -19.35 -6.76
CA GLY A 272 10.03 -18.99 -5.38
C GLY A 272 9.57 -17.55 -5.17
N MET A 273 9.97 -16.65 -6.08
CA MET A 273 9.55 -15.23 -5.99
C MET A 273 8.03 -15.13 -6.28
N VAL A 274 7.60 -15.89 -7.27
CA VAL A 274 6.14 -15.97 -7.57
C VAL A 274 5.39 -16.59 -6.39
N TRP A 275 5.87 -17.73 -5.90
CA TRP A 275 5.23 -18.37 -4.78
C TRP A 275 5.20 -17.44 -3.56
N ALA A 276 6.29 -16.71 -3.32
CA ALA A 276 6.33 -15.83 -2.17
C ALA A 276 5.26 -14.65 -2.24
N MET A 277 5.15 -14.04 -3.42
CA MET A 277 4.16 -12.98 -3.60
C MET A 277 2.72 -13.51 -3.49
N MET A 278 2.43 -14.64 -4.06
CA MET A 278 1.11 -15.28 -3.89
C MET A 278 0.83 -15.60 -2.43
N SER A 279 1.83 -16.14 -1.72
CA SER A 279 1.68 -16.43 -0.31
C SER A 279 1.41 -15.19 0.50
N ILE A 280 2.16 -14.12 0.24
CA ILE A 280 1.98 -12.87 0.99
C ILE A 280 0.57 -12.36 0.68
N GLY A 281 0.20 -12.46 -0.60
CA GLY A 281 -1.20 -11.95 -1.01
C GLY A 281 -2.27 -12.67 -0.23
N PHE A 282 -2.18 -14.00 -0.19
CA PHE A 282 -3.15 -14.79 0.57
C PHE A 282 -3.13 -14.50 2.08
N LEU A 283 -1.98 -14.60 2.70
CA LEU A 283 -1.89 -14.38 4.14
C LEU A 283 -2.32 -12.98 4.54
N GLY A 284 -2.18 -12.05 3.61
CA GLY A 284 -2.57 -10.65 3.81
C GLY A 284 -4.05 -10.45 4.13
N PHE A 285 -4.89 -11.46 3.85
CA PHE A 285 -6.34 -11.33 4.15
C PHE A 285 -6.73 -11.92 5.48
N ILE A 286 -5.82 -12.62 6.19
CA ILE A 286 -6.21 -13.36 7.42
C ILE A 286 -5.51 -12.91 8.73
N VAL A 287 -5.08 -11.65 8.69
CA VAL A 287 -4.29 -11.05 9.76
C VAL A 287 -4.78 -9.71 10.31
N TRP A 288 -5.92 -9.17 9.79
CA TRP A 288 -6.25 -7.77 9.98
C TRP A 288 -6.41 -7.35 11.41
N ALA A 289 -6.81 -8.28 12.30
CA ALA A 289 -7.10 -7.87 13.63
C ALA A 289 -5.86 -7.59 14.49
N HIS A 290 -4.64 -7.74 13.94
CA HIS A 290 -3.46 -7.26 14.70
C HIS A 290 -3.50 -5.73 14.77
N HIS A 291 -4.43 -5.08 14.03
CA HIS A 291 -4.71 -3.67 14.19
C HIS A 291 -5.68 -3.33 15.36
N MET A 292 -6.03 -4.33 16.09
CA MET A 292 -7.09 -4.22 17.08
C MET A 292 -6.78 -5.00 18.37
N PHE A 293 -5.50 -5.18 18.69
CA PHE A 293 -5.18 -6.00 19.85
C PHE A 293 -5.52 -5.33 21.17
N THR A 294 -5.83 -4.03 21.19
CA THR A 294 -6.27 -3.35 22.43
C THR A 294 -7.79 -3.07 22.51
N VAL A 295 -8.57 -3.59 21.56
CA VAL A 295 -10.03 -3.30 21.61
C VAL A 295 -10.83 -4.19 22.53
N GLY A 296 -10.19 -5.21 23.10
CA GLY A 296 -10.83 -6.15 24.02
C GLY A 296 -11.29 -7.46 23.31
N MET A 297 -10.39 -8.09 22.60
CA MET A 297 -10.65 -9.33 21.87
C MET A 297 -10.32 -10.56 22.74
N ASP A 298 -10.97 -11.70 22.43
CA ASP A 298 -10.85 -12.94 23.16
C ASP A 298 -9.40 -13.40 23.05
N VAL A 299 -8.91 -14.07 24.06
CA VAL A 299 -7.51 -14.55 24.10
C VAL A 299 -7.19 -15.49 22.94
N ASP A 300 -8.07 -16.44 22.59
CA ASP A 300 -7.71 -17.29 21.48
C ASP A 300 -7.64 -16.54 20.17
N THR A 301 -8.46 -15.50 20.03
CA THR A 301 -8.38 -14.67 18.83
C THR A 301 -7.07 -13.91 18.76
N ARG A 302 -6.67 -13.31 19.87
CA ARG A 302 -5.31 -12.65 19.93
C ARG A 302 -4.17 -13.65 19.61
N ALA A 303 -4.25 -14.88 20.10
CA ALA A 303 -3.22 -15.91 19.77
C ALA A 303 -3.15 -16.27 18.33
N TYR A 304 -4.33 -16.47 17.71
CA TYR A 304 -4.42 -16.75 16.31
C TYR A 304 -3.79 -15.62 15.51
N PHE A 305 -4.23 -14.37 15.76
CA PHE A 305 -3.74 -13.28 14.93
C PHE A 305 -2.24 -13.03 15.12
N THR A 306 -1.79 -13.19 16.34
CA THR A 306 -0.29 -13.14 16.55
C THR A 306 0.42 -14.13 15.67
N SER A 307 -0.05 -15.39 15.67
CA SER A 307 0.61 -16.46 14.93
C SER A 307 0.56 -16.30 13.43
N ALA A 308 -0.65 -16.04 12.93
CA ALA A 308 -0.84 -15.94 11.53
C ALA A 308 0.02 -14.75 10.97
N THR A 309 0.11 -13.67 11.72
CA THR A 309 0.75 -12.48 11.26
C THR A 309 2.24 -12.80 11.09
N MET A 310 2.82 -13.48 12.08
CA MET A 310 4.26 -13.80 11.96
C MET A 310 4.62 -14.69 10.77
N ILE A 311 3.69 -15.54 10.30
CA ILE A 311 3.94 -16.51 9.23
C ILE A 311 4.38 -15.76 7.99
N ILE A 312 3.88 -14.52 7.85
CA ILE A 312 4.18 -13.71 6.65
C ILE A 312 5.76 -13.47 6.45
N ALA A 313 6.48 -13.48 7.55
CA ALA A 313 7.97 -13.40 7.44
C ALA A 313 8.60 -14.51 6.60
N ILE A 314 7.98 -15.69 6.57
CA ILE A 314 8.58 -16.79 5.76
C ILE A 314 8.67 -16.53 4.26
N PRO A 315 7.52 -16.31 3.56
CA PRO A 315 7.60 -15.98 2.16
C PRO A 315 8.36 -14.65 1.96
N THR A 316 8.21 -13.70 2.88
CA THR A 316 8.92 -12.43 2.72
C THR A 316 10.45 -12.67 2.77
N GLY A 317 10.87 -13.54 3.68
CA GLY A 317 12.33 -13.84 3.83
C GLY A 317 12.86 -14.51 2.57
N VAL A 318 12.04 -15.37 1.96
CA VAL A 318 12.43 -15.92 0.68
C VAL A 318 12.72 -14.87 -0.39
N LYS A 319 11.92 -13.81 -0.43
CA LYS A 319 12.20 -12.74 -1.38
C LYS A 319 13.53 -12.00 -1.05
N VAL A 320 13.73 -11.66 0.23
CA VAL A 320 14.96 -10.94 0.65
C VAL A 320 16.21 -11.79 0.34
N PHE A 321 16.20 -13.08 0.71
CA PHE A 321 17.33 -13.96 0.42
C PHE A 321 17.54 -14.15 -1.08
N SER A 322 16.47 -14.20 -1.86
CA SER A 322 16.60 -14.32 -3.29
C SER A 322 17.17 -13.05 -3.93
N TRP A 323 16.87 -11.85 -3.39
CA TRP A 323 17.50 -10.59 -3.90
C TRP A 323 19.02 -10.70 -3.61
N LEU A 324 19.35 -11.11 -2.42
CA LEU A 324 20.82 -11.27 -2.10
C LEU A 324 21.48 -12.28 -3.05
N ALA A 325 20.77 -13.35 -3.40
CA ALA A 325 21.29 -14.34 -4.25
C ALA A 325 21.28 -13.96 -5.70
N THR A 326 20.55 -12.90 -6.03
CA THR A 326 20.68 -12.31 -7.36
C THR A 326 21.95 -11.49 -7.41
N LEU A 327 22.22 -10.77 -6.34
CA LEU A 327 23.48 -9.98 -6.22
C LEU A 327 24.70 -10.90 -6.33
N HIS A 328 24.54 -12.09 -5.81
CA HIS A 328 25.61 -13.11 -5.74
C HIS A 328 26.24 -13.45 -7.08
N GLY A 329 27.55 -13.23 -7.19
CA GLY A 329 28.21 -13.47 -8.44
C GLY A 329 27.96 -12.39 -9.50
N GLY A 330 27.41 -11.25 -9.11
CA GLY A 330 27.08 -10.20 -10.10
C GLY A 330 28.26 -9.35 -10.53
N ASN A 331 28.20 -8.80 -11.76
CA ASN A 331 29.01 -7.63 -12.16
C ASN A 331 28.21 -6.45 -11.66
N ILE A 332 28.57 -5.91 -10.51
CA ILE A 332 27.72 -4.96 -9.83
C ILE A 332 27.93 -3.60 -10.42
N LYS A 333 26.87 -2.99 -10.91
CA LYS A 333 26.95 -1.63 -11.39
C LYS A 333 26.33 -0.78 -10.33
N TRP A 334 27.14 0.12 -9.75
CA TRP A 334 26.68 1.03 -8.69
C TRP A 334 25.95 2.25 -9.21
N SER A 335 24.90 1.97 -9.97
CA SER A 335 24.08 3.03 -10.53
C SER A 335 23.21 3.65 -9.41
N PRO A 336 22.64 4.85 -9.65
CA PRO A 336 21.71 5.41 -8.62
C PRO A 336 20.52 4.44 -8.31
N ALA A 337 19.96 3.81 -9.33
CA ALA A 337 18.80 2.90 -9.06
C ALA A 337 19.24 1.73 -8.22
N MET A 338 20.47 1.23 -8.45
CA MET A 338 20.97 0.11 -7.62
C MET A 338 21.08 0.54 -6.16
N MET A 339 21.50 1.79 -5.92
CA MET A 339 21.58 2.32 -4.57
C MET A 339 20.22 2.36 -3.92
N TRP A 340 19.22 2.85 -4.67
CA TRP A 340 17.82 2.84 -4.13
C TRP A 340 17.40 1.41 -3.74
N ALA A 341 17.69 0.45 -4.59
CA ALA A 341 17.28 -0.94 -4.33
C ALA A 341 17.99 -1.54 -3.12
N LEU A 342 19.29 -1.23 -2.93
CA LEU A 342 20.02 -1.76 -1.78
C LEU A 342 19.51 -1.09 -0.52
N GLY A 343 19.22 0.20 -0.61
CA GLY A 343 18.63 0.88 0.52
C GLY A 343 17.27 0.27 0.85
N PHE A 344 16.48 0.01 -0.18
CA PHE A 344 15.18 -0.66 0.02
C PHE A 344 15.36 -1.95 0.83
N ILE A 345 16.26 -2.80 0.36
CA ILE A 345 16.39 -4.12 0.98
C ILE A 345 16.69 -3.99 2.45
N PHE A 346 17.58 -3.07 2.80
CA PHE A 346 17.95 -2.95 4.18
C PHE A 346 16.84 -2.30 5.01
N LEU A 347 16.29 -1.20 4.52
CA LEU A 347 15.30 -0.42 5.30
C LEU A 347 13.99 -1.19 5.41
N PHE A 348 13.62 -1.87 4.34
CA PHE A 348 12.41 -2.74 4.34
C PHE A 348 12.59 -3.84 5.37
N THR A 349 13.76 -4.44 5.44
CA THR A 349 13.98 -5.52 6.41
C THR A 349 13.82 -5.02 7.87
N VAL A 350 14.36 -3.84 8.15
CA VAL A 350 14.29 -3.29 9.47
C VAL A 350 12.79 -3.07 9.80
N GLY A 351 12.09 -2.44 8.88
CA GLY A 351 10.61 -2.22 9.16
C GLY A 351 9.80 -3.53 9.30
N GLY A 352 10.12 -4.50 8.47
CA GLY A 352 9.53 -5.83 8.56
C GLY A 352 9.74 -6.45 9.90
N LEU A 353 10.95 -6.30 10.44
CA LEU A 353 11.25 -6.94 11.71
C LEU A 353 10.55 -6.20 12.86
N THR A 354 10.42 -4.86 12.78
CA THR A 354 9.63 -4.19 13.87
C THR A 354 8.13 -4.58 13.72
N GLY A 355 7.74 -5.00 12.53
CA GLY A 355 6.38 -5.55 12.35
C GLY A 355 6.24 -6.83 13.14
N ILE A 356 7.26 -7.70 13.07
CA ILE A 356 7.23 -8.93 13.80
C ILE A 356 7.18 -8.68 15.30
N VAL A 357 7.85 -7.60 15.75
CA VAL A 357 7.76 -7.26 17.15
C VAL A 357 6.31 -6.95 17.53
N LEU A 358 5.67 -6.09 16.71
CA LEU A 358 4.25 -5.69 16.94
C LEU A 358 3.20 -6.83 16.81
N ALA A 359 3.47 -7.81 15.96
CA ALA A 359 2.64 -9.03 15.81
C ALA A 359 2.36 -9.73 17.13
N ASN A 360 3.25 -9.55 18.10
CA ASN A 360 3.07 -10.14 19.38
C ASN A 360 2.10 -9.39 20.25
N SER A 361 0.87 -9.91 20.39
CA SER A 361 -0.20 -9.08 20.96
C SER A 361 0.09 -8.62 22.38
N SER A 362 0.77 -9.44 23.17
CA SER A 362 1.21 -8.97 24.48
C SER A 362 2.08 -7.69 24.49
N LEU A 363 3.11 -7.67 23.64
CA LEU A 363 3.94 -6.48 23.56
C LEU A 363 3.17 -5.38 22.88
N ASP A 364 2.34 -5.73 21.91
CA ASP A 364 1.56 -4.68 21.20
C ASP A 364 0.67 -3.89 22.16
N ILE A 365 0.27 -4.47 23.28
CA ILE A 365 -0.49 -3.73 24.33
C ILE A 365 0.24 -2.40 24.62
N VAL A 366 1.54 -2.52 24.86
CA VAL A 366 2.37 -1.37 25.22
C VAL A 366 2.83 -0.52 24.01
N LEU A 367 2.92 -1.09 22.81
CA LEU A 367 3.38 -0.33 21.63
C LEU A 367 2.25 0.25 20.76
N HIS A 368 1.05 -0.28 20.92
CA HIS A 368 -0.06 0.14 20.05
C HIS A 368 -0.34 1.60 20.29
N ASP A 369 -0.62 2.28 19.18
CA ASP A 369 -0.94 3.72 19.32
C ASP A 369 0.18 4.49 19.96
N THR A 370 1.43 4.06 19.73
CA THR A 370 2.56 4.86 20.06
C THR A 370 3.41 5.07 18.78
N TYR A 371 4.45 5.88 18.95
CA TYR A 371 5.38 6.14 17.87
C TYR A 371 6.18 4.90 17.41
N TYR A 372 6.15 3.79 18.18
CA TYR A 372 6.83 2.57 17.67
C TYR A 372 6.10 2.12 16.39
N VAL A 373 4.76 2.19 16.40
CA VAL A 373 4.04 1.80 15.19
C VAL A 373 4.38 2.76 14.05
N VAL A 374 4.44 4.05 14.37
CA VAL A 374 4.74 5.06 13.35
C VAL A 374 6.13 4.78 12.75
N ALA A 375 7.06 4.42 13.61
CA ALA A 375 8.41 4.03 13.09
C ALA A 375 8.34 2.84 12.23
N HIS A 376 7.56 1.83 12.67
CA HIS A 376 7.46 0.57 11.88
C HIS A 376 7.02 0.91 10.49
N PHE A 377 5.89 1.65 10.37
CA PHE A 377 5.38 1.72 9.01
C PHE A 377 6.07 2.77 8.16
N HIS A 378 6.71 3.77 8.78
CA HIS A 378 7.54 4.62 7.95
C HIS A 378 8.80 3.95 7.43
N TYR A 379 9.32 2.95 8.15
CA TYR A 379 10.40 2.14 7.53
C TYR A 379 9.85 1.29 6.36
N VAL A 380 8.78 0.52 6.63
CA VAL A 380 8.43 -0.55 5.68
C VAL A 380 7.67 0.12 4.55
N LEU A 381 6.82 1.05 4.94
CA LEU A 381 5.89 1.57 3.96
C LEU A 381 6.46 2.83 3.42
N SER A 382 6.60 3.81 4.23
CA SER A 382 7.08 5.09 3.69
C SER A 382 8.37 4.91 2.95
N MET A 383 9.50 4.62 3.61
CA MET A 383 10.85 4.38 2.96
C MET A 383 10.78 3.21 1.96
N GLY A 384 10.30 2.01 2.33
CA GLY A 384 10.24 0.87 1.36
C GLY A 384 9.54 1.25 0.05
N ALA A 385 8.26 1.68 0.14
CA ALA A 385 7.60 2.07 -1.09
C ALA A 385 8.35 3.22 -1.81
N VAL A 386 8.73 4.25 -1.05
CA VAL A 386 9.37 5.43 -1.67
C VAL A 386 10.72 5.05 -2.31
N PHE A 387 11.49 4.20 -1.64
CA PHE A 387 12.79 3.79 -2.23
C PHE A 387 12.55 2.99 -3.46
N ALA A 388 11.50 2.13 -3.44
CA ALA A 388 11.26 1.36 -4.66
C ALA A 388 10.82 2.29 -5.79
N ILE A 389 10.00 3.29 -5.42
CA ILE A 389 9.56 4.27 -6.42
C ILE A 389 10.71 5.08 -7.02
N MET A 390 11.55 5.55 -6.14
CA MET A 390 12.77 6.27 -6.62
C MET A 390 13.68 5.42 -7.48
N GLY A 391 13.91 4.19 -7.03
CA GLY A 391 14.65 3.23 -7.82
C GLY A 391 14.05 3.02 -9.18
N GLY A 392 12.74 2.71 -9.20
CA GLY A 392 12.13 2.50 -10.47
C GLY A 392 12.13 3.72 -11.37
N PHE A 393 11.90 4.89 -10.76
CA PHE A 393 11.83 6.13 -11.50
C PHE A 393 13.22 6.45 -12.14
N VAL A 394 14.27 6.40 -11.33
CA VAL A 394 15.59 6.59 -11.94
C VAL A 394 15.86 5.58 -13.03
N HIS A 395 15.53 4.31 -12.75
CA HIS A 395 15.93 3.25 -13.67
C HIS A 395 15.19 3.36 -14.98
N TRP A 396 13.86 3.67 -14.92
CA TRP A 396 13.08 3.72 -16.16
C TRP A 396 12.89 5.13 -16.79
N PHE A 397 13.30 6.20 -16.10
CA PHE A 397 13.20 7.53 -16.69
C PHE A 397 13.67 7.58 -18.13
N PRO A 398 14.83 6.95 -18.44
CA PRO A 398 15.26 7.01 -19.84
C PRO A 398 14.33 6.31 -20.86
N LEU A 399 13.68 5.25 -20.42
CA LEU A 399 12.71 4.57 -21.28
C LEU A 399 11.50 5.51 -21.54
N PHE A 400 10.99 6.11 -20.46
CA PHE A 400 9.77 6.91 -20.53
C PHE A 400 10.04 8.21 -21.28
N SER A 401 11.21 8.82 -21.09
CA SER A 401 11.49 10.20 -21.63
C SER A 401 12.37 10.22 -22.90
N GLY A 402 13.20 9.18 -23.02
CA GLY A 402 14.25 9.15 -24.03
C GLY A 402 15.52 9.92 -23.64
N TYR A 403 15.57 10.45 -22.41
CA TYR A 403 16.69 11.28 -21.92
C TYR A 403 17.36 10.64 -20.72
N THR A 404 18.68 10.87 -20.56
CA THR A 404 19.37 10.43 -19.33
C THR A 404 19.45 11.45 -18.21
N LEU A 405 19.51 10.94 -16.98
CA LEU A 405 19.67 11.77 -15.83
C LEU A 405 21.15 11.94 -15.61
N ASN A 406 21.50 12.89 -14.76
CA ASN A 406 22.89 13.01 -14.32
C ASN A 406 23.11 12.07 -13.11
N ASP A 407 23.89 10.98 -13.37
CA ASP A 407 24.02 9.87 -12.42
C ASP A 407 24.64 10.35 -11.13
N THR A 408 25.59 11.30 -11.20
CA THR A 408 26.17 11.81 -9.99
C THR A 408 25.15 12.59 -9.14
N TRP A 409 24.39 13.48 -9.79
CA TRP A 409 23.35 14.21 -9.06
C TRP A 409 22.35 13.18 -8.42
N ALA A 410 21.98 12.13 -9.17
CA ALA A 410 21.05 11.09 -8.64
C ALA A 410 21.62 10.36 -7.41
N LYS A 411 22.94 10.13 -7.42
CA LYS A 411 23.56 9.55 -6.24
C LYS A 411 23.59 10.47 -5.04
N ILE A 412 23.84 11.74 -5.29
CA ILE A 412 23.77 12.73 -4.21
C ILE A 412 22.36 12.77 -3.62
N HIS A 413 21.36 12.78 -4.52
CA HIS A 413 19.94 12.81 -4.06
C HIS A 413 19.69 11.60 -3.13
N PHE A 414 20.14 10.41 -3.57
CA PHE A 414 19.98 9.20 -2.74
C PHE A 414 20.61 9.35 -1.38
N ALA A 415 21.84 9.82 -1.36
CA ALA A 415 22.56 9.96 -0.06
C ALA A 415 21.82 10.93 0.88
N ILE A 416 21.32 12.05 0.36
CA ILE A 416 20.69 13.02 1.26
C ILE A 416 19.40 12.38 1.78
N MET A 417 18.66 11.75 0.87
CA MET A 417 17.37 11.12 1.32
C MET A 417 17.64 10.03 2.39
N PHE A 418 18.71 9.26 2.19
CA PHE A 418 19.00 8.15 3.13
C PHE A 418 19.28 8.73 4.50
N VAL A 419 20.05 9.84 4.56
CA VAL A 419 20.31 10.43 5.85
C VAL A 419 18.98 10.97 6.44
N GLY A 420 18.25 11.66 5.56
CA GLY A 420 17.03 12.31 6.03
C GLY A 420 16.04 11.35 6.68
N VAL A 421 15.72 10.26 5.96
CA VAL A 421 14.65 9.36 6.46
C VAL A 421 15.10 8.65 7.71
N ASN A 422 16.40 8.28 7.80
CA ASN A 422 16.83 7.61 9.03
C ASN A 422 16.86 8.51 10.23
N MET A 423 17.26 9.75 10.04
CA MET A 423 17.28 10.70 11.14
C MET A 423 15.85 10.99 11.62
N THR A 424 14.91 11.05 10.67
CA THR A 424 13.48 11.35 11.02
C THR A 424 12.86 10.22 11.85
N PHE A 425 13.03 9.00 11.35
CA PHE A 425 12.26 7.90 11.86
C PHE A 425 12.96 6.97 12.82
N PHE A 426 14.27 6.83 12.76
CA PHE A 426 14.88 5.87 13.72
C PHE A 426 14.61 6.27 15.19
N PRO A 427 14.71 7.57 15.54
CA PRO A 427 14.46 7.90 16.93
C PRO A 427 12.99 7.67 17.37
N GLN A 428 12.09 7.58 16.41
CA GLN A 428 10.68 7.36 16.78
C GLN A 428 10.49 6.01 17.48
N HIS A 429 11.38 5.03 17.24
CA HIS A 429 11.30 3.77 18.02
C HIS A 429 11.45 4.03 19.52
N PHE A 430 12.40 4.90 19.89
CA PHE A 430 12.67 5.21 21.27
C PHE A 430 11.47 5.93 21.85
N LEU A 431 10.97 6.90 21.09
CA LEU A 431 9.76 7.62 21.52
C LEU A 431 8.64 6.61 21.82
N GLY A 432 8.45 5.64 20.93
CA GLY A 432 7.40 4.64 21.15
C GLY A 432 7.58 3.73 22.35
N LEU A 433 8.78 3.15 22.45
CA LEU A 433 9.10 2.25 23.58
C LEU A 433 8.87 2.98 24.87
N SER A 434 9.27 4.25 24.89
CA SER A 434 9.18 5.04 26.14
C SER A 434 7.79 5.63 26.37
N GLY A 435 6.85 5.34 25.47
CA GLY A 435 5.43 5.64 25.77
C GLY A 435 4.79 6.89 25.17
N MET A 436 5.45 7.52 24.19
CA MET A 436 4.89 8.70 23.55
C MET A 436 3.76 8.24 22.58
N PRO A 437 2.53 8.71 22.82
CA PRO A 437 1.46 8.34 21.90
C PRO A 437 1.60 8.89 20.52
N ARG A 438 1.07 8.20 19.53
CA ARG A 438 0.90 8.80 18.24
C ARG A 438 -0.35 9.72 18.27
N ARG A 439 -0.43 10.46 17.17
CA ARG A 439 -1.55 11.37 16.89
C ARG A 439 -1.61 12.51 17.90
N TYR A 440 -0.47 12.85 18.48
CA TYR A 440 -0.35 13.91 19.48
C TYR A 440 0.25 15.21 18.87
N SER A 441 -0.31 16.38 19.22
CA SER A 441 0.24 17.68 18.75
C SER A 441 1.39 18.21 19.65
N ASP A 442 1.55 17.63 20.84
CA ASP A 442 2.56 18.00 21.79
C ASP A 442 2.77 16.83 22.75
N TYR A 443 3.87 16.87 23.51
CA TYR A 443 4.32 15.72 24.28
C TYR A 443 4.90 16.14 25.61
N PRO A 444 4.84 15.26 26.62
CA PRO A 444 5.56 15.53 27.86
C PRO A 444 7.04 15.91 27.59
N ASP A 445 7.61 16.73 28.47
CA ASP A 445 8.89 17.32 28.17
C ASP A 445 10.03 16.28 27.96
N ALA A 446 9.97 15.18 28.68
CA ALA A 446 10.96 14.13 28.48
C ALA A 446 11.24 13.75 27.03
N TYR A 447 10.24 13.86 26.17
CA TYR A 447 10.36 13.35 24.82
C TYR A 447 10.92 14.43 23.88
N THR A 448 11.38 15.55 24.44
CA THR A 448 11.81 16.66 23.59
C THR A 448 13.01 16.32 22.67
N MET A 449 14.06 15.70 23.20
CA MET A 449 15.25 15.48 22.33
C MET A 449 14.91 14.67 21.06
N TRP A 450 14.22 13.53 21.22
CA TRP A 450 14.00 12.68 20.03
C TRP A 450 13.07 13.36 19.02
N ASN A 451 12.11 14.13 19.54
CA ASN A 451 11.23 14.90 18.62
C ASN A 451 11.97 15.97 17.89
N THR A 452 12.87 16.66 18.59
CA THR A 452 13.69 17.69 17.94
C THR A 452 14.51 17.10 16.79
N ILE A 453 15.20 15.99 17.07
CA ILE A 453 16.01 15.35 16.04
C ILE A 453 15.12 14.90 14.87
N SER A 454 13.97 14.33 15.23
CA SER A 454 13.13 13.75 14.17
C SER A 454 12.72 14.86 13.20
N SER A 455 12.34 16.01 13.77
CA SER A 455 11.93 17.15 12.96
C SER A 455 13.05 17.69 12.11
N MET A 456 14.26 17.72 12.69
CA MET A 456 15.44 18.06 11.89
C MET A 456 15.65 17.11 10.68
N GLY A 457 15.52 15.81 10.92
CA GLY A 457 15.60 14.85 9.81
C GLY A 457 14.55 15.18 8.74
N SER A 458 13.36 15.66 9.17
CA SER A 458 12.30 15.89 8.12
C SER A 458 12.74 16.92 7.10
N PHE A 459 13.45 17.95 7.57
CA PHE A 459 13.98 18.99 6.69
C PHE A 459 15.08 18.49 5.77
N ILE A 460 15.90 17.53 6.21
CA ILE A 460 16.88 16.98 5.29
C ILE A 460 16.17 16.34 4.11
N SER A 461 15.10 15.59 4.40
CA SER A 461 14.36 14.89 3.32
C SER A 461 13.69 15.90 2.42
N LEU A 462 13.22 17.02 3.00
CA LEU A 462 12.75 18.16 2.18
C LEU A 462 13.82 18.55 1.13
N THR A 463 15.05 18.71 1.61
CA THR A 463 16.14 19.10 0.72
C THR A 463 16.32 18.13 -0.45
N ALA A 464 16.25 16.82 -0.14
CA ALA A 464 16.33 15.78 -1.16
C ALA A 464 15.16 15.93 -2.16
N VAL A 465 13.96 16.24 -1.67
CA VAL A 465 12.82 16.32 -2.62
C VAL A 465 12.99 17.50 -3.54
N MET A 466 13.41 18.64 -2.98
CA MET A 466 13.71 19.79 -3.83
C MET A 466 14.81 19.49 -4.87
N LEU A 467 15.85 18.77 -4.45
CA LEU A 467 16.90 18.38 -5.39
C LEU A 467 16.36 17.46 -6.45
N MET A 468 15.45 16.55 -6.07
CA MET A 468 14.90 15.64 -7.10
C MET A 468 14.24 16.45 -8.24
N VAL A 469 13.52 17.50 -7.87
CA VAL A 469 12.84 18.34 -8.89
C VAL A 469 13.87 18.99 -9.83
N PHE A 470 14.90 19.57 -9.24
CA PHE A 470 16.03 20.05 -10.04
C PHE A 470 16.65 18.98 -10.99
N ILE A 471 16.88 17.77 -10.46
CA ILE A 471 17.49 16.70 -11.27
C ILE A 471 16.66 16.31 -12.49
N ILE A 472 15.33 16.22 -12.30
CA ILE A 472 14.46 16.00 -13.42
C ILE A 472 14.53 17.18 -14.40
N TRP A 473 14.54 18.42 -13.90
CA TRP A 473 14.62 19.56 -14.81
C TRP A 473 15.88 19.48 -15.64
N GLU A 474 17.00 19.20 -14.96
CA GLU A 474 18.31 19.20 -15.64
C GLU A 474 18.33 18.18 -16.79
N ALA A 475 17.79 17.00 -16.53
CA ALA A 475 17.70 16.02 -17.60
C ALA A 475 16.93 16.54 -18.79
N PHE A 476 15.79 17.18 -18.55
CA PHE A 476 14.96 17.69 -19.68
C PHE A 476 15.63 18.92 -20.30
N ALA A 477 16.35 19.65 -19.47
CA ALA A 477 17.05 20.86 -19.91
C ALA A 477 18.23 20.55 -20.83
N SER A 478 18.95 19.45 -20.60
CA SER A 478 20.18 19.14 -21.32
C SER A 478 19.95 18.25 -22.54
N LYS A 479 18.95 17.37 -22.46
CA LYS A 479 18.61 16.57 -23.63
C LYS A 479 19.70 15.67 -24.18
N ARG A 480 20.17 14.82 -23.28
CA ARG A 480 21.03 13.72 -23.62
C ARG A 480 20.18 12.53 -24.03
N GLU A 481 20.13 12.30 -25.34
CA GLU A 481 19.25 11.25 -25.87
C GLU A 481 19.87 9.89 -25.76
N VAL A 482 19.07 8.91 -25.45
CA VAL A 482 19.58 7.57 -25.24
C VAL A 482 20.20 6.97 -26.50
N LEU A 483 21.33 6.28 -26.32
CA LEU A 483 21.96 5.54 -27.43
C LEU A 483 21.89 4.05 -27.23
N THR A 484 22.65 3.50 -26.32
CA THR A 484 22.62 2.02 -26.13
C THR A 484 22.09 1.61 -24.77
N VAL A 485 21.29 0.55 -24.73
CA VAL A 485 20.87 0.00 -23.48
C VAL A 485 21.29 -1.45 -23.48
N ASP A 486 21.91 -1.91 -22.40
CA ASP A 486 22.40 -3.30 -22.42
C ASP A 486 21.28 -4.26 -21.85
N LEU A 487 21.42 -5.56 -22.10
CA LEU A 487 20.58 -6.61 -21.53
C LEU A 487 19.16 -6.51 -22.06
N THR A 488 18.96 -5.95 -23.24
CA THR A 488 17.61 -5.95 -23.77
C THR A 488 17.05 -7.37 -24.02
N THR A 489 17.91 -8.36 -24.21
CA THR A 489 17.44 -9.72 -24.44
C THR A 489 16.55 -10.23 -23.27
N THR A 490 16.69 -9.71 -22.04
CA THR A 490 15.81 -10.12 -20.94
C THR A 490 15.12 -8.93 -20.27
N ASN A 491 14.91 -7.82 -21.01
CA ASN A 491 14.22 -6.68 -20.51
C ASN A 491 13.44 -6.08 -21.71
N LEU A 492 12.36 -6.80 -22.07
CA LEU A 492 11.59 -6.50 -23.28
C LEU A 492 11.11 -5.05 -23.39
N GLU A 493 10.82 -4.41 -22.25
CA GLU A 493 10.30 -3.05 -22.25
C GLU A 493 11.20 -2.01 -22.95
N TRP A 494 12.51 -2.31 -22.98
CA TRP A 494 13.49 -1.46 -23.65
C TRP A 494 13.64 -1.69 -25.15
N LEU A 495 13.09 -2.77 -25.69
CA LEU A 495 13.52 -3.15 -26.99
C LEU A 495 12.94 -2.36 -28.10
N ASN A 496 11.94 -1.50 -27.80
CA ASN A 496 11.36 -0.65 -28.83
C ASN A 496 11.93 0.75 -28.78
N GLY A 497 13.01 0.96 -28.02
CA GLY A 497 13.65 2.30 -28.05
C GLY A 497 13.15 3.21 -26.96
N CYS A 498 13.74 4.39 -26.91
CA CYS A 498 13.54 5.34 -25.79
C CYS A 498 13.27 6.72 -26.38
N PRO A 499 12.03 7.23 -26.20
CA PRO A 499 10.87 6.44 -25.70
C PRO A 499 10.37 5.52 -26.77
N PRO A 500 9.60 4.50 -26.40
CA PRO A 500 9.01 3.70 -27.45
C PRO A 500 7.94 4.51 -28.24
N PRO A 501 7.66 4.10 -29.48
CA PRO A 501 6.62 4.79 -30.24
C PRO A 501 5.21 4.70 -29.57
N TYR A 502 4.34 5.65 -29.89
CA TYR A 502 2.94 5.64 -29.39
C TYR A 502 2.33 4.20 -29.38
N HIS A 503 2.37 3.57 -30.55
CA HIS A 503 1.93 2.22 -30.73
C HIS A 503 3.13 1.29 -30.75
N THR A 504 3.19 0.38 -29.79
CA THR A 504 4.17 -0.70 -29.86
C THR A 504 3.45 -2.03 -30.03
N PHE A 505 4.17 -2.97 -30.62
CA PHE A 505 3.74 -4.37 -30.81
C PHE A 505 2.46 -4.41 -31.69
N GLU A 506 2.39 -3.51 -32.65
CA GLU A 506 1.33 -3.51 -33.66
C GLU A 506 1.42 -4.81 -34.38
N GLU A 507 2.66 -5.19 -34.61
CA GLU A 507 2.96 -6.55 -34.98
C GLU A 507 3.43 -7.22 -33.66
N PRO A 508 2.74 -8.26 -33.22
CA PRO A 508 3.12 -8.87 -31.96
C PRO A 508 4.46 -9.59 -32.07
N THR A 509 5.06 -9.89 -30.93
CA THR A 509 6.28 -10.74 -30.94
C THR A 509 5.96 -12.12 -31.52
N TYR A 510 7.00 -12.75 -32.05
CA TYR A 510 6.96 -14.13 -32.56
C TYR A 510 7.61 -15.00 -31.51
N VAL A 511 6.84 -15.95 -30.96
CA VAL A 511 7.37 -16.89 -29.94
C VAL A 511 6.85 -18.29 -30.26
N ASN A 512 7.76 -19.22 -30.59
CA ASN A 512 7.46 -20.64 -30.84
C ASN A 512 6.97 -21.43 -29.68
N LEU A 513 6.18 -22.47 -29.96
CA LEU A 513 5.81 -23.47 -28.97
C LEU A 513 6.46 -24.83 -29.18
N LYS A 514 7.37 -24.95 -30.12
CA LYS A 514 8.28 -26.12 -30.13
C LYS A 514 7.52 -27.44 -29.95
N FME B 1 6.90 7.13 34.57
CN FME B 1 5.55 7.14 34.87
O1 FME B 1 5.18 6.50 35.75
CA FME B 1 7.12 8.03 33.44
CB FME B 1 6.97 9.48 33.89
CG FME B 1 8.12 9.83 34.88
SD FME B 1 8.05 11.48 35.40
CE FME B 1 8.43 12.33 33.91
C FME B 1 8.40 8.00 32.66
O FME B 1 9.37 7.43 33.07
N ALA B 2 8.36 8.59 31.47
CA ALA B 2 9.53 8.67 30.67
C ALA B 2 10.46 9.79 31.16
N TYR B 3 11.73 9.59 30.79
CA TYR B 3 12.79 10.52 31.19
C TYR B 3 13.57 10.93 29.93
N PRO B 4 14.32 12.05 29.99
CA PRO B 4 14.97 12.57 28.77
C PRO B 4 16.00 11.60 28.18
N MET B 5 16.08 11.55 26.85
CA MET B 5 17.00 10.65 26.10
C MET B 5 16.74 9.17 26.28
N GLN B 6 15.54 8.76 26.70
CA GLN B 6 15.27 7.36 27.02
C GLN B 6 15.24 6.56 25.74
N LEU B 7 15.69 5.29 25.78
CA LEU B 7 15.79 4.51 24.56
C LEU B 7 14.73 3.41 24.56
N GLY B 8 14.45 2.77 25.70
CA GLY B 8 13.53 1.62 25.69
C GLY B 8 12.35 1.88 26.61
N PHE B 9 11.86 0.81 27.21
CA PHE B 9 10.67 0.91 28.02
C PHE B 9 10.87 1.67 29.34
N GLN B 10 9.84 2.34 29.82
CA GLN B 10 9.80 2.72 31.23
C GLN B 10 10.00 1.49 32.08
N ASP B 11 10.65 1.68 33.24
CA ASP B 11 10.91 0.59 34.16
C ASP B 11 9.61 -0.05 34.55
N ALA B 12 9.60 -1.36 34.66
CA ALA B 12 8.39 -2.07 35.07
C ALA B 12 7.96 -1.78 36.48
N THR B 13 6.65 -1.56 36.58
CA THR B 13 5.98 -1.42 37.86
C THR B 13 5.21 -2.70 38.31
N SER B 14 4.83 -3.58 37.35
CA SER B 14 3.99 -4.76 37.63
C SER B 14 4.75 -5.98 37.13
N PRO B 15 4.49 -7.17 37.70
CA PRO B 15 5.12 -8.38 37.15
C PRO B 15 4.88 -8.55 35.64
N ILE B 16 3.72 -8.14 35.16
CA ILE B 16 3.43 -8.39 33.77
C ILE B 16 4.31 -7.51 32.88
N MET B 17 4.54 -6.27 33.31
CA MET B 17 5.44 -5.40 32.51
C MET B 17 6.89 -5.91 32.55
N GLU B 18 7.28 -6.55 33.64
CA GLU B 18 8.65 -7.14 33.74
C GLU B 18 8.78 -8.28 32.69
N GLU B 19 7.73 -9.10 32.58
CA GLU B 19 7.66 -10.13 31.56
C GLU B 19 7.79 -9.57 30.20
N LEU B 20 7.08 -8.47 29.96
CA LEU B 20 7.14 -7.84 28.65
C LEU B 20 8.50 -7.28 28.38
N LEU B 21 9.14 -6.69 29.39
CA LEU B 21 10.55 -6.28 29.19
C LEU B 21 11.44 -7.44 28.75
N HIS B 22 11.38 -8.57 29.44
CA HIS B 22 12.22 -9.75 29.07
C HIS B 22 11.86 -10.31 27.71
N PHE B 23 10.58 -10.34 27.38
CA PHE B 23 10.19 -10.85 26.10
C PHE B 23 10.62 -9.91 24.98
N HIS B 24 10.47 -8.59 25.20
CA HIS B 24 11.01 -7.63 24.24
C HIS B 24 12.53 -7.80 24.02
N ASP B 25 13.29 -7.99 25.12
CA ASP B 25 14.78 -8.23 24.99
C ASP B 25 15.03 -9.47 24.09
N HIS B 26 14.26 -10.54 24.34
CA HIS B 26 14.42 -11.83 23.66
C HIS B 26 14.11 -11.60 22.19
N THR B 27 13.03 -10.89 21.89
CA THR B 27 12.66 -10.65 20.53
C THR B 27 13.63 -9.68 19.80
N LEU B 28 14.09 -8.64 20.51
CA LEU B 28 15.03 -7.69 19.86
C LEU B 28 16.39 -8.37 19.60
N MET B 29 16.74 -9.31 20.45
CA MET B 29 17.98 -10.04 20.14
C MET B 29 17.86 -10.78 18.80
N ILE B 30 16.70 -11.40 18.60
CA ILE B 30 16.39 -12.05 17.34
C ILE B 30 16.34 -11.07 16.17
N VAL B 31 15.75 -9.90 16.39
CA VAL B 31 15.76 -8.81 15.37
C VAL B 31 17.22 -8.48 14.95
N PHE B 32 18.08 -8.37 15.97
CA PHE B 32 19.48 -8.01 15.72
C PHE B 32 20.24 -9.17 15.05
N LEU B 33 19.90 -10.40 15.44
CA LEU B 33 20.43 -11.57 14.78
C LEU B 33 20.13 -11.48 13.31
N ILE B 34 18.87 -11.30 12.98
CA ILE B 34 18.46 -11.31 11.59
C ILE B 34 19.04 -10.12 10.81
N SER B 35 18.91 -8.93 11.35
CA SER B 35 19.29 -7.76 10.58
C SER B 35 20.82 -7.79 10.33
N SER B 36 21.58 -8.31 11.31
CA SER B 36 23.06 -8.34 11.16
C SER B 36 23.41 -9.44 10.15
N LEU B 37 22.66 -10.56 10.15
CA LEU B 37 22.90 -11.56 9.13
C LEU B 37 22.65 -10.98 7.73
N VAL B 38 21.61 -10.19 7.57
CA VAL B 38 21.32 -9.64 6.24
C VAL B 38 22.37 -8.62 5.81
N LEU B 39 22.75 -7.72 6.72
CA LEU B 39 23.69 -6.64 6.34
C LEU B 39 25.07 -7.24 5.93
N TYR B 40 25.46 -8.24 6.72
CA TYR B 40 26.76 -8.97 6.50
C TYR B 40 26.65 -9.64 5.16
N ILE B 41 25.53 -10.34 4.90
CA ILE B 41 25.39 -11.00 3.62
C ILE B 41 25.29 -10.03 2.45
N ILE B 42 24.51 -8.96 2.55
CA ILE B 42 24.55 -7.95 1.51
C ILE B 42 26.00 -7.48 1.21
N SER B 43 26.78 -7.10 2.20
CA SER B 43 28.10 -6.51 1.84
C SER B 43 29.03 -7.57 1.31
N LEU B 44 28.78 -8.80 1.73
CA LEU B 44 29.52 -9.93 1.16
C LEU B 44 29.26 -10.06 -0.35
N MET B 45 27.97 -9.93 -0.72
CA MET B 45 27.54 -10.05 -2.11
C MET B 45 28.17 -9.00 -3.02
N LEU B 46 28.43 -7.83 -2.41
CA LEU B 46 28.83 -6.60 -3.05
C LEU B 46 30.36 -6.37 -3.00
N THR B 47 31.10 -7.31 -2.45
CA THR B 47 32.56 -7.01 -2.24
C THR B 47 33.55 -7.98 -2.95
N THR B 48 33.22 -8.50 -4.12
CA THR B 48 34.11 -9.44 -4.82
C THR B 48 34.07 -9.19 -6.28
N LYS B 49 35.23 -9.29 -6.88
CA LYS B 49 35.35 -9.15 -8.33
C LYS B 49 35.01 -10.49 -9.02
N LEU B 50 34.86 -11.58 -8.24
CA LEU B 50 34.47 -12.88 -8.80
C LEU B 50 32.99 -12.83 -9.19
N THR B 51 32.70 -13.51 -10.30
CA THR B 51 31.38 -13.47 -10.93
C THR B 51 30.89 -14.89 -11.31
N HIS B 52 29.58 -14.98 -11.38
CA HIS B 52 28.88 -16.17 -11.80
C HIS B 52 27.49 -15.64 -12.24
N THR B 53 27.33 -15.44 -13.53
CA THR B 53 26.11 -14.82 -14.06
C THR B 53 25.25 -15.80 -14.83
N SER B 54 25.75 -17.00 -15.08
CA SER B 54 24.90 -18.01 -15.73
C SER B 54 23.76 -18.41 -14.77
N THR B 55 22.83 -19.23 -15.24
CA THR B 55 21.66 -19.59 -14.42
C THR B 55 22.01 -20.35 -13.15
N MET B 56 21.53 -19.89 -11.99
CA MET B 56 21.78 -20.62 -10.72
C MET B 56 20.60 -21.53 -10.30
N ASP B 57 20.95 -22.70 -9.74
CA ASP B 57 20.00 -23.70 -9.24
C ASP B 57 19.43 -23.24 -7.90
N ALA B 58 18.15 -22.96 -7.93
CA ALA B 58 17.45 -22.41 -6.79
C ALA B 58 16.92 -23.44 -5.79
N GLN B 59 16.71 -24.67 -6.23
CA GLN B 59 16.10 -25.63 -5.33
C GLN B 59 16.99 -25.98 -4.14
N GLU B 60 18.33 -25.84 -4.26
CA GLU B 60 19.26 -26.27 -3.16
C GLU B 60 19.00 -25.56 -1.81
N VAL B 61 18.50 -24.32 -1.85
CA VAL B 61 18.22 -23.54 -0.65
C VAL B 61 16.77 -23.62 -0.15
N GLU B 62 15.90 -24.29 -0.88
CA GLU B 62 14.49 -24.28 -0.48
C GLU B 62 14.33 -24.57 1.02
N THR B 63 15.02 -25.62 1.50
CA THR B 63 14.74 -26.08 2.85
C THR B 63 15.25 -25.09 3.87
N ILE B 64 16.55 -24.72 3.88
CA ILE B 64 17.02 -23.85 4.95
C ILE B 64 16.35 -22.51 4.93
N TRP B 65 16.09 -21.97 3.74
CA TRP B 65 15.49 -20.60 3.64
C TRP B 65 14.07 -20.49 4.16
N THR B 66 13.38 -21.61 4.30
CA THR B 66 12.06 -21.59 4.95
C THR B 66 12.08 -22.21 6.36
N ILE B 67 12.82 -23.31 6.52
CA ILE B 67 12.83 -24.01 7.82
C ILE B 67 13.49 -23.15 8.93
N LEU B 68 14.64 -22.54 8.64
CA LEU B 68 15.31 -21.80 9.72
C LEU B 68 14.48 -20.60 10.15
N PRO B 69 13.93 -19.80 9.17
CA PRO B 69 12.97 -18.75 9.63
C PRO B 69 11.79 -19.29 10.39
N ALA B 70 11.29 -20.44 9.96
CA ALA B 70 10.14 -21.04 10.72
C ALA B 70 10.57 -21.33 12.14
N ILE B 71 11.77 -21.90 12.31
CA ILE B 71 12.22 -22.19 13.66
C ILE B 71 12.36 -20.88 14.47
N ILE B 72 12.92 -19.83 13.84
CA ILE B 72 13.13 -18.57 14.59
C ILE B 72 11.77 -18.03 15.03
N LEU B 73 10.77 -18.09 14.13
CA LEU B 73 9.40 -17.62 14.53
C LEU B 73 8.84 -18.38 15.71
N ILE B 74 9.03 -19.71 15.73
CA ILE B 74 8.61 -20.52 16.85
C ILE B 74 9.28 -20.06 18.14
N LEU B 75 10.56 -19.70 18.05
CA LEU B 75 11.30 -19.26 19.21
C LEU B 75 10.78 -17.91 19.74
N ILE B 76 10.16 -17.12 18.88
CA ILE B 76 9.44 -15.91 19.29
C ILE B 76 8.03 -16.26 19.83
N ALA B 77 7.31 -17.06 19.06
CA ALA B 77 5.90 -17.33 19.35
C ALA B 77 5.66 -18.12 20.64
N LEU B 78 6.55 -19.04 20.98
CA LEU B 78 6.37 -19.78 22.23
C LEU B 78 6.32 -18.90 23.48
N PRO B 79 7.39 -18.12 23.76
CA PRO B 79 7.28 -17.24 24.93
C PRO B 79 6.18 -16.18 24.74
N SER B 80 5.94 -15.75 23.52
CA SER B 80 4.85 -14.77 23.25
C SER B 80 3.49 -15.27 23.71
N LEU B 81 3.19 -16.49 23.28
CA LEU B 81 1.92 -17.14 23.64
C LEU B 81 1.87 -17.56 25.12
N ARG B 82 3.00 -17.95 25.72
CA ARG B 82 2.98 -18.27 27.15
C ARG B 82 2.55 -17.03 27.94
N ILE B 83 3.14 -15.88 27.62
CA ILE B 83 2.81 -14.63 28.31
C ILE B 83 1.34 -14.24 28.04
N LEU B 84 0.90 -14.40 26.80
CA LEU B 84 -0.49 -14.13 26.46
C LEU B 84 -1.49 -14.88 27.39
N TYR B 85 -1.27 -16.20 27.49
CA TYR B 85 -2.14 -17.02 28.34
C TYR B 85 -1.89 -16.81 29.81
N MET B 86 -0.68 -16.49 30.22
CA MET B 86 -0.45 -16.22 31.61
C MET B 86 -1.17 -14.92 32.04
N MET B 87 -1.03 -13.88 31.22
CA MET B 87 -1.73 -12.64 31.46
C MET B 87 -3.21 -12.93 31.61
N ASP B 88 -3.73 -13.83 30.80
CA ASP B 88 -5.16 -14.06 30.79
C ASP B 88 -5.66 -14.94 31.94
N GLU B 89 -4.77 -15.65 32.66
CA GLU B 89 -5.16 -16.64 33.69
C GLU B 89 -5.90 -16.01 34.81
N ILE B 90 -6.68 -16.83 35.49
CA ILE B 90 -7.83 -16.32 36.22
C ILE B 90 -7.43 -15.20 37.19
N ASN B 91 -8.02 -14.02 36.96
CA ASN B 91 -7.92 -12.91 37.90
C ASN B 91 -8.97 -13.09 38.96
N ASN B 92 -8.46 -13.13 40.19
CA ASN B 92 -9.24 -12.95 41.40
C ASN B 92 -8.90 -11.64 42.01
N PRO B 93 -9.54 -10.60 41.54
CA PRO B 93 -9.19 -9.28 42.06
C PRO B 93 -9.82 -9.00 43.43
N SER B 94 -9.19 -8.09 44.17
CA SER B 94 -9.67 -7.65 45.47
C SER B 94 -10.45 -6.39 45.37
N LEU B 95 -10.41 -5.75 44.22
CA LEU B 95 -11.02 -4.44 44.09
C LEU B 95 -11.36 -4.25 42.62
N THR B 96 -12.53 -3.67 42.32
CA THR B 96 -12.87 -3.25 40.99
C THR B 96 -13.05 -1.71 40.95
N VAL B 97 -12.46 -1.12 39.90
CA VAL B 97 -12.54 0.28 39.63
C VAL B 97 -12.96 0.42 38.17
N LYS B 98 -13.80 1.42 37.91
CA LYS B 98 -14.15 1.75 36.51
C LYS B 98 -13.58 3.13 36.14
N THR B 99 -13.23 3.25 34.86
CA THR B 99 -12.91 4.52 34.29
C THR B 99 -13.72 4.72 32.99
N MET B 100 -14.28 5.91 32.86
CA MET B 100 -14.97 6.34 31.67
C MET B 100 -14.19 7.44 31.00
N GLY B 101 -13.93 7.23 29.71
CA GLY B 101 -13.37 8.30 28.87
C GLY B 101 -14.42 9.36 28.47
N HIS B 102 -13.99 10.61 28.40
CA HIS B 102 -14.76 11.73 27.93
C HIS B 102 -13.88 12.65 27.11
N GLN B 103 -14.51 13.47 26.28
CA GLN B 103 -13.80 14.56 25.65
C GLN B 103 -13.71 15.78 26.62
N TRP B 104 -12.59 16.08 27.30
CA TRP B 104 -11.34 15.38 27.22
C TRP B 104 -10.86 15.27 28.65
N TYR B 105 -11.23 14.19 29.33
CA TYR B 105 -10.87 13.93 30.73
C TYR B 105 -11.34 12.52 31.02
N TRP B 106 -10.91 11.96 32.15
CA TRP B 106 -11.33 10.64 32.59
C TRP B 106 -12.11 10.79 33.87
N SER B 107 -13.15 9.98 34.06
CA SER B 107 -13.83 9.86 35.33
C SER B 107 -13.50 8.49 35.85
N TYR B 108 -13.62 8.34 37.16
CA TYR B 108 -13.33 7.12 37.86
C TYR B 108 -14.47 6.80 38.80
N GLU B 109 -14.78 5.50 38.94
CA GLU B 109 -15.84 5.07 39.85
C GLU B 109 -15.34 3.86 40.64
N TYR B 110 -15.44 3.96 41.94
CA TYR B 110 -15.13 2.85 42.82
C TYR B 110 -16.41 2.51 43.55
N THR B 111 -17.14 1.51 43.08
CA THR B 111 -18.51 1.29 43.59
C THR B 111 -18.74 -0.14 44.18
N ASP B 112 -17.66 -0.78 44.60
CA ASP B 112 -17.75 -2.03 45.36
C ASP B 112 -18.60 -1.89 46.61
N TYR B 113 -18.55 -0.72 47.30
CA TYR B 113 -19.26 -0.44 48.59
C TYR B 113 -19.99 0.87 48.56
N GLU B 114 -19.29 1.97 48.40
CA GLU B 114 -19.91 3.28 48.49
C GLU B 114 -19.98 3.76 47.05
N ASP B 115 -20.71 4.82 46.74
CA ASP B 115 -20.70 5.26 45.38
C ASP B 115 -19.73 6.43 45.26
N LEU B 116 -18.46 6.07 45.19
CA LEU B 116 -17.37 7.03 45.03
C LEU B 116 -17.09 7.29 43.54
N SER B 117 -17.07 8.56 43.13
CA SER B 117 -16.62 8.85 41.76
C SER B 117 -16.19 10.29 41.61
N PHE B 118 -15.37 10.56 40.60
CA PHE B 118 -14.81 11.90 40.42
C PHE B 118 -14.27 12.01 39.02
N ASP B 119 -14.07 13.26 38.58
CA ASP B 119 -13.39 13.58 37.33
C ASP B 119 -11.90 13.85 37.53
N SER B 120 -11.11 13.67 36.48
CA SER B 120 -9.66 13.81 36.49
C SER B 120 -9.24 14.49 35.20
N TYR B 121 -8.88 15.76 35.37
CA TYR B 121 -8.47 16.62 34.30
C TYR B 121 -6.93 16.90 34.38
N MET B 122 -6.32 17.04 33.20
CA MET B 122 -4.97 17.58 33.07
C MET B 122 -4.86 18.92 33.75
N ILE B 123 -3.77 19.12 34.47
CA ILE B 123 -3.45 20.41 35.05
C ILE B 123 -2.92 21.26 33.91
N PRO B 124 -3.59 22.39 33.60
CA PRO B 124 -3.02 23.27 32.61
C PRO B 124 -1.62 23.75 33.01
N THR B 125 -0.81 23.98 31.99
CA THR B 125 0.59 24.33 32.13
C THR B 125 0.79 25.57 33.02
N SER B 126 -0.06 26.58 32.83
CA SER B 126 -0.07 27.76 33.67
C SER B 126 -0.46 27.49 35.11
N GLU B 127 -0.99 26.33 35.44
CA GLU B 127 -1.39 26.09 36.83
C GLU B 127 -0.54 25.00 37.54
N LEU B 128 0.47 24.48 36.83
CA LEU B 128 1.35 23.47 37.41
C LEU B 128 2.02 24.05 38.61
N LYS B 129 2.18 23.27 39.67
CA LYS B 129 3.00 23.71 40.79
C LYS B 129 4.51 23.46 40.47
N PRO B 130 5.43 24.14 41.15
CA PRO B 130 6.86 24.05 40.78
C PRO B 130 7.36 22.59 40.77
N GLY B 131 8.08 22.19 39.72
CA GLY B 131 8.53 20.81 39.57
C GLY B 131 7.50 19.76 39.12
N GLU B 132 6.26 20.16 38.88
CA GLU B 132 5.25 19.27 38.39
C GLU B 132 5.36 19.13 36.86
N LEU B 133 4.82 18.03 36.33
CA LEU B 133 5.08 17.62 34.96
C LEU B 133 4.06 18.16 33.93
N ARG B 134 4.60 18.88 32.96
CA ARG B 134 3.82 19.39 31.86
C ARG B 134 3.08 18.32 31.09
N LEU B 135 1.78 18.56 30.94
CA LEU B 135 0.82 17.63 30.27
C LEU B 135 0.56 16.28 30.92
N LEU B 136 1.10 16.01 32.12
CA LEU B 136 0.94 14.70 32.80
C LEU B 136 0.15 14.74 34.07
N GLU B 137 0.20 15.82 34.83
CA GLU B 137 -0.37 15.80 36.12
C GLU B 137 -1.86 15.95 35.92
N VAL B 138 -2.61 15.46 36.88
CA VAL B 138 -4.03 15.69 36.91
C VAL B 138 -4.41 16.28 38.22
N ASP B 139 -5.64 16.79 38.29
CA ASP B 139 -6.14 17.31 39.55
C ASP B 139 -6.41 16.21 40.55
N ASN B 140 -7.15 15.19 40.16
CA ASN B 140 -7.54 14.07 41.05
C ASN B 140 -6.94 12.78 40.51
N ARG B 141 -6.01 12.23 41.24
CA ARG B 141 -5.34 11.02 40.80
C ARG B 141 -6.16 9.81 41.16
N VAL B 142 -5.83 8.71 40.49
CA VAL B 142 -6.44 7.39 40.72
C VAL B 142 -5.71 6.63 41.81
N VAL B 143 -6.19 6.81 43.03
CA VAL B 143 -5.56 6.26 44.20
C VAL B 143 -5.96 4.79 44.27
N LEU B 144 -4.95 3.93 44.46
CA LEU B 144 -5.13 2.46 44.40
C LEU B 144 -4.24 1.83 45.43
N PRO B 145 -4.67 0.68 45.97
CA PRO B 145 -3.80 -0.05 46.89
C PRO B 145 -2.68 -0.79 46.13
N MET B 146 -1.46 -0.66 46.64
CA MET B 146 -0.32 -1.43 46.09
C MET B 146 -0.35 -2.91 46.53
N GLU B 147 0.36 -3.75 45.77
CA GLU B 147 0.51 -5.15 46.08
C GLU B 147 -0.83 -5.89 46.13
N MET B 148 -1.77 -5.46 45.30
CA MET B 148 -3.10 -6.11 45.17
C MET B 148 -3.53 -6.21 43.72
N THR B 149 -4.21 -7.29 43.38
CA THR B 149 -4.78 -7.46 42.06
C THR B 149 -6.08 -6.63 42.01
N ILE B 150 -6.08 -5.73 41.04
CA ILE B 150 -7.16 -4.78 40.81
C ILE B 150 -7.73 -5.03 39.42
N ARG B 151 -9.04 -5.15 39.35
CA ARG B 151 -9.72 -5.19 38.08
C ARG B 151 -10.04 -3.72 37.70
N MET B 152 -9.54 -3.23 36.58
CA MET B 152 -9.95 -1.95 35.98
C MET B 152 -10.89 -2.27 34.81
N LEU B 153 -12.08 -1.66 34.85
CA LEU B 153 -13.03 -1.75 33.76
C LEU B 153 -13.05 -0.39 33.07
N VAL B 154 -13.06 -0.42 31.75
CA VAL B 154 -12.91 0.75 30.96
C VAL B 154 -14.04 0.90 29.95
N SER B 155 -14.64 2.09 29.89
CA SER B 155 -15.58 2.42 28.83
C SER B 155 -15.47 3.88 28.47
N SER B 156 -16.44 4.41 27.75
CA SER B 156 -16.47 5.82 27.34
C SER B 156 -17.93 6.30 27.32
N GLU B 157 -18.14 7.61 27.55
CA GLU B 157 -19.48 8.22 27.36
C GLU B 157 -19.63 9.00 26.09
N ASP B 158 -18.66 8.99 25.22
CA ASP B 158 -18.77 9.72 23.96
C ASP B 158 -18.03 9.00 22.84
N VAL B 159 -16.79 9.42 22.50
CA VAL B 159 -16.04 8.84 21.40
C VAL B 159 -15.07 7.77 21.95
N LEU B 160 -14.27 7.14 21.07
CA LEU B 160 -13.27 6.18 21.56
C LEU B 160 -12.22 6.95 22.29
N HIS B 161 -11.80 6.45 23.43
CA HIS B 161 -10.52 6.80 24.04
C HIS B 161 -9.68 5.48 24.27
N SER B 162 -8.55 5.58 24.98
CA SER B 162 -7.84 4.36 25.38
C SER B 162 -7.01 4.68 26.59
N TRP B 163 -7.23 3.86 27.62
CA TRP B 163 -6.69 4.03 28.90
C TRP B 163 -5.37 3.24 29.01
N ALA B 164 -4.27 3.97 29.12
CA ALA B 164 -2.92 3.34 29.04
C ALA B 164 -2.10 3.75 30.24
N VAL B 165 -1.33 2.80 30.81
CA VAL B 165 -0.31 3.15 31.78
C VAL B 165 0.94 2.30 31.47
N PRO B 166 1.86 2.83 30.67
CA PRO B 166 3.04 2.06 30.15
C PRO B 166 3.81 1.23 31.19
N SER B 167 4.11 1.87 32.32
CA SER B 167 4.88 1.22 33.34
C SER B 167 4.20 0.03 33.99
N LEU B 168 2.86 -0.04 33.95
CA LEU B 168 2.13 -1.21 34.45
C LEU B 168 1.75 -2.19 33.34
N GLY B 169 2.15 -1.87 32.11
CA GLY B 169 1.92 -2.70 30.94
C GLY B 169 0.46 -2.65 30.48
N LEU B 170 -0.20 -1.52 30.62
CA LEU B 170 -1.68 -1.45 30.39
C LEU B 170 -2.03 -0.59 29.25
N LYS B 171 -2.98 -1.03 28.41
CA LYS B 171 -3.57 -0.22 27.37
C LYS B 171 -4.89 -0.93 26.97
N THR B 172 -6.00 -0.30 27.32
CA THR B 172 -7.33 -0.88 27.09
C THR B 172 -8.23 0.20 26.45
N ASP B 173 -8.72 -0.06 25.22
CA ASP B 173 -9.57 0.92 24.54
C ASP B 173 -10.90 1.11 25.34
N ALA B 174 -11.38 2.37 25.28
CA ALA B 174 -12.51 2.87 26.02
C ALA B 174 -13.56 3.10 24.94
N ILE B 175 -14.52 2.18 24.87
CA ILE B 175 -15.45 2.15 23.70
C ILE B 175 -16.84 2.32 24.27
N PRO B 176 -17.56 3.35 23.79
CA PRO B 176 -18.91 3.53 24.39
C PRO B 176 -19.78 2.32 24.12
N GLY B 177 -20.59 1.93 25.13
CA GLY B 177 -21.48 0.79 25.00
C GLY B 177 -20.80 -0.57 25.28
N ARG B 178 -19.49 -0.55 25.62
CA ARG B 178 -18.67 -1.74 25.87
C ARG B 178 -17.91 -1.53 27.17
N LEU B 179 -17.79 -2.59 27.94
CA LEU B 179 -17.06 -2.58 29.20
C LEU B 179 -15.84 -3.54 29.03
N ASN B 180 -14.66 -2.96 28.85
CA ASN B 180 -13.40 -3.77 28.68
C ASN B 180 -12.66 -3.91 29.99
N GLN B 181 -12.16 -5.10 30.27
CA GLN B 181 -11.53 -5.38 31.52
C GLN B 181 -10.02 -5.50 31.29
N THR B 182 -9.26 -4.95 32.24
CA THR B 182 -7.84 -5.31 32.37
C THR B 182 -7.50 -5.46 33.86
N THR B 183 -6.37 -6.08 34.17
CA THR B 183 -6.07 -6.19 35.59
C THR B 183 -4.75 -5.55 35.83
N LEU B 184 -4.63 -5.04 37.01
CA LEU B 184 -3.52 -4.11 37.32
C LEU B 184 -2.98 -4.57 38.64
N MET B 185 -1.66 -4.63 38.79
CA MET B 185 -1.07 -5.04 40.07
C MET B 185 0.24 -4.28 40.22
N SER B 186 0.42 -3.48 41.24
CA SER B 186 1.69 -2.75 41.38
C SER B 186 2.57 -3.37 42.46
N SER B 187 3.82 -3.60 42.12
CA SER B 187 4.84 -4.13 43.08
C SER B 187 5.30 -3.08 44.07
N ARG B 188 5.07 -1.81 43.69
CA ARG B 188 5.58 -0.66 44.44
C ARG B 188 4.57 0.53 44.66
N PRO B 189 4.78 1.28 45.75
CA PRO B 189 4.07 2.55 45.83
C PRO B 189 4.58 3.46 44.75
N GLY B 190 3.91 4.59 44.59
CA GLY B 190 4.41 5.69 43.77
C GLY B 190 3.38 6.36 42.85
N LEU B 191 3.84 7.06 41.83
CA LEU B 191 3.02 7.72 40.85
C LEU B 191 3.36 7.22 39.51
N TYR B 192 2.36 6.74 38.76
CA TYR B 192 2.58 6.18 37.46
C TYR B 192 1.63 6.80 36.46
N TYR B 193 2.20 7.21 35.36
CA TYR B 193 1.57 8.11 34.39
C TYR B 193 1.33 7.44 33.05
N GLY B 194 0.16 7.79 32.50
CA GLY B 194 -0.21 7.43 31.16
C GLY B 194 -1.01 8.51 30.47
N GLN B 195 -1.33 8.26 29.20
CA GLN B 195 -1.95 9.25 28.34
C GLN B 195 -2.96 8.58 27.38
N CYS B 196 -3.97 9.34 27.01
CA CYS B 196 -5.04 8.76 26.17
C CYS B 196 -4.45 8.28 24.87
N SER B 197 -4.81 7.05 24.48
CA SER B 197 -4.18 6.36 23.37
C SER B 197 -5.13 5.89 22.26
N GLU B 198 -6.26 6.63 22.10
CA GLU B 198 -7.06 6.61 20.90
C GLU B 198 -7.56 8.07 20.62
N ILE B 199 -7.27 8.38 19.35
CA ILE B 199 -7.43 9.71 18.87
C ILE B 199 -8.94 9.98 19.03
N CYS B 200 -9.20 11.02 19.75
CA CYS B 200 -10.52 11.37 20.30
C CYS B 200 -10.83 12.81 20.09
N GLY B 201 -10.11 13.44 19.19
CA GLY B 201 -10.36 14.81 18.81
C GLY B 201 -9.31 15.84 19.19
N SER B 202 -9.73 17.07 19.40
CA SER B 202 -8.76 18.20 19.44
C SER B 202 -7.88 18.18 20.71
N ASN B 203 -8.35 17.60 21.81
CA ASN B 203 -7.57 17.53 23.04
C ASN B 203 -7.13 16.07 23.43
N HIS B 204 -6.99 15.19 22.44
CA HIS B 204 -6.44 13.80 22.60
C HIS B 204 -5.08 13.86 23.35
N SER B 205 -4.25 14.86 23.01
CA SER B 205 -2.92 15.02 23.65
C SER B 205 -2.96 15.39 25.13
N PHE B 206 -4.15 15.76 25.63
CA PHE B 206 -4.27 16.50 26.86
C PHE B 206 -5.25 15.90 27.85
N MET B 207 -5.29 14.57 27.97
CA MET B 207 -6.15 13.92 28.97
C MET B 207 -5.46 12.70 29.59
N PRO B 208 -4.48 12.97 30.45
CA PRO B 208 -3.63 11.91 31.00
C PRO B 208 -4.33 11.24 32.19
N ILE B 209 -3.62 10.21 32.65
CA ILE B 209 -3.93 9.26 33.69
C ILE B 209 -2.76 9.20 34.70
N VAL B 210 -3.07 9.39 35.96
CA VAL B 210 -2.08 9.33 37.01
C VAL B 210 -2.59 8.38 38.08
N LEU B 211 -1.89 7.26 38.26
CA LEU B 211 -2.15 6.31 39.32
C LEU B 211 -1.31 6.67 40.49
N GLU B 212 -1.91 6.66 41.69
CA GLU B 212 -1.20 6.84 42.94
C GLU B 212 -1.36 5.60 43.80
N LEU B 213 -0.24 4.91 43.97
CA LEU B 213 -0.20 3.58 44.59
C LEU B 213 0.36 3.74 45.99
N VAL B 214 -0.43 3.24 46.97
CA VAL B 214 -0.14 3.39 48.39
C VAL B 214 -0.61 2.18 49.15
N PRO B 215 -0.18 2.00 50.42
CA PRO B 215 -0.67 0.86 51.21
C PRO B 215 -2.19 0.88 51.36
N LEU B 216 -2.78 -0.30 51.56
CA LEU B 216 -4.29 -0.45 51.67
C LEU B 216 -4.87 0.56 52.66
N LYS B 217 -4.27 0.68 53.84
CA LYS B 217 -4.80 1.59 54.84
C LYS B 217 -4.95 3.04 54.35
N TYR B 218 -4.01 3.52 53.55
CA TYR B 218 -4.11 4.89 53.01
C TYR B 218 -5.14 4.93 51.86
N PHE B 219 -5.24 3.87 51.06
CA PHE B 219 -6.33 3.81 50.10
C PHE B 219 -7.73 3.88 50.76
N GLU B 220 -7.92 3.16 51.86
CA GLU B 220 -9.22 3.18 52.56
C GLU B 220 -9.48 4.56 53.16
N LYS B 221 -8.45 5.14 53.77
CA LYS B 221 -8.61 6.49 54.32
C LYS B 221 -9.04 7.51 53.26
N TRP B 222 -8.32 7.54 52.14
CA TRP B 222 -8.62 8.38 50.98
C TRP B 222 -10.03 8.12 50.42
N SER B 223 -10.40 6.85 50.32
CA SER B 223 -11.68 6.47 49.78
C SER B 223 -12.76 7.10 50.62
N ALA B 224 -12.66 6.88 51.91
CA ALA B 224 -13.62 7.41 52.81
C ALA B 224 -13.61 8.94 52.69
N SER B 225 -12.48 9.57 52.54
CA SER B 225 -12.49 11.02 52.51
C SER B 225 -12.91 11.61 51.17
N MET B 226 -12.97 10.83 50.10
CA MET B 226 -13.45 11.34 48.80
C MET B 226 -14.95 11.17 48.61
N LEU B 227 -15.61 10.41 49.48
CA LEU B 227 -17.08 10.31 49.44
C LEU B 227 -17.65 11.71 49.39
N GLN C 4 -1.85 -3.44 -37.92
CA GLN C 4 -1.80 -4.33 -36.72
C GLN C 4 -1.93 -5.73 -37.24
N THR C 5 -1.20 -6.65 -36.66
CA THR C 5 -1.36 -8.08 -36.95
C THR C 5 -1.56 -8.88 -35.67
N HIS C 6 -2.09 -8.22 -34.64
CA HIS C 6 -2.68 -8.92 -33.47
C HIS C 6 -4.20 -8.72 -33.55
N ALA C 7 -4.94 -9.33 -32.65
CA ALA C 7 -6.41 -9.41 -32.76
C ALA C 7 -7.12 -8.49 -31.76
N TYR C 8 -6.35 -7.68 -31.03
CA TYR C 8 -6.87 -6.82 -29.97
C TYR C 8 -7.39 -5.47 -30.48
N HIS C 9 -8.11 -4.79 -29.59
CA HIS C 9 -8.85 -3.58 -29.97
C HIS C 9 -8.20 -2.31 -29.47
N MET C 10 -7.70 -1.50 -30.40
CA MET C 10 -7.16 -0.17 -30.10
C MET C 10 -8.34 0.79 -30.23
N VAL C 11 -8.75 1.34 -29.10
CA VAL C 11 -10.02 2.08 -29.03
C VAL C 11 -9.76 3.53 -29.42
N ASN C 12 -10.67 4.14 -30.11
CA ASN C 12 -10.54 5.53 -30.60
C ASN C 12 -10.52 6.36 -29.36
N PRO C 13 -9.74 7.46 -29.37
CA PRO C 13 -9.76 8.38 -28.26
C PRO C 13 -11.17 8.78 -27.92
N SER C 14 -11.47 8.82 -26.63
CA SER C 14 -12.84 8.98 -26.18
C SER C 14 -12.99 9.98 -25.04
N PRO C 15 -14.05 10.82 -25.09
CA PRO C 15 -14.36 11.69 -24.01
C PRO C 15 -15.12 11.05 -22.84
N TRP C 16 -15.63 9.83 -23.02
CA TRP C 16 -16.52 9.31 -21.97
C TRP C 16 -15.83 9.03 -20.63
N PRO C 17 -14.53 8.63 -20.64
CA PRO C 17 -13.89 8.50 -19.33
C PRO C 17 -13.87 9.79 -18.54
N LEU C 18 -13.52 10.89 -19.23
CA LEU C 18 -13.52 12.19 -18.55
C LEU C 18 -14.94 12.60 -18.07
N THR C 19 -15.95 12.47 -18.95
CA THR C 19 -17.36 12.86 -18.52
C THR C 19 -17.80 11.95 -17.39
N GLY C 20 -17.39 10.67 -17.45
CA GLY C 20 -17.72 9.73 -16.37
C GLY C 20 -17.11 10.18 -15.06
N ALA C 21 -15.83 10.54 -15.11
CA ALA C 21 -15.14 10.92 -13.89
C ALA C 21 -15.78 12.22 -13.34
N LEU C 22 -16.05 13.18 -14.24
CA LEU C 22 -16.70 14.43 -13.76
C LEU C 22 -18.13 14.11 -13.23
N SER C 23 -18.85 13.21 -13.89
CA SER C 23 -20.17 12.81 -13.36
C SER C 23 -20.03 12.25 -11.92
N ALA C 24 -18.94 11.49 -11.64
CA ALA C 24 -18.73 11.02 -10.29
C ALA C 24 -18.51 12.21 -9.30
N LEU C 25 -17.74 13.20 -9.73
CA LEU C 25 -17.50 14.38 -8.90
C LEU C 25 -18.82 15.07 -8.61
N LEU C 26 -19.64 15.19 -9.65
CA LEU C 26 -20.92 15.94 -9.47
C LEU C 26 -21.90 15.14 -8.60
N MET C 27 -21.97 13.82 -8.75
CA MET C 27 -22.87 13.00 -7.88
C MET C 27 -22.45 13.08 -6.43
N THR C 28 -21.14 13.02 -6.18
CA THR C 28 -20.66 13.04 -4.82
C THR C 28 -20.75 14.44 -4.16
N SER C 29 -20.26 15.48 -4.86
CA SER C 29 -20.44 16.82 -4.31
C SER C 29 -21.95 17.12 -4.24
N GLY C 30 -22.70 16.58 -5.19
CA GLY C 30 -24.20 16.72 -5.15
C GLY C 30 -24.84 16.13 -3.88
N LEU C 31 -24.48 14.89 -3.56
CA LEU C 31 -24.94 14.28 -2.32
C LEU C 31 -24.54 15.11 -1.11
N THR C 32 -23.32 15.67 -1.12
CA THR C 32 -22.85 16.47 0.00
C THR C 32 -23.75 17.72 0.15
N MET C 33 -23.95 18.40 -0.99
CA MET C 33 -24.87 19.59 -1.04
C MET C 33 -26.28 19.19 -0.53
N TRP C 34 -26.78 18.05 -0.98
CA TRP C 34 -28.07 17.58 -0.51
C TRP C 34 -28.12 17.32 1.01
N PHE C 35 -27.18 16.58 1.52
CA PHE C 35 -27.15 16.26 2.95
C PHE C 35 -26.89 17.46 3.86
N HIS C 36 -26.11 18.44 3.40
CA HIS C 36 -25.65 19.51 4.29
C HIS C 36 -26.13 20.91 3.95
N PHE C 37 -26.55 21.13 2.71
CA PHE C 37 -26.76 22.49 2.27
C PHE C 37 -28.14 22.55 1.63
N ASN C 38 -28.90 21.45 1.83
CA ASN C 38 -30.33 21.31 1.49
C ASN C 38 -30.77 21.50 0.02
N SER C 39 -29.90 21.11 -0.92
CA SER C 39 -30.10 21.42 -2.31
C SER C 39 -29.77 20.18 -3.17
N MET C 40 -30.65 19.87 -4.14
CA MET C 40 -30.48 18.70 -5.00
C MET C 40 -29.97 19.00 -6.41
N THR C 41 -29.78 20.28 -6.76
CA THR C 41 -29.42 20.65 -8.13
C THR C 41 -28.16 19.98 -8.63
N LEU C 42 -27.07 20.08 -7.87
CA LEU C 42 -25.79 19.51 -8.28
C LEU C 42 -25.93 18.02 -8.51
N LEU C 43 -26.62 17.37 -7.58
CA LEU C 43 -26.88 15.93 -7.63
C LEU C 43 -27.66 15.59 -8.89
N MET C 44 -28.72 16.35 -9.21
CA MET C 44 -29.45 16.07 -10.45
C MET C 44 -28.58 16.21 -11.69
N ILE C 45 -27.72 17.23 -11.70
CA ILE C 45 -26.82 17.43 -12.81
C ILE C 45 -25.88 16.20 -12.88
N GLY C 46 -25.37 15.76 -11.75
CA GLY C 46 -24.44 14.58 -11.81
C GLY C 46 -25.12 13.32 -12.29
N LEU C 47 -26.33 13.10 -11.78
CA LEU C 47 -27.10 11.91 -12.24
C LEU C 47 -27.33 11.95 -13.75
N THR C 48 -27.63 13.15 -14.25
CA THR C 48 -27.89 13.33 -15.66
C THR C 48 -26.64 13.08 -16.48
N THR C 49 -25.53 13.69 -16.08
CA THR C 49 -24.25 13.44 -16.78
C THR C 49 -23.81 11.96 -16.71
N ASN C 50 -24.01 11.31 -15.57
CA ASN C 50 -23.71 9.85 -15.42
C ASN C 50 -24.51 9.02 -16.41
N MET C 51 -25.83 9.25 -16.46
CA MET C 51 -26.67 8.53 -17.40
C MET C 51 -26.21 8.77 -18.85
N LEU C 52 -25.96 10.04 -19.20
CA LEU C 52 -25.50 10.36 -20.56
C LEU C 52 -24.22 9.62 -20.88
N THR C 53 -23.27 9.66 -19.94
CA THR C 53 -21.97 8.96 -20.16
C THR C 53 -22.17 7.46 -20.38
N MET C 54 -22.94 6.83 -19.48
CA MET C 54 -23.25 5.40 -19.60
C MET C 54 -23.88 5.09 -20.93
N TYR C 55 -24.89 5.89 -21.34
CA TYR C 55 -25.52 5.64 -22.63
C TYR C 55 -24.52 5.70 -23.80
N GLN C 56 -23.80 6.82 -23.91
CA GLN C 56 -22.89 6.96 -25.06
C GLN C 56 -21.75 5.98 -25.02
N TRP C 57 -21.28 5.68 -23.83
CA TRP C 57 -20.12 4.74 -23.73
C TRP C 57 -20.49 3.35 -24.22
N TRP C 58 -21.60 2.86 -23.68
CA TRP C 58 -22.08 1.53 -24.10
C TRP C 58 -22.65 1.49 -25.51
N ARG C 59 -23.22 2.61 -25.95
CA ARG C 59 -23.56 2.78 -27.35
C ARG C 59 -22.32 2.53 -28.22
N ASP C 60 -21.22 3.18 -27.82
CA ASP C 60 -19.98 3.06 -28.60
C ASP C 60 -19.42 1.62 -28.59
N VAL C 61 -19.61 0.90 -27.48
CA VAL C 61 -19.20 -0.52 -27.45
C VAL C 61 -20.01 -1.36 -28.44
N ILE C 62 -21.32 -1.09 -28.53
CA ILE C 62 -22.15 -1.77 -29.54
C ILE C 62 -21.68 -1.35 -30.92
N ARG C 63 -21.44 -0.05 -31.13
CA ARG C 63 -20.88 0.35 -32.45
C ARG C 63 -19.62 -0.45 -32.80
N GLU C 64 -18.72 -0.59 -31.80
CA GLU C 64 -17.41 -1.16 -32.08
C GLU C 64 -17.50 -2.63 -32.40
N SER C 65 -18.56 -3.27 -31.90
CA SER C 65 -18.67 -4.75 -31.99
C SER C 65 -19.67 -5.19 -33.08
N THR C 66 -20.96 -4.89 -32.84
CA THR C 66 -21.99 -5.27 -33.84
C THR C 66 -21.71 -4.64 -35.21
N PHE C 67 -21.44 -3.33 -35.18
CA PHE C 67 -21.32 -2.55 -36.39
C PHE C 67 -19.90 -2.52 -37.00
N GLN C 68 -18.83 -2.49 -36.19
CA GLN C 68 -17.44 -2.37 -36.75
C GLN C 68 -16.61 -3.68 -36.72
N GLY C 69 -17.03 -4.70 -36.00
CA GLY C 69 -16.41 -6.03 -36.10
C GLY C 69 -15.13 -6.18 -35.24
N HIS C 70 -14.94 -5.31 -34.25
CA HIS C 70 -13.70 -5.35 -33.43
C HIS C 70 -13.68 -6.44 -32.37
N HIS C 71 -14.80 -7.11 -32.08
CA HIS C 71 -14.78 -8.12 -31.02
C HIS C 71 -14.43 -9.49 -31.58
N THR C 72 -13.14 -9.66 -31.80
CA THR C 72 -12.52 -10.94 -32.16
C THR C 72 -12.58 -11.85 -30.95
N PRO C 73 -12.32 -13.16 -31.14
CA PRO C 73 -12.48 -14.02 -29.98
C PRO C 73 -11.59 -13.55 -28.81
N ALA C 74 -10.39 -13.06 -29.10
CA ALA C 74 -9.49 -12.67 -28.00
C ALA C 74 -10.11 -11.49 -27.26
N VAL C 75 -10.71 -10.56 -28.00
CA VAL C 75 -11.34 -9.42 -27.36
C VAL C 75 -12.52 -9.87 -26.50
N GLN C 76 -13.36 -10.77 -27.06
CA GLN C 76 -14.49 -11.28 -26.36
C GLN C 76 -14.05 -12.00 -25.06
N LYS C 77 -12.98 -12.77 -25.17
CA LYS C 77 -12.43 -13.50 -24.02
C LYS C 77 -12.02 -12.51 -22.90
N GLY C 78 -11.50 -11.36 -23.30
CA GLY C 78 -11.17 -10.34 -22.31
C GLY C 78 -12.37 -9.77 -21.59
N LEU C 79 -13.41 -9.49 -22.35
CA LEU C 79 -14.62 -8.99 -21.74
C LEU C 79 -15.23 -9.97 -20.77
N ARG C 80 -15.09 -11.28 -21.08
CA ARG C 80 -15.56 -12.34 -20.17
C ARG C 80 -14.89 -12.23 -18.84
N TYR C 81 -13.54 -12.17 -18.87
CA TYR C 81 -12.78 -11.99 -17.64
C TYR C 81 -13.22 -10.71 -16.96
N GLY C 82 -13.36 -9.62 -17.71
CA GLY C 82 -13.69 -8.35 -17.05
C GLY C 82 -15.01 -8.42 -16.32
N MET C 83 -16.01 -9.08 -16.94
CA MET C 83 -17.34 -9.12 -16.28
C MET C 83 -17.33 -9.99 -15.01
N ILE C 84 -16.61 -11.13 -15.08
CA ILE C 84 -16.47 -12.02 -13.92
C ILE C 84 -15.80 -11.27 -12.80
N LEU C 85 -14.76 -10.50 -13.13
CA LEU C 85 -14.03 -9.84 -12.07
C LEU C 85 -14.88 -8.75 -11.47
N PHE C 86 -15.66 -8.07 -12.34
CA PHE C 86 -16.57 -7.02 -11.87
C PHE C 86 -17.60 -7.60 -10.89
N ILE C 87 -18.16 -8.75 -11.28
CA ILE C 87 -19.12 -9.44 -10.38
C ILE C 87 -18.49 -9.83 -9.03
N ILE C 88 -17.26 -10.36 -9.08
CA ILE C 88 -16.54 -10.70 -7.85
C ILE C 88 -16.42 -9.46 -6.94
N SER C 89 -16.09 -8.28 -7.50
CA SER C 89 -15.96 -7.08 -6.66
C SER C 89 -17.32 -6.75 -6.02
N GLU C 90 -18.40 -6.86 -6.79
CA GLU C 90 -19.73 -6.67 -6.20
C GLU C 90 -20.13 -7.67 -5.12
N VAL C 91 -19.76 -8.95 -5.29
CA VAL C 91 -19.97 -9.92 -4.25
C VAL C 91 -19.28 -9.48 -2.97
N LEU C 92 -18.01 -9.05 -3.07
CA LEU C 92 -17.28 -8.63 -1.84
C LEU C 92 -17.94 -7.40 -1.21
N PHE C 93 -18.47 -6.49 -2.05
CA PHE C 93 -19.20 -5.35 -1.51
C PHE C 93 -20.35 -5.84 -0.62
N PHE C 94 -21.15 -6.76 -1.16
CA PHE C 94 -22.26 -7.29 -0.38
C PHE C 94 -21.81 -8.03 0.88
N THR C 95 -20.65 -8.70 0.77
CA THR C 95 -20.11 -9.41 1.90
C THR C 95 -20.02 -8.51 3.10
N GLY C 96 -19.68 -7.23 2.89
CA GLY C 96 -19.56 -6.35 4.03
C GLY C 96 -20.88 -6.13 4.76
N PHE C 97 -21.98 -6.03 4.00
CA PHE C 97 -23.26 -5.88 4.64
C PHE C 97 -23.70 -7.17 5.37
N PHE C 98 -23.34 -8.34 4.84
CA PHE C 98 -23.65 -9.62 5.52
C PHE C 98 -22.86 -9.69 6.85
N TRP C 99 -21.58 -9.27 6.76
CA TRP C 99 -20.76 -9.18 7.97
C TRP C 99 -21.42 -8.24 9.00
N ALA C 100 -21.86 -7.05 8.58
CA ALA C 100 -22.57 -6.15 9.52
C ALA C 100 -23.79 -6.82 10.13
N PHE C 101 -24.54 -7.52 9.27
CA PHE C 101 -25.75 -8.17 9.80
C PHE C 101 -25.42 -9.23 10.87
N TYR C 102 -24.47 -10.10 10.57
CA TYR C 102 -24.16 -11.15 11.56
C TYR C 102 -23.53 -10.58 12.81
N HIS C 103 -22.71 -9.56 12.64
CA HIS C 103 -22.10 -8.91 13.81
C HIS C 103 -23.08 -8.46 14.90
N SER C 104 -24.12 -7.74 14.45
CA SER C 104 -25.23 -7.19 15.25
C SER C 104 -26.11 -8.31 15.79
N SER C 105 -26.48 -9.25 14.91
CA SER C 105 -27.49 -10.21 15.25
C SER C 105 -26.99 -11.29 16.11
N LEU C 106 -25.72 -11.67 15.96
CA LEU C 106 -25.21 -12.80 16.77
C LEU C 106 -24.76 -12.31 18.12
N ALA C 107 -24.66 -11.02 18.36
CA ALA C 107 -24.17 -10.53 19.66
C ALA C 107 -24.99 -9.30 20.00
N PRO C 108 -26.34 -9.47 20.18
CA PRO C 108 -27.20 -8.33 20.37
C PRO C 108 -26.83 -7.58 21.63
N THR C 109 -26.73 -6.27 21.53
CA THR C 109 -26.26 -5.49 22.70
C THR C 109 -27.42 -5.16 23.71
N PRO C 110 -27.07 -4.68 24.90
CA PRO C 110 -28.08 -4.38 25.93
C PRO C 110 -29.20 -3.39 25.50
N GLU C 111 -28.85 -2.43 24.64
CA GLU C 111 -29.76 -1.43 24.13
C GLU C 111 -30.89 -2.07 23.35
N LEU C 112 -30.62 -3.26 22.81
CA LEU C 112 -31.56 -4.04 22.01
C LEU C 112 -32.42 -4.90 22.88
N GLY C 113 -32.11 -4.91 24.17
CA GLY C 113 -32.68 -5.89 25.06
C GLY C 113 -31.85 -7.16 25.17
N GLY C 114 -30.67 -7.17 24.59
CA GLY C 114 -29.82 -8.34 24.67
C GLY C 114 -30.30 -9.52 23.87
N CYS C 115 -31.17 -9.27 22.89
CA CYS C 115 -31.83 -10.33 22.15
C CYS C 115 -31.95 -9.95 20.68
N TRP C 116 -32.14 -10.98 19.84
CA TRP C 116 -32.40 -10.76 18.45
C TRP C 116 -33.64 -11.56 18.03
N PRO C 117 -34.57 -10.96 17.33
CA PRO C 117 -34.68 -9.57 16.95
C PRO C 117 -34.74 -8.74 18.18
N PRO C 118 -34.42 -7.48 18.06
CA PRO C 118 -34.52 -6.58 19.22
C PRO C 118 -35.95 -6.44 19.79
N THR C 119 -36.08 -6.14 21.07
CA THR C 119 -37.37 -5.77 21.69
C THR C 119 -38.02 -4.70 20.88
N GLY C 120 -39.33 -4.84 20.65
CA GLY C 120 -40.08 -3.85 19.83
C GLY C 120 -40.00 -3.98 18.31
N ILE C 121 -39.27 -4.97 17.78
CA ILE C 121 -39.15 -5.12 16.33
C ILE C 121 -40.03 -6.30 15.96
N HIS C 122 -40.87 -6.09 14.94
CA HIS C 122 -41.73 -7.12 14.39
C HIS C 122 -41.22 -7.42 12.99
N PRO C 123 -40.39 -8.48 12.89
CA PRO C 123 -39.79 -8.80 11.57
C PRO C 123 -40.84 -9.16 10.52
N LEU C 124 -40.55 -8.97 9.22
CA LEU C 124 -41.40 -9.51 8.12
C LEU C 124 -41.45 -11.05 8.22
N ASN C 125 -42.57 -11.66 7.83
CA ASN C 125 -42.69 -13.11 7.84
C ASN C 125 -42.17 -13.57 6.48
N PRO C 126 -41.05 -14.34 6.46
CA PRO C 126 -40.39 -14.80 5.25
C PRO C 126 -41.23 -15.75 4.36
N LEU C 127 -42.27 -16.38 4.93
CA LEU C 127 -43.18 -17.13 4.10
C LEU C 127 -44.32 -16.31 3.50
N GLU C 128 -44.31 -14.99 3.63
CA GLU C 128 -45.32 -14.16 2.99
C GLU C 128 -44.71 -13.52 1.72
N VAL C 129 -44.68 -12.19 1.61
CA VAL C 129 -44.24 -11.61 0.33
C VAL C 129 -42.77 -12.02 0.04
N PRO C 130 -41.94 -12.16 1.11
CA PRO C 130 -40.54 -12.50 0.70
C PRO C 130 -40.43 -13.89 0.00
N LEU C 131 -41.33 -14.83 0.32
CA LEU C 131 -41.40 -16.10 -0.43
C LEU C 131 -41.83 -15.82 -1.90
N LEU C 132 -42.80 -14.91 -2.10
CA LEU C 132 -43.21 -14.56 -3.44
C LEU C 132 -42.00 -13.94 -4.16
N ASN C 133 -41.37 -12.99 -3.52
CA ASN C 133 -40.10 -12.44 -4.13
C ASN C 133 -39.11 -13.52 -4.55
N THR C 134 -38.91 -14.51 -3.68
CA THR C 134 -38.06 -15.65 -4.01
C THR C 134 -38.51 -16.42 -5.24
N SER C 135 -39.81 -16.76 -5.31
CA SER C 135 -40.34 -17.49 -6.49
C SER C 135 -40.13 -16.63 -7.73
N VAL C 136 -40.30 -15.30 -7.57
CA VAL C 136 -40.17 -14.39 -8.70
C VAL C 136 -38.74 -14.39 -9.29
N LEU C 137 -37.72 -14.21 -8.44
CA LEU C 137 -36.37 -14.24 -8.99
C LEU C 137 -35.89 -15.62 -9.48
N LEU C 138 -36.24 -16.69 -8.75
CA LEU C 138 -35.96 -18.07 -9.20
C LEU C 138 -36.56 -18.27 -10.56
N ALA C 139 -37.83 -17.84 -10.72
CA ALA C 139 -38.51 -18.12 -12.04
C ALA C 139 -37.82 -17.35 -13.11
N SER C 140 -37.38 -16.13 -12.78
CA SER C 140 -36.65 -15.29 -13.78
C SER C 140 -35.27 -15.87 -14.17
N GLY C 141 -34.62 -16.61 -13.23
CA GLY C 141 -33.41 -17.40 -13.56
C GLY C 141 -33.79 -18.54 -14.51
N VAL C 142 -34.98 -19.14 -14.33
CA VAL C 142 -35.42 -20.17 -15.27
C VAL C 142 -35.69 -19.56 -16.68
N SER C 143 -36.43 -18.43 -16.73
CA SER C 143 -36.77 -17.83 -18.02
C SER C 143 -35.55 -17.33 -18.75
N ILE C 144 -34.58 -16.75 -18.05
CA ILE C 144 -33.45 -16.25 -18.79
C ILE C 144 -32.63 -17.40 -19.38
N THR C 145 -32.63 -18.55 -18.73
CA THR C 145 -31.93 -19.72 -19.26
C THR C 145 -32.62 -20.24 -20.54
N TRP C 146 -33.95 -20.23 -20.55
CA TRP C 146 -34.68 -20.50 -21.77
C TRP C 146 -34.27 -19.49 -22.89
N ALA C 147 -34.23 -18.20 -22.54
CA ALA C 147 -33.85 -17.17 -23.51
C ALA C 147 -32.49 -17.46 -24.05
N HIS C 148 -31.58 -17.92 -23.18
CA HIS C 148 -30.20 -18.15 -23.67
C HIS C 148 -30.21 -19.29 -24.66
N HIS C 149 -30.86 -20.40 -24.29
CA HIS C 149 -30.94 -21.55 -25.18
C HIS C 149 -31.68 -21.21 -26.50
N SER C 150 -32.75 -20.40 -26.45
CA SER C 150 -33.42 -19.99 -27.70
C SER C 150 -32.46 -19.22 -28.64
N LEU C 151 -31.68 -18.33 -28.05
CA LEU C 151 -30.70 -17.57 -28.84
C LEU C 151 -29.67 -18.47 -29.56
N MET C 152 -29.10 -19.40 -28.81
CA MET C 152 -28.08 -20.33 -29.32
C MET C 152 -28.65 -21.24 -30.39
N GLU C 153 -29.95 -21.53 -30.32
CA GLU C 153 -30.63 -22.39 -31.27
C GLU C 153 -31.10 -21.58 -32.47
N GLY C 154 -30.93 -20.27 -32.47
CA GLY C 154 -31.34 -19.49 -33.66
C GLY C 154 -32.79 -19.00 -33.60
N ASP C 155 -33.41 -19.06 -32.44
CA ASP C 155 -34.85 -18.81 -32.32
C ASP C 155 -35.22 -17.40 -31.83
N ARG C 156 -35.47 -16.50 -32.75
CA ARG C 156 -35.74 -15.11 -32.40
C ARG C 156 -36.96 -14.90 -31.49
N LYS C 157 -38.08 -15.55 -31.85
CA LYS C 157 -39.34 -15.25 -31.19
C LYS C 157 -39.25 -15.68 -29.74
N HIS C 158 -38.81 -16.91 -29.54
CA HIS C 158 -38.75 -17.51 -28.20
C HIS C 158 -37.68 -16.86 -27.29
N MET C 159 -36.56 -16.44 -27.89
CA MET C 159 -35.63 -15.59 -27.14
C MET C 159 -36.35 -14.33 -26.66
N LEU C 160 -37.11 -13.67 -27.55
CA LEU C 160 -37.76 -12.42 -27.13
C LEU C 160 -38.84 -12.67 -26.08
N GLN C 161 -39.59 -13.77 -26.22
CA GLN C 161 -40.61 -14.12 -25.20
C GLN C 161 -39.97 -14.36 -23.86
N ALA C 162 -38.98 -15.26 -23.86
CA ALA C 162 -38.26 -15.61 -22.61
C ALA C 162 -37.64 -14.38 -21.93
N LEU C 163 -37.02 -13.52 -22.72
CA LEU C 163 -36.37 -12.33 -22.20
C LEU C 163 -37.40 -11.35 -21.68
N PHE C 164 -38.52 -11.18 -22.42
CA PHE C 164 -39.65 -10.35 -21.89
C PHE C 164 -40.12 -10.84 -20.51
N ILE C 165 -40.31 -12.15 -20.39
CA ILE C 165 -40.79 -12.73 -19.15
C ILE C 165 -39.81 -12.44 -18.04
N THR C 166 -38.53 -12.62 -18.36
CA THR C 166 -37.48 -12.35 -17.37
C THR C 166 -37.54 -10.90 -16.86
N ILE C 167 -37.64 -9.98 -17.79
CA ILE C 167 -37.71 -8.56 -17.42
C ILE C 167 -38.94 -8.27 -16.62
N THR C 168 -40.08 -8.81 -17.06
CA THR C 168 -41.31 -8.54 -16.33
C THR C 168 -41.13 -9.01 -14.89
N LEU C 169 -40.50 -10.19 -14.70
CA LEU C 169 -40.28 -10.71 -13.34
C LEU C 169 -39.39 -9.76 -12.49
N GLY C 170 -38.35 -9.24 -13.10
CA GLY C 170 -37.50 -8.29 -12.33
C GLY C 170 -38.24 -7.04 -11.94
N VAL C 171 -39.07 -6.54 -12.85
CA VAL C 171 -39.93 -5.40 -12.54
C VAL C 171 -40.97 -5.79 -11.45
N TYR C 172 -41.60 -6.97 -11.56
CA TYR C 172 -42.50 -7.42 -10.48
C TYR C 172 -41.78 -7.44 -9.12
N PHE C 173 -40.58 -8.04 -9.07
CA PHE C 173 -39.81 -8.03 -7.80
C PHE C 173 -39.64 -6.60 -7.28
N THR C 174 -39.28 -5.67 -8.19
CA THR C 174 -39.01 -4.28 -7.74
C THR C 174 -40.31 -3.62 -7.16
N LEU C 175 -41.45 -3.83 -7.81
CA LEU C 175 -42.71 -3.23 -7.30
C LEU C 175 -43.08 -3.84 -5.97
N LEU C 176 -42.86 -5.16 -5.88
CA LEU C 176 -43.17 -5.89 -4.63
C LEU C 176 -42.29 -5.38 -3.50
N GLN C 177 -40.99 -5.29 -3.77
CA GLN C 177 -40.13 -4.76 -2.73
C GLN C 177 -40.50 -3.28 -2.35
N ALA C 178 -40.87 -2.45 -3.32
CA ALA C 178 -41.29 -1.07 -2.98
C ALA C 178 -42.53 -1.08 -2.03
N SER C 179 -43.47 -2.01 -2.29
CA SER C 179 -44.65 -2.11 -1.48
C SER C 179 -44.30 -2.66 -0.09
N GLU C 180 -43.49 -3.73 -0.07
CA GLU C 180 -42.98 -4.23 1.22
C GLU C 180 -42.27 -3.13 2.06
N TYR C 181 -41.43 -2.31 1.43
CA TYR C 181 -40.84 -1.12 2.13
C TYR C 181 -41.94 -0.24 2.68
N TYR C 182 -42.96 0.04 1.87
CA TYR C 182 -44.01 0.96 2.38
C TYR C 182 -44.75 0.36 3.59
N GLU C 183 -45.08 -0.93 3.47
CA GLU C 183 -45.89 -1.61 4.48
C GLU C 183 -45.11 -1.92 5.75
N ALA C 184 -43.79 -1.98 5.68
CA ALA C 184 -43.05 -2.41 6.86
C ALA C 184 -43.30 -1.49 8.04
N PRO C 185 -43.58 -2.09 9.23
CA PRO C 185 -43.78 -1.34 10.49
C PRO C 185 -42.47 -0.87 11.13
N PHE C 186 -41.33 -1.38 10.69
CA PHE C 186 -40.04 -0.81 11.13
C PHE C 186 -39.43 -0.03 10.00
N THR C 187 -38.51 0.92 10.33
CA THR C 187 -37.87 1.78 9.35
C THR C 187 -36.32 1.62 9.39
N ILE C 188 -35.63 2.30 8.48
CA ILE C 188 -34.15 2.32 8.48
C ILE C 188 -33.60 2.90 9.79
N SER C 189 -34.42 3.71 10.45
CA SER C 189 -34.02 4.40 11.68
C SER C 189 -34.31 3.63 12.92
N ASP C 190 -34.79 2.40 12.74
CA ASP C 190 -35.13 1.53 13.88
C ASP C 190 -33.92 0.69 14.25
N GLY C 191 -32.90 1.43 14.65
CA GLY C 191 -31.62 0.83 15.10
C GLY C 191 -30.94 -0.04 14.08
N VAL C 192 -30.12 -0.94 14.58
CA VAL C 192 -29.30 -1.73 13.70
C VAL C 192 -30.11 -2.81 12.95
N TYR C 193 -31.25 -3.21 13.52
CA TYR C 193 -32.22 -4.07 12.81
C TYR C 193 -32.66 -3.40 11.49
N GLY C 194 -33.13 -2.16 11.57
CA GLY C 194 -33.52 -1.42 10.36
C GLY C 194 -32.38 -1.16 9.40
N SER C 195 -31.24 -0.76 10.00
CA SER C 195 -30.07 -0.41 9.24
C SER C 195 -29.64 -1.59 8.36
N THR C 196 -29.44 -2.74 8.99
CA THR C 196 -28.85 -3.88 8.23
C THR C 196 -29.90 -4.39 7.24
N PHE C 197 -31.16 -4.38 7.66
CA PHE C 197 -32.27 -4.87 6.75
C PHE C 197 -32.40 -4.04 5.50
N PHE C 198 -32.65 -2.72 5.69
CA PHE C 198 -32.91 -1.82 4.52
C PHE C 198 -31.68 -1.51 3.66
N VAL C 199 -30.52 -1.32 4.30
CA VAL C 199 -29.33 -1.08 3.46
C VAL C 199 -28.94 -2.32 2.61
N ALA C 200 -28.96 -3.52 3.23
CA ALA C 200 -28.65 -4.75 2.46
C ALA C 200 -29.71 -5.06 1.41
N THR C 201 -30.97 -5.09 1.83
CA THR C 201 -32.00 -5.32 0.77
C THR C 201 -32.07 -4.17 -0.25
N GLY C 202 -31.77 -2.95 0.23
CA GLY C 202 -31.80 -1.75 -0.62
C GLY C 202 -30.77 -1.79 -1.71
N PHE C 203 -29.51 -2.08 -1.34
CA PHE C 203 -28.51 -2.28 -2.37
C PHE C 203 -28.89 -3.40 -3.30
N HIS C 204 -29.43 -4.48 -2.73
CA HIS C 204 -29.84 -5.58 -3.59
C HIS C 204 -30.92 -5.08 -4.60
N GLY C 205 -31.86 -4.29 -4.10
CA GLY C 205 -32.95 -3.75 -4.98
C GLY C 205 -32.39 -2.85 -6.06
N LEU C 206 -31.37 -2.07 -5.70
CA LEU C 206 -30.67 -1.26 -6.67
C LEU C 206 -30.08 -2.16 -7.74
N HIS C 207 -29.49 -3.29 -7.32
CA HIS C 207 -28.91 -4.21 -8.31
C HIS C 207 -29.96 -4.95 -9.23
N VAL C 208 -31.08 -5.29 -8.65
CA VAL C 208 -32.23 -5.76 -9.48
C VAL C 208 -32.59 -4.71 -10.57
N ILE C 209 -32.71 -3.42 -10.18
CA ILE C 209 -33.04 -2.32 -11.12
C ILE C 209 -31.97 -2.24 -12.20
N ILE C 210 -30.70 -2.29 -11.77
CA ILE C 210 -29.60 -2.25 -12.71
C ILE C 210 -29.63 -3.44 -13.67
N GLY C 211 -29.81 -4.65 -13.14
CA GLY C 211 -29.81 -5.82 -13.99
C GLY C 211 -31.03 -5.87 -14.92
N SER C 212 -32.16 -5.40 -14.42
CA SER C 212 -33.39 -5.33 -15.28
C SER C 212 -33.14 -4.37 -16.43
N THR C 213 -32.58 -3.19 -16.11
CA THR C 213 -32.18 -2.24 -17.16
C THR C 213 -31.26 -2.92 -18.19
N PHE C 214 -30.26 -3.67 -17.72
CA PHE C 214 -29.31 -4.32 -18.64
C PHE C 214 -30.07 -5.33 -19.54
N LEU C 215 -30.99 -6.09 -18.94
CA LEU C 215 -31.81 -7.04 -19.73
C LEU C 215 -32.64 -6.31 -20.75
N ILE C 216 -33.18 -5.15 -20.36
CA ILE C 216 -33.95 -4.28 -21.31
C ILE C 216 -33.09 -3.83 -22.50
N VAL C 217 -31.86 -3.38 -22.24
CA VAL C 217 -30.99 -3.04 -23.33
C VAL C 217 -30.80 -4.26 -24.24
N CYS C 218 -30.55 -5.45 -23.65
CA CYS C 218 -30.41 -6.68 -24.45
C CYS C 218 -31.69 -6.95 -25.27
N PHE C 219 -32.83 -6.73 -24.64
CA PHE C 219 -34.14 -6.92 -25.34
C PHE C 219 -34.21 -6.10 -26.62
N PHE C 220 -33.94 -4.80 -26.49
CA PHE C 220 -33.97 -3.93 -27.64
C PHE C 220 -32.91 -4.23 -28.67
N ARG C 221 -31.69 -4.57 -28.24
CA ARG C 221 -30.67 -5.05 -29.18
C ARG C 221 -31.11 -6.34 -29.89
N GLN C 222 -31.72 -7.28 -29.14
CA GLN C 222 -32.26 -8.46 -29.81
C GLN C 222 -33.38 -8.05 -30.84
N LEU C 223 -34.23 -7.10 -30.49
CA LEU C 223 -35.28 -6.64 -31.43
C LEU C 223 -34.63 -6.15 -32.74
N LYS C 224 -33.50 -5.46 -32.61
CA LYS C 224 -32.73 -4.90 -33.75
C LYS C 224 -31.71 -5.87 -34.41
N PHE C 225 -31.80 -7.15 -34.03
CA PHE C 225 -31.05 -8.25 -34.64
C PHE C 225 -29.51 -8.20 -34.36
N HIS C 226 -29.09 -7.51 -33.31
CA HIS C 226 -27.61 -7.36 -33.01
C HIS C 226 -26.94 -8.72 -32.74
N PHE C 227 -27.64 -9.61 -32.04
CA PHE C 227 -27.03 -10.86 -31.63
C PHE C 227 -27.06 -11.93 -32.70
N THR C 228 -25.96 -12.67 -32.79
CA THR C 228 -25.93 -13.88 -33.59
C THR C 228 -26.12 -15.03 -32.67
N SER C 229 -26.39 -16.18 -33.29
CA SER C 229 -26.60 -17.40 -32.51
C SER C 229 -25.30 -17.79 -31.81
N ASN C 230 -24.16 -17.22 -32.22
CA ASN C 230 -22.87 -17.57 -31.56
C ASN C 230 -22.15 -16.42 -30.89
N HIS C 231 -22.57 -15.19 -31.16
CA HIS C 231 -21.92 -14.05 -30.63
C HIS C 231 -22.95 -13.07 -30.06
N HIS C 232 -22.98 -13.02 -28.72
CA HIS C 232 -23.93 -12.27 -27.95
C HIS C 232 -23.43 -12.04 -26.53
N PHE C 233 -22.24 -11.48 -26.40
CA PHE C 233 -21.68 -11.42 -25.07
C PHE C 233 -22.44 -10.46 -24.16
N GLY C 234 -23.05 -9.42 -24.71
CA GLY C 234 -23.80 -8.47 -23.88
C GLY C 234 -24.96 -9.20 -23.20
N PHE C 235 -25.53 -10.18 -23.90
CA PHE C 235 -26.59 -10.99 -23.32
C PHE C 235 -26.03 -11.90 -22.22
N GLU C 236 -24.91 -12.57 -22.50
CA GLU C 236 -24.29 -13.48 -21.48
C GLU C 236 -23.93 -12.70 -20.21
N ALA C 237 -23.39 -11.50 -20.41
CA ALA C 237 -23.01 -10.66 -19.27
C ALA C 237 -24.23 -10.26 -18.46
N ALA C 238 -25.33 -9.91 -19.15
CA ALA C 238 -26.56 -9.56 -18.46
C ALA C 238 -27.10 -10.77 -17.69
N ALA C 239 -26.99 -11.96 -18.28
CA ALA C 239 -27.39 -13.18 -17.59
C ALA C 239 -26.51 -13.53 -16.40
N TRP C 240 -25.20 -13.39 -16.54
CA TRP C 240 -24.32 -13.56 -15.36
C TRP C 240 -24.68 -12.60 -14.25
N TYR C 241 -24.85 -11.33 -14.60
CA TYR C 241 -25.22 -10.31 -13.59
C TYR C 241 -26.55 -10.66 -12.93
N TRP C 242 -27.47 -11.17 -13.74
CA TRP C 242 -28.81 -11.50 -13.22
C TRP C 242 -28.74 -12.71 -12.25
N HIS C 243 -27.90 -13.67 -12.61
CA HIS C 243 -27.70 -14.83 -11.69
C HIS C 243 -27.04 -14.38 -10.40
N PHE C 244 -26.09 -13.46 -10.49
CA PHE C 244 -25.54 -12.83 -9.33
C PHE C 244 -26.64 -12.19 -8.47
N VAL C 245 -27.53 -11.45 -9.12
CA VAL C 245 -28.66 -10.77 -8.42
C VAL C 245 -29.55 -11.84 -7.70
N ASP C 246 -29.78 -12.95 -8.39
CA ASP C 246 -30.59 -14.08 -7.82
C ASP C 246 -29.90 -14.67 -6.60
N VAL C 247 -28.59 -14.93 -6.73
CA VAL C 247 -27.83 -15.56 -5.64
C VAL C 247 -27.76 -14.65 -4.43
N VAL C 248 -27.53 -13.36 -4.65
CA VAL C 248 -27.54 -12.43 -3.51
C VAL C 248 -28.87 -12.43 -2.80
N TRP C 249 -29.97 -12.43 -3.60
CA TRP C 249 -31.31 -12.47 -2.95
C TRP C 249 -31.43 -13.70 -2.07
N LEU C 250 -31.07 -14.87 -2.65
CA LEU C 250 -31.14 -16.13 -1.90
C LEU C 250 -30.38 -16.07 -0.56
N PHE C 251 -29.14 -15.56 -0.59
CA PHE C 251 -28.43 -15.36 0.67
C PHE C 251 -29.17 -14.42 1.60
N LEU C 252 -29.64 -13.28 1.09
CA LEU C 252 -30.38 -12.37 1.95
C LEU C 252 -31.60 -13.10 2.56
N TYR C 253 -32.27 -13.91 1.73
CA TYR C 253 -33.55 -14.53 2.14
C TYR C 253 -33.26 -15.45 3.29
N VAL C 254 -32.19 -16.24 3.14
CA VAL C 254 -31.82 -17.22 4.16
C VAL C 254 -31.29 -16.56 5.41
N SER C 255 -30.56 -15.47 5.26
CA SER C 255 -29.77 -14.87 6.34
C SER C 255 -30.44 -13.76 7.09
N ILE C 256 -30.89 -12.77 6.34
CA ILE C 256 -31.35 -11.53 6.89
C ILE C 256 -32.81 -11.55 7.20
N TYR C 257 -33.59 -12.43 6.58
CA TYR C 257 -34.95 -12.70 7.04
C TYR C 257 -34.97 -13.88 8.05
N TYR D 11 18.16 1.70 -33.21
CA TYR D 11 17.72 1.18 -31.84
C TYR D 11 17.36 -0.29 -31.88
N ALA D 12 16.99 -0.74 -33.04
CA ALA D 12 16.76 -2.17 -33.27
C ALA D 12 18.02 -2.92 -33.75
N LEU D 13 19.14 -2.21 -33.98
CA LEU D 13 20.32 -2.85 -34.59
C LEU D 13 21.22 -3.43 -33.53
N PRO D 14 21.98 -4.51 -33.84
CA PRO D 14 22.96 -4.97 -32.85
C PRO D 14 23.89 -3.86 -32.45
N SER D 15 24.25 -3.77 -31.18
CA SER D 15 25.15 -2.67 -30.82
C SER D 15 26.33 -3.11 -29.94
N TYR D 16 27.18 -2.13 -29.70
CA TYR D 16 28.43 -2.36 -28.96
C TYR D 16 28.27 -2.12 -27.44
N VAL D 17 28.89 -2.95 -26.61
CA VAL D 17 28.95 -2.67 -25.18
C VAL D 17 30.33 -3.07 -24.65
N ASP D 18 30.81 -2.35 -23.65
CA ASP D 18 32.00 -2.81 -22.86
C ASP D 18 31.49 -3.35 -21.55
N ARG D 19 31.45 -4.67 -21.45
CA ARG D 19 30.91 -5.31 -20.27
C ARG D 19 31.81 -6.51 -19.96
N ARG D 20 32.19 -6.67 -18.72
CA ARG D 20 33.29 -7.61 -18.47
C ARG D 20 32.78 -9.07 -18.57
N ASP D 21 31.49 -9.31 -18.44
CA ASP D 21 30.96 -10.64 -18.75
C ASP D 21 30.38 -10.75 -20.20
N TYR D 22 30.66 -9.77 -21.03
CA TYR D 22 30.32 -9.90 -22.45
C TYR D 22 31.52 -9.38 -23.26
N PRO D 23 32.67 -10.06 -23.10
CA PRO D 23 33.95 -9.59 -23.67
C PRO D 23 34.00 -9.40 -25.17
N LEU D 24 33.21 -10.17 -25.94
CA LEU D 24 33.17 -10.11 -27.41
C LEU D 24 31.77 -9.66 -27.89
N PRO D 25 31.60 -8.35 -28.06
CA PRO D 25 30.24 -7.87 -28.28
C PRO D 25 29.78 -8.13 -29.69
N ASP D 26 28.50 -7.90 -29.94
CA ASP D 26 27.88 -8.27 -31.19
C ASP D 26 28.45 -7.56 -32.43
N VAL D 27 29.02 -6.35 -32.31
CA VAL D 27 29.56 -5.65 -33.49
C VAL D 27 30.90 -5.08 -33.08
N ALA D 28 31.70 -4.67 -34.04
CA ALA D 28 32.98 -4.04 -33.76
C ALA D 28 32.74 -2.61 -33.36
N HIS D 29 33.65 -2.09 -32.56
CA HIS D 29 33.67 -0.68 -32.18
C HIS D 29 33.68 0.27 -33.39
N VAL D 30 34.51 0.00 -34.40
CA VAL D 30 34.60 0.88 -35.56
C VAL D 30 34.01 0.15 -36.72
N LYS D 31 32.98 0.74 -37.31
CA LYS D 31 32.22 0.09 -38.35
C LYS D 31 32.84 0.37 -39.70
N ASN D 32 32.99 1.65 -40.02
CA ASN D 32 33.50 2.07 -41.35
C ASN D 32 34.99 2.35 -41.31
N LEU D 33 35.75 1.56 -42.06
CA LEU D 33 37.23 1.64 -42.06
C LEU D 33 37.83 2.51 -43.19
N SER D 34 38.73 3.43 -42.82
CA SER D 34 39.60 4.13 -43.78
C SER D 34 40.45 3.19 -44.65
N ALA D 35 41.13 3.80 -45.62
CA ALA D 35 42.07 3.15 -46.50
C ALA D 35 43.03 2.26 -45.74
N SER D 36 43.88 2.85 -44.91
CA SER D 36 44.94 2.08 -44.22
C SER D 36 44.40 1.06 -43.25
N GLN D 37 43.24 1.35 -42.65
CA GLN D 37 42.60 0.41 -41.76
C GLN D 37 42.18 -0.88 -42.43
N LYS D 38 41.76 -0.79 -43.68
CA LYS D 38 41.43 -1.97 -44.46
C LYS D 38 42.66 -2.71 -44.85
N ALA D 39 43.73 -1.98 -45.21
CA ALA D 39 45.04 -2.58 -45.50
C ALA D 39 45.50 -3.37 -44.27
N LEU D 40 45.37 -2.75 -43.10
CA LEU D 40 45.71 -3.44 -41.83
C LEU D 40 44.94 -4.76 -41.60
N LYS D 41 43.64 -4.76 -41.93
CA LYS D 41 42.82 -5.97 -41.80
C LYS D 41 43.33 -7.03 -42.77
N GLU D 42 43.71 -6.62 -43.98
CA GLU D 42 44.26 -7.57 -44.94
C GLU D 42 45.53 -8.19 -44.35
N LYS D 43 46.36 -7.36 -43.73
CA LYS D 43 47.66 -7.81 -43.13
C LYS D 43 47.51 -8.84 -42.01
N GLU D 44 46.37 -8.72 -41.31
CA GLU D 44 45.94 -9.55 -40.16
C GLU D 44 45.74 -10.99 -40.59
N LYS D 45 45.53 -11.18 -41.89
CA LYS D 45 45.29 -12.51 -42.47
C LYS D 45 46.59 -13.30 -42.62
N ALA D 46 47.72 -12.60 -42.63
CA ALA D 46 49.07 -13.22 -42.60
C ALA D 46 49.52 -13.27 -41.15
N SER D 47 50.71 -13.83 -40.89
CA SER D 47 51.21 -14.02 -39.53
C SER D 47 51.14 -12.75 -38.70
N TRP D 48 50.69 -12.90 -37.46
CA TRP D 48 50.65 -11.79 -36.50
C TRP D 48 52.05 -11.39 -35.97
N SER D 49 53.03 -12.30 -36.03
CA SER D 49 54.42 -11.97 -35.65
C SER D 49 54.92 -10.83 -36.52
N SER D 50 54.35 -10.73 -37.72
CA SER D 50 54.75 -9.71 -38.70
C SER D 50 54.08 -8.38 -38.54
N LEU D 51 53.12 -8.27 -37.64
CA LEU D 51 52.52 -6.99 -37.24
C LEU D 51 53.37 -6.37 -36.15
N SER D 52 53.50 -5.04 -36.18
CA SER D 52 54.13 -4.30 -35.08
C SER D 52 53.22 -4.22 -33.87
N ILE D 53 53.82 -3.76 -32.77
CA ILE D 53 53.08 -3.43 -31.55
C ILE D 53 51.96 -2.39 -31.82
N ASP D 54 52.29 -1.34 -32.56
CA ASP D 54 51.32 -0.26 -32.92
C ASP D 54 50.11 -0.76 -33.74
N GLU D 55 50.39 -1.70 -34.64
CA GLU D 55 49.38 -2.29 -35.51
C GLU D 55 48.43 -3.21 -34.73
N LYS D 56 48.96 -3.93 -33.75
CA LYS D 56 48.21 -4.81 -32.86
C LYS D 56 47.27 -4.07 -31.95
N VAL D 57 47.73 -2.89 -31.51
CA VAL D 57 46.91 -1.95 -30.76
C VAL D 57 45.82 -1.34 -31.64
N GLU D 58 46.19 -0.93 -32.85
CA GLU D 58 45.23 -0.40 -33.78
C GLU D 58 44.16 -1.46 -34.09
N LEU D 59 44.53 -2.71 -34.37
CA LEU D 59 43.54 -3.79 -34.54
C LEU D 59 42.59 -3.89 -33.30
N TYR D 60 43.23 -3.86 -32.12
CA TYR D 60 42.51 -3.90 -30.87
C TYR D 60 41.44 -2.83 -30.85
N ARG D 61 41.87 -1.59 -31.09
CA ARG D 61 40.97 -0.44 -31.03
C ARG D 61 39.98 -0.33 -32.18
N LEU D 62 40.13 -1.06 -33.29
CA LEU D 62 39.01 -1.15 -34.27
C LEU D 62 37.90 -2.05 -33.72
N LYS D 63 38.30 -3.14 -33.06
CA LYS D 63 37.35 -4.10 -32.51
C LYS D 63 36.66 -3.59 -31.23
N PHE D 64 37.46 -2.95 -30.37
CA PHE D 64 37.01 -2.55 -29.04
C PHE D 64 37.16 -1.07 -28.76
N LYS D 65 36.27 -0.58 -27.92
CA LYS D 65 36.31 0.80 -27.43
C LYS D 65 37.28 0.90 -26.25
N GLU D 66 36.87 0.44 -25.07
CA GLU D 66 37.75 0.47 -23.90
C GLU D 66 38.36 -0.90 -23.63
N SER D 67 39.59 -0.93 -23.14
CA SER D 67 40.17 -2.16 -22.64
C SER D 67 39.52 -2.56 -21.32
N PHE D 68 39.84 -3.76 -20.85
CA PHE D 68 39.38 -4.19 -19.55
C PHE D 68 39.78 -3.29 -18.40
N ALA D 69 41.03 -2.84 -18.43
CA ALA D 69 41.55 -1.93 -17.40
C ALA D 69 40.86 -0.57 -17.39
N GLU D 70 40.60 -0.06 -18.59
CA GLU D 70 39.89 1.20 -18.72
C GLU D 70 38.45 1.03 -18.25
N MET D 71 37.74 0.04 -18.78
CA MET D 71 36.33 -0.12 -18.38
C MET D 71 36.19 -0.42 -16.88
N ASN D 72 37.16 -1.09 -16.30
CA ASN D 72 37.18 -1.32 -14.86
C ASN D 72 37.79 -0.22 -13.99
N ARG D 73 38.18 0.91 -14.56
CA ARG D 73 38.90 1.89 -13.75
C ARG D 73 38.10 2.34 -12.56
N SER D 74 38.78 2.75 -11.52
CA SER D 74 38.16 3.38 -10.37
C SER D 74 37.97 4.85 -10.71
N THR D 75 37.14 5.56 -9.96
CA THR D 75 36.89 6.98 -10.19
C THR D 75 36.90 7.75 -8.89
N ASN D 76 36.90 9.06 -9.01
CA ASN D 76 36.80 9.91 -7.82
C ASN D 76 35.34 10.33 -7.52
N GLU D 77 34.36 9.69 -8.16
CA GLU D 77 32.94 10.20 -8.07
C GLU D 77 32.46 10.22 -6.64
N TRP D 78 32.92 9.26 -5.83
CA TRP D 78 32.49 9.22 -4.44
C TRP D 78 32.75 10.51 -3.68
N LYS D 79 33.85 11.21 -4.00
CA LYS D 79 34.18 12.44 -3.30
C LYS D 79 33.17 13.51 -3.64
N THR D 80 32.87 13.64 -4.92
CA THR D 80 31.84 14.62 -5.37
C THR D 80 30.49 14.31 -4.71
N VAL D 81 30.11 13.02 -4.66
CA VAL D 81 28.79 12.64 -4.12
C VAL D 81 28.70 12.88 -2.62
N VAL D 82 29.70 12.36 -1.88
CA VAL D 82 29.72 12.59 -0.47
C VAL D 82 29.85 14.07 -0.11
N GLY D 83 30.70 14.80 -0.83
CA GLY D 83 30.91 16.19 -0.50
C GLY D 83 29.66 16.99 -0.79
N ALA D 84 29.08 16.75 -1.96
CA ALA D 84 27.86 17.46 -2.35
C ALA D 84 26.73 17.13 -1.38
N ALA D 85 26.62 15.88 -0.99
CA ALA D 85 25.56 15.52 -0.04
C ALA D 85 25.74 16.28 1.25
N MET D 86 26.98 16.33 1.71
CA MET D 86 27.27 17.04 2.93
C MET D 86 26.94 18.53 2.79
N PHE D 87 27.19 19.14 1.60
CA PHE D 87 26.83 20.58 1.42
C PHE D 87 25.33 20.74 1.54
N PHE D 88 24.60 19.82 0.91
CA PHE D 88 23.09 19.89 0.96
C PHE D 88 22.56 19.68 2.35
N ILE D 89 23.19 18.78 3.08
CA ILE D 89 22.82 18.59 4.43
C ILE D 89 23.12 19.84 5.27
N GLY D 90 24.26 20.47 4.99
CA GLY D 90 24.61 21.73 5.65
C GLY D 90 23.61 22.81 5.34
N PHE D 91 23.23 22.92 4.07
CA PHE D 91 22.20 23.89 3.65
C PHE D 91 20.94 23.67 4.47
N THR D 92 20.61 22.41 4.72
CA THR D 92 19.44 22.11 5.54
C THR D 92 19.54 22.76 6.89
N ALA D 93 20.72 22.74 7.50
CA ALA D 93 20.81 23.38 8.78
C ALA D 93 20.53 24.90 8.72
N LEU D 94 20.82 25.53 7.57
CA LEU D 94 20.45 26.97 7.39
C LEU D 94 18.92 27.19 7.43
N LEU D 95 18.22 26.24 6.82
CA LEU D 95 16.76 26.26 6.86
C LEU D 95 16.27 26.13 8.28
N LEU D 96 16.92 25.26 9.06
CA LEU D 96 16.52 25.05 10.46
C LEU D 96 16.78 26.24 11.34
N ILE D 97 17.92 26.92 11.13
CA ILE D 97 18.21 28.18 11.82
C ILE D 97 17.13 29.22 11.45
N TRP D 98 16.85 29.31 10.15
CA TRP D 98 15.84 30.24 9.70
C TRP D 98 14.52 29.84 10.38
N GLU D 99 14.22 28.55 10.50
CA GLU D 99 12.98 28.08 11.17
C GLU D 99 12.97 28.44 12.65
N LYS D 100 14.09 28.24 13.32
CA LYS D 100 14.12 28.50 14.76
C LYS D 100 13.99 30.02 15.04
N HIS D 101 14.65 30.82 14.23
CA HIS D 101 14.60 32.27 14.42
C HIS D 101 13.19 32.77 14.09
N TYR D 102 12.64 32.43 12.92
CA TYR D 102 11.45 33.14 12.39
C TYR D 102 10.10 32.40 12.51
N VAL D 103 10.11 31.12 12.85
CA VAL D 103 8.85 30.37 12.95
C VAL D 103 8.49 30.05 14.37
N TYR D 104 9.45 29.50 15.12
CA TYR D 104 9.22 29.08 16.51
C TYR D 104 9.20 30.25 17.50
N GLY D 105 8.22 30.28 18.39
CA GLY D 105 8.19 31.17 19.56
C GLY D 105 8.84 30.47 20.74
N PRO D 106 8.65 30.97 21.95
CA PRO D 106 9.35 30.40 23.10
C PRO D 106 8.80 29.06 23.45
N ILE D 107 9.58 28.23 24.09
CA ILE D 107 9.07 26.98 24.62
C ILE D 107 8.39 27.23 25.96
N PRO D 108 7.69 26.22 26.52
CA PRO D 108 7.04 26.38 27.83
C PRO D 108 8.01 26.62 28.96
N HIS D 109 7.50 27.24 30.04
CA HIS D 109 8.31 27.67 31.16
C HIS D 109 8.94 26.50 31.91
N THR D 110 8.44 25.28 31.66
CA THR D 110 8.89 24.07 32.36
C THR D 110 10.30 23.63 32.00
N PHE D 111 10.82 24.27 30.93
CA PHE D 111 12.18 24.09 30.49
C PHE D 111 13.21 25.06 31.13
N GLU D 112 12.76 26.03 31.86
CA GLU D 112 13.68 26.78 32.70
C GLU D 112 14.51 25.95 33.69
N GLU D 113 15.76 26.38 33.89
CA GLU D 113 16.74 25.62 34.68
C GLU D 113 16.24 25.29 36.07
N GLU D 114 15.56 26.26 36.71
CA GLU D 114 15.04 26.08 38.08
C GLU D 114 13.89 25.08 38.11
N TRP D 115 12.98 25.19 37.13
CA TRP D 115 11.91 24.21 37.02
C TRP D 115 12.50 22.80 36.86
N VAL D 116 13.48 22.67 35.98
CA VAL D 116 14.08 21.37 35.72
C VAL D 116 14.73 20.77 36.96
N ALA D 117 15.34 21.62 37.77
CA ALA D 117 16.00 21.23 39.01
C ALA D 117 14.97 20.77 40.02
N LYS D 118 13.86 21.48 40.12
CA LYS D 118 12.81 21.04 41.04
C LYS D 118 12.11 19.76 40.59
N GLN D 119 11.83 19.72 39.30
CA GLN D 119 11.20 18.61 38.69
C GLN D 119 11.99 17.34 38.84
N THR D 120 13.32 17.48 38.72
CA THR D 120 14.28 16.36 38.81
C THR D 120 14.24 15.82 40.24
N LYS D 121 14.27 16.71 41.24
CA LYS D 121 14.16 16.28 42.64
C LYS D 121 12.88 15.50 42.86
N ARG D 122 11.76 16.09 42.41
CA ARG D 122 10.45 15.42 42.53
C ARG D 122 10.43 14.05 41.84
N MET D 123 11.00 13.97 40.62
CA MET D 123 11.14 12.68 39.96
C MET D 123 11.98 11.70 40.83
N LEU D 124 13.04 12.16 41.53
CA LEU D 124 13.81 11.25 42.42
C LEU D 124 13.03 10.89 43.68
N ASP D 125 12.21 11.83 44.13
CA ASP D 125 11.41 11.65 45.35
C ASP D 125 10.30 10.63 45.08
N MET D 126 9.79 10.57 43.84
CA MET D 126 8.80 9.55 43.52
C MET D 126 9.52 8.32 42.94
N LYS D 127 10.85 8.37 42.88
CA LYS D 127 11.66 7.18 42.50
C LYS D 127 11.32 6.71 41.07
N VAL D 128 11.28 7.68 40.16
CA VAL D 128 10.97 7.43 38.77
C VAL D 128 12.07 6.52 38.25
N ALA D 129 11.66 5.40 37.64
CA ALA D 129 12.59 4.44 37.04
C ALA D 129 13.76 4.08 38.00
N PRO D 130 13.44 3.40 39.12
CA PRO D 130 14.41 3.12 40.18
C PRO D 130 15.20 1.84 39.99
N ILE D 131 14.85 1.06 39.00
CA ILE D 131 15.55 -0.18 38.79
C ILE D 131 16.69 0.09 37.82
N GLN D 132 16.48 0.84 36.75
CA GLN D 132 17.53 1.10 35.78
C GLN D 132 17.53 2.49 35.27
N GLY D 133 16.39 3.04 34.97
CA GLY D 133 16.33 4.13 34.03
C GLY D 133 16.77 5.50 34.53
N PHE D 134 16.40 5.84 35.75
CA PHE D 134 16.61 7.22 36.18
C PHE D 134 17.07 7.36 37.64
N SER D 135 16.16 7.10 38.58
CA SER D 135 16.51 7.15 39.99
C SER D 135 17.55 6.12 40.32
N ALA D 136 17.62 5.05 39.50
CA ALA D 136 18.66 4.03 39.65
C ALA D 136 20.02 4.68 39.63
N LYS D 137 20.11 5.87 39.03
CA LYS D 137 21.39 6.51 38.73
C LYS D 137 21.70 7.58 39.73
N TRP D 138 20.85 7.71 40.75
CA TRP D 138 21.01 8.66 41.83
C TRP D 138 21.40 7.92 43.09
N ASP D 139 22.41 8.41 43.80
CA ASP D 139 22.82 7.81 45.07
C ASP D 139 22.03 8.48 46.20
N TYR D 140 21.08 7.73 46.74
CA TYR D 140 20.27 8.18 47.85
C TYR D 140 21.01 8.24 49.17
N ASP D 141 22.09 7.50 49.33
CA ASP D 141 22.86 7.59 50.58
C ASP D 141 23.67 8.84 50.53
N LYS D 142 24.41 8.99 49.45
CA LYS D 142 25.31 10.13 49.30
C LYS D 142 24.64 11.38 48.73
N ASN D 143 23.36 11.29 48.35
CA ASN D 143 22.62 12.49 47.92
C ASN D 143 23.31 13.18 46.70
N GLU D 144 23.84 12.36 45.78
CA GLU D 144 24.49 12.78 44.49
C GLU D 144 24.18 11.70 43.41
N TRP D 145 24.42 12.05 42.13
CA TRP D 145 24.45 11.08 41.02
C TRP D 145 25.59 10.07 41.17
N LYS D 146 25.34 8.81 40.89
CA LYS D 146 26.37 7.78 41.01
C LYS D 146 27.61 8.02 40.14
N THR E 7 32.16 -34.56 -15.09
CA THR E 7 33.39 -34.07 -14.39
C THR E 7 33.81 -32.66 -14.83
N ASP E 8 34.77 -32.11 -14.09
CA ASP E 8 35.64 -31.08 -14.61
C ASP E 8 36.19 -31.56 -15.98
N GLU E 9 36.79 -32.75 -16.04
CA GLU E 9 37.40 -33.20 -17.32
C GLU E 9 36.41 -33.17 -18.48
N GLU E 10 35.20 -33.65 -18.28
CA GLU E 10 34.22 -33.68 -19.38
C GLU E 10 33.77 -32.29 -19.88
N PHE E 11 33.67 -31.33 -18.96
CA PHE E 11 33.29 -29.94 -19.27
C PHE E 11 34.42 -29.32 -20.12
N ASP E 12 35.63 -29.50 -19.64
CA ASP E 12 36.77 -29.00 -20.37
C ASP E 12 36.80 -29.51 -21.81
N ALA E 13 36.70 -30.84 -21.98
CA ALA E 13 36.83 -31.44 -23.30
C ALA E 13 35.69 -31.02 -24.25
N ARG E 14 34.47 -30.79 -23.72
CA ARG E 14 33.39 -30.26 -24.55
C ARG E 14 33.80 -28.92 -25.09
N TRP E 15 34.33 -28.08 -24.22
CA TRP E 15 34.72 -26.72 -24.62
C TRP E 15 35.93 -26.67 -25.54
N VAL E 16 36.90 -27.51 -25.27
CA VAL E 16 38.02 -27.60 -26.22
C VAL E 16 37.48 -28.01 -27.60
N THR E 17 36.70 -29.07 -27.61
CA THR E 17 36.13 -29.54 -28.86
C THR E 17 35.32 -28.46 -29.54
N TYR E 18 34.51 -27.72 -28.79
CA TYR E 18 33.76 -26.57 -29.35
C TYR E 18 34.66 -25.60 -30.14
N PHE E 19 35.71 -25.08 -29.50
CA PHE E 19 36.59 -24.08 -30.11
C PHE E 19 37.44 -24.64 -31.24
N ASN E 20 37.60 -25.97 -31.26
CA ASN E 20 38.43 -26.58 -32.27
C ASN E 20 37.75 -26.78 -33.60
N LYS E 21 36.45 -26.51 -33.68
CA LYS E 21 35.74 -26.73 -34.94
C LYS E 21 36.45 -26.01 -36.08
N PRO E 22 36.99 -26.76 -37.07
CA PRO E 22 37.82 -26.08 -38.07
C PRO E 22 37.09 -24.90 -38.69
N ASP E 23 35.83 -25.05 -39.07
CA ASP E 23 35.06 -23.93 -39.68
C ASP E 23 34.17 -23.18 -38.68
N ILE E 24 34.53 -23.19 -37.41
CA ILE E 24 33.86 -22.31 -36.44
C ILE E 24 33.72 -20.92 -37.04
N ASP E 25 32.57 -20.30 -36.89
CA ASP E 25 32.45 -18.92 -37.43
C ASP E 25 32.56 -17.90 -36.29
N ALA E 26 32.40 -16.63 -36.64
CA ALA E 26 32.63 -15.55 -35.72
C ALA E 26 31.53 -15.51 -34.66
N TRP E 27 30.27 -15.71 -35.08
CA TRP E 27 29.16 -15.75 -34.12
C TRP E 27 29.45 -16.80 -33.05
N GLU E 28 29.83 -17.99 -33.51
CA GLU E 28 30.13 -19.11 -32.64
C GLU E 28 31.27 -18.88 -31.65
N LEU E 29 32.29 -18.15 -32.08
CA LEU E 29 33.42 -17.78 -31.20
C LEU E 29 32.99 -16.82 -30.10
N ARG E 30 32.24 -15.80 -30.48
CA ARG E 30 31.73 -14.88 -29.50
C ARG E 30 30.76 -15.57 -28.53
N LYS E 31 29.85 -16.40 -29.05
CA LYS E 31 28.90 -17.07 -28.20
C LYS E 31 29.66 -17.98 -27.19
N GLY E 32 30.70 -18.62 -27.69
CA GLY E 32 31.51 -19.51 -26.86
C GLY E 32 32.10 -18.78 -25.68
N MET E 33 32.82 -17.70 -25.98
CA MET E 33 33.51 -16.95 -24.93
C MET E 33 32.56 -16.22 -23.99
N ASN E 34 31.55 -15.58 -24.54
CA ASN E 34 30.60 -14.89 -23.70
C ASN E 34 29.87 -15.86 -22.76
N THR E 35 29.56 -17.08 -23.25
CA THR E 35 28.93 -18.11 -22.39
C THR E 35 29.86 -18.57 -21.28
N LEU E 36 31.09 -18.76 -21.67
CA LEU E 36 32.08 -19.39 -20.77
C LEU E 36 32.38 -18.51 -19.53
N VAL E 37 32.47 -17.21 -19.74
CA VAL E 37 32.77 -16.28 -18.65
C VAL E 37 31.61 -16.01 -17.71
N GLY E 38 30.46 -16.65 -17.99
CA GLY E 38 29.34 -16.60 -17.05
C GLY E 38 29.52 -17.59 -15.91
N TYR E 39 30.37 -18.59 -16.12
CA TYR E 39 30.59 -19.61 -15.13
C TYR E 39 31.52 -19.16 -13.99
N ASP E 40 31.34 -19.80 -12.85
CA ASP E 40 32.21 -19.63 -11.70
C ASP E 40 33.49 -20.43 -11.97
N LEU E 41 34.35 -19.87 -12.81
CA LEU E 41 35.63 -20.52 -13.11
C LEU E 41 36.44 -19.65 -14.03
N VAL E 42 37.77 -19.76 -13.92
CA VAL E 42 38.66 -19.20 -14.92
C VAL E 42 38.94 -20.38 -15.84
N PRO E 43 38.64 -20.25 -17.14
CA PRO E 43 38.83 -21.39 -18.04
C PRO E 43 40.30 -21.93 -18.05
N GLU E 44 40.42 -23.24 -18.13
CA GLU E 44 41.70 -23.93 -18.30
C GLU E 44 42.52 -23.51 -19.52
N PRO E 45 43.87 -23.54 -19.39
CA PRO E 45 44.70 -23.19 -20.54
C PRO E 45 44.30 -23.84 -21.86
N LYS E 46 43.92 -25.11 -21.83
CA LYS E 46 43.66 -25.84 -23.05
C LYS E 46 42.35 -25.39 -23.69
N ILE E 47 41.36 -24.91 -22.92
CA ILE E 47 40.22 -24.23 -23.53
C ILE E 47 40.67 -22.93 -24.19
N ILE E 48 41.44 -22.12 -23.45
CA ILE E 48 41.83 -20.80 -23.97
C ILE E 48 42.70 -20.99 -25.21
N ASP E 49 43.64 -21.93 -25.12
CA ASP E 49 44.45 -22.34 -26.28
C ASP E 49 43.56 -22.58 -27.52
N ALA E 50 42.58 -23.47 -27.33
CA ALA E 50 41.67 -23.79 -28.43
C ALA E 50 40.91 -22.56 -28.93
N ALA E 51 40.49 -21.68 -28.02
CA ALA E 51 39.85 -20.39 -28.38
C ALA E 51 40.76 -19.44 -29.18
N LEU E 52 41.98 -19.30 -28.73
CA LEU E 52 42.97 -18.47 -29.41
C LEU E 52 43.21 -18.92 -30.86
N ARG E 53 43.29 -20.25 -31.05
CA ARG E 53 43.52 -20.81 -32.38
C ARG E 53 42.31 -20.63 -33.29
N ALA E 54 41.10 -20.71 -32.72
CA ALA E 54 39.92 -20.27 -33.48
C ALA E 54 40.06 -18.81 -33.95
N CYS E 55 40.54 -17.96 -33.05
CA CYS E 55 40.73 -16.54 -33.43
C CYS E 55 41.67 -16.47 -34.60
N ARG E 56 42.73 -17.28 -34.55
CA ARG E 56 43.68 -17.38 -35.65
C ARG E 56 42.97 -17.81 -36.92
N ARG E 57 42.25 -18.95 -36.88
CA ARG E 57 41.57 -19.41 -38.07
C ARG E 57 40.61 -18.33 -38.56
N LEU E 58 40.09 -17.51 -37.66
CA LEU E 58 39.11 -16.49 -38.01
C LEU E 58 39.78 -15.17 -38.30
N ASN E 59 41.10 -15.14 -38.27
CA ASN E 59 41.88 -13.96 -38.59
C ASN E 59 41.54 -12.81 -37.68
N ASP E 60 41.33 -13.10 -36.39
CA ASP E 60 40.82 -12.12 -35.43
C ASP E 60 41.84 -11.97 -34.27
N PHE E 61 42.79 -11.07 -34.46
CA PHE E 61 43.85 -10.79 -33.48
C PHE E 61 43.29 -10.09 -32.27
N ALA E 62 42.39 -9.12 -32.50
CA ALA E 62 41.87 -8.35 -31.35
C ALA E 62 41.13 -9.27 -30.39
N SER E 63 40.31 -10.17 -30.90
CA SER E 63 39.56 -11.04 -29.96
C SER E 63 40.52 -11.96 -29.18
N ALA E 64 41.65 -12.32 -29.78
CA ALA E 64 42.70 -13.08 -29.03
C ALA E 64 43.20 -12.31 -27.81
N VAL E 65 43.47 -11.00 -27.99
CA VAL E 65 43.90 -10.15 -26.85
C VAL E 65 42.81 -10.01 -25.77
N ARG E 66 41.58 -9.86 -26.24
CA ARG E 66 40.44 -9.66 -25.35
C ARG E 66 40.25 -10.95 -24.55
N ILE E 67 40.42 -12.10 -25.20
CA ILE E 67 40.29 -13.37 -24.49
C ILE E 67 41.29 -13.44 -23.32
N LEU E 68 42.52 -12.99 -23.52
CA LEU E 68 43.48 -13.01 -22.40
C LEU E 68 43.04 -12.02 -21.31
N GLU E 69 42.50 -10.85 -21.67
CA GLU E 69 42.03 -9.91 -20.65
C GLU E 69 40.94 -10.55 -19.80
N VAL E 70 40.09 -11.36 -20.43
CA VAL E 70 38.95 -11.85 -19.68
C VAL E 70 39.35 -13.02 -18.80
N VAL E 71 40.38 -13.75 -19.18
CA VAL E 71 40.99 -14.71 -18.25
C VAL E 71 41.48 -14.04 -16.99
N LYS E 72 42.20 -12.91 -17.13
CA LYS E 72 42.68 -12.13 -15.97
C LYS E 72 41.50 -11.67 -15.18
N ASP E 73 40.49 -11.11 -15.85
CA ASP E 73 39.37 -10.50 -15.11
C ASP E 73 38.61 -11.48 -14.17
N LYS E 74 38.41 -12.69 -14.74
CA LYS E 74 37.66 -13.79 -14.09
C LYS E 74 38.36 -14.33 -12.87
N ALA E 75 39.67 -14.17 -12.83
CA ALA E 75 40.51 -14.50 -11.65
C ALA E 75 40.24 -13.63 -10.37
N GLY E 76 39.70 -12.41 -10.56
CA GLY E 76 39.42 -11.55 -9.43
C GLY E 76 40.67 -11.27 -8.65
N PRO E 77 40.63 -11.38 -7.31
CA PRO E 77 41.76 -10.93 -6.48
C PRO E 77 42.84 -12.01 -6.32
N HIS E 78 42.59 -13.14 -7.00
CA HIS E 78 43.53 -14.25 -6.99
C HIS E 78 44.63 -14.06 -8.05
N LYS E 79 45.69 -13.32 -7.71
CA LYS E 79 46.64 -12.71 -8.72
C LYS E 79 47.65 -13.69 -9.36
N GLU E 80 47.62 -14.96 -8.89
CA GLU E 80 48.49 -16.08 -9.40
C GLU E 80 47.97 -16.89 -10.62
N ILE E 81 46.66 -16.82 -10.88
CA ILE E 81 46.07 -17.56 -11.97
C ILE E 81 46.43 -16.99 -13.34
N TYR E 82 46.32 -15.65 -13.56
CA TYR E 82 46.76 -15.05 -14.86
C TYR E 82 48.24 -15.37 -15.15
N PRO E 83 49.19 -14.97 -14.25
CA PRO E 83 50.60 -15.29 -14.60
C PRO E 83 50.69 -16.71 -15.03
N TYR E 84 50.13 -17.60 -14.24
CA TYR E 84 50.20 -19.03 -14.54
C TYR E 84 49.61 -19.39 -15.93
N VAL E 85 48.40 -18.92 -16.23
CA VAL E 85 47.80 -19.33 -17.50
C VAL E 85 48.70 -18.84 -18.66
N ILE E 86 49.30 -17.66 -18.50
CA ILE E 86 50.19 -17.11 -19.51
C ILE E 86 51.41 -18.01 -19.72
N GLN E 87 51.99 -18.47 -18.64
CA GLN E 87 53.10 -19.36 -18.74
C GLN E 87 52.67 -20.54 -19.56
N GLU E 88 51.54 -21.11 -19.24
CA GLU E 88 51.08 -22.29 -19.95
C GLU E 88 50.70 -22.00 -21.43
N LEU E 89 50.43 -20.73 -21.79
CA LEU E 89 50.02 -20.39 -23.15
C LEU E 89 51.18 -19.94 -24.01
N ARG E 90 52.35 -19.65 -23.41
CA ARG E 90 53.50 -19.03 -24.15
C ARG E 90 53.87 -19.66 -25.48
N PRO E 91 53.93 -21.01 -25.53
CA PRO E 91 54.23 -21.64 -26.83
C PRO E 91 53.23 -21.27 -27.92
N THR E 92 51.95 -21.23 -27.56
CA THR E 92 50.89 -20.79 -28.48
C THR E 92 50.99 -19.29 -28.78
N LEU E 93 51.25 -18.49 -27.76
CA LEU E 93 51.41 -17.04 -27.96
C LEU E 93 52.59 -16.78 -28.91
N ASN E 94 53.70 -17.46 -28.67
CA ASN E 94 54.90 -17.30 -29.51
C ASN E 94 54.62 -17.72 -30.94
N GLU E 95 54.06 -18.91 -31.06
CA GLU E 95 53.81 -19.50 -32.36
C GLU E 95 52.80 -18.70 -33.20
N LEU E 96 51.80 -18.09 -32.59
CA LEU E 96 50.80 -17.35 -33.35
C LEU E 96 51.06 -15.84 -33.38
N GLY E 97 52.09 -15.41 -32.67
CA GLY E 97 52.39 -13.99 -32.56
C GLY E 97 51.30 -13.20 -31.88
N ILE E 98 50.67 -13.82 -30.88
CA ILE E 98 49.69 -13.14 -30.03
C ILE E 98 50.43 -12.44 -28.90
N SER E 99 50.42 -11.11 -28.89
CA SER E 99 50.91 -10.32 -27.76
C SER E 99 49.86 -10.29 -26.66
N THR E 100 50.34 -10.20 -25.41
CA THR E 100 49.51 -9.97 -24.21
C THR E 100 49.06 -8.51 -24.06
N PRO E 101 47.96 -8.26 -23.29
CA PRO E 101 47.50 -6.92 -22.94
C PRO E 101 48.59 -6.08 -22.32
N GLU E 102 49.40 -6.71 -21.48
CA GLU E 102 50.48 -6.02 -20.76
C GLU E 102 51.53 -5.59 -21.80
N GLU E 103 51.88 -6.51 -22.68
CA GLU E 103 52.82 -6.21 -23.80
C GLU E 103 52.29 -5.12 -24.73
N LEU E 104 50.99 -4.85 -24.74
CA LEU E 104 50.41 -3.84 -25.60
C LEU E 104 50.11 -2.54 -24.86
N GLY E 105 50.37 -2.50 -23.55
CA GLY E 105 50.01 -1.36 -22.71
C GLY E 105 48.52 -1.29 -22.41
N LEU E 106 47.79 -2.32 -22.80
CA LEU E 106 46.32 -2.32 -22.58
C LEU E 106 45.85 -2.53 -21.10
N ASP E 107 46.81 -2.66 -20.18
CA ASP E 107 46.52 -2.68 -18.76
C ASP E 107 46.65 -1.35 -18.04
N LYS E 108 46.93 -0.22 -18.71
CA LYS E 108 47.16 1.04 -17.97
C LYS E 108 45.94 1.94 -18.04
N GLY F 3 -38.84 -22.06 -35.20
CA GLY F 3 -38.62 -20.77 -35.88
C GLY F 3 -37.16 -20.42 -35.84
N GLY F 4 -36.77 -19.46 -36.67
CA GLY F 4 -35.37 -18.96 -36.76
C GLY F 4 -35.42 -17.46 -36.49
N GLY F 5 -34.79 -16.64 -37.34
CA GLY F 5 -34.80 -15.17 -37.16
C GLY F 5 -33.50 -14.59 -36.53
N VAL F 6 -32.59 -15.46 -36.05
CA VAL F 6 -31.33 -14.99 -35.42
C VAL F 6 -30.20 -15.12 -36.45
N PRO F 7 -29.55 -13.99 -36.78
CA PRO F 7 -28.47 -14.08 -37.77
C PRO F 7 -27.33 -14.99 -37.29
N THR F 8 -26.57 -15.53 -38.24
CA THR F 8 -25.39 -16.30 -37.91
C THR F 8 -24.14 -15.40 -38.10
N ASP F 9 -23.05 -15.81 -37.53
CA ASP F 9 -21.76 -15.11 -37.76
C ASP F 9 -21.42 -15.05 -39.25
N GLU F 10 -21.64 -16.15 -39.93
CA GLU F 10 -21.40 -16.21 -41.35
C GLU F 10 -22.16 -15.10 -42.08
N GLU F 11 -23.39 -14.81 -41.64
CA GLU F 11 -24.19 -13.79 -42.28
C GLU F 11 -23.79 -12.40 -41.85
N GLN F 12 -23.47 -12.19 -40.57
CA GLN F 12 -23.41 -10.82 -40.06
C GLN F 12 -22.08 -10.37 -39.44
N ALA F 13 -21.16 -11.30 -39.13
CA ALA F 13 -19.83 -10.90 -38.60
C ALA F 13 -19.16 -10.03 -39.63
N THR F 14 -18.49 -9.01 -39.15
CA THR F 14 -17.91 -8.00 -40.03
C THR F 14 -16.48 -7.61 -39.52
N GLY F 15 -15.90 -6.65 -40.19
CA GLY F 15 -14.52 -6.17 -39.87
C GLY F 15 -13.53 -7.25 -39.48
N LEU F 16 -12.77 -6.99 -38.43
CA LEU F 16 -11.66 -7.90 -38.09
C LEU F 16 -12.17 -9.26 -37.60
N GLU F 17 -13.30 -9.27 -36.90
CA GLU F 17 -13.88 -10.54 -36.43
C GLU F 17 -14.11 -11.40 -37.64
N ARG F 18 -14.67 -10.79 -38.72
CA ARG F 18 -14.96 -11.56 -39.91
C ARG F 18 -13.63 -12.01 -40.54
N GLU F 19 -12.66 -11.13 -40.62
CA GLU F 19 -11.37 -11.55 -41.22
C GLU F 19 -10.80 -12.75 -40.51
N VAL F 20 -10.83 -12.73 -39.19
CA VAL F 20 -10.26 -13.82 -38.38
C VAL F 20 -11.01 -15.15 -38.59
N MET F 21 -12.34 -15.06 -38.57
CA MET F 21 -13.21 -16.22 -38.85
C MET F 21 -12.93 -16.83 -40.22
N LEU F 22 -12.87 -16.01 -41.24
CA LEU F 22 -12.67 -16.56 -42.60
C LEU F 22 -11.29 -17.12 -42.76
N ALA F 23 -10.29 -16.46 -42.19
CA ALA F 23 -8.91 -17.00 -42.28
C ALA F 23 -8.76 -18.32 -41.50
N ALA F 24 -9.35 -18.41 -40.31
CA ALA F 24 -9.30 -19.68 -39.58
C ALA F 24 -9.91 -20.85 -40.36
N ARG F 25 -11.04 -20.65 -41.03
CA ARG F 25 -11.61 -21.67 -41.93
C ARG F 25 -10.57 -22.29 -42.86
N LYS F 26 -9.75 -21.40 -43.42
CA LYS F 26 -8.68 -21.79 -44.35
C LYS F 26 -7.40 -22.21 -43.65
N GLY F 27 -7.44 -22.30 -42.34
CA GLY F 27 -6.28 -22.76 -41.60
C GLY F 27 -5.14 -21.78 -41.59
N GLN F 28 -5.44 -20.48 -41.72
CA GLN F 28 -4.46 -19.40 -41.66
C GLN F 28 -4.66 -18.49 -40.46
N ASP F 29 -3.56 -17.89 -39.98
CA ASP F 29 -3.60 -17.07 -38.75
C ASP F 29 -2.96 -15.69 -38.97
N PRO F 30 -3.56 -14.84 -39.82
CA PRO F 30 -2.94 -13.53 -40.09
C PRO F 30 -2.85 -12.58 -38.87
N TYR F 31 -3.62 -12.81 -37.82
CA TYR F 31 -3.66 -11.92 -36.68
C TYR F 31 -3.07 -12.57 -35.45
N ASN F 32 -2.28 -13.62 -35.62
CA ASN F 32 -1.40 -14.11 -34.56
C ASN F 32 -2.06 -14.58 -33.27
N ILE F 33 -3.17 -15.28 -33.42
CA ILE F 33 -3.91 -15.85 -32.30
C ILE F 33 -3.23 -17.12 -31.78
N LEU F 34 -2.58 -17.83 -32.69
CA LEU F 34 -1.91 -19.09 -32.35
C LEU F 34 -0.41 -18.91 -32.24
N ALA F 35 0.19 -19.76 -31.41
CA ALA F 35 1.62 -19.86 -31.30
C ALA F 35 2.12 -20.64 -32.50
N PRO F 36 3.09 -20.09 -33.22
CA PRO F 36 3.73 -20.79 -34.33
C PRO F 36 4.50 -22.01 -33.83
N LYS F 37 4.51 -23.07 -34.62
CA LYS F 37 5.14 -24.30 -34.18
C LYS F 37 6.59 -24.27 -34.64
N ALA F 38 7.52 -24.64 -33.78
CA ALA F 38 8.94 -24.61 -34.14
C ALA F 38 9.29 -25.60 -35.24
N THR F 39 10.32 -25.30 -36.04
CA THR F 39 11.04 -26.30 -36.85
C THR F 39 12.25 -26.78 -36.03
N SER F 40 13.12 -27.59 -36.61
CA SER F 40 14.36 -28.03 -35.93
C SER F 40 15.29 -26.85 -35.66
N GLY F 41 15.10 -25.77 -36.40
CA GLY F 41 15.75 -24.52 -36.11
C GLY F 41 17.22 -24.44 -36.50
N THR F 42 17.66 -25.36 -37.35
CA THR F 42 19.03 -25.34 -37.83
C THR F 42 19.17 -24.32 -38.95
N LYS F 43 20.42 -24.11 -39.34
CA LYS F 43 20.74 -23.30 -40.50
C LYS F 43 19.92 -23.75 -41.71
N GLU F 44 19.72 -25.05 -41.87
CA GLU F 44 19.04 -25.54 -43.06
C GLU F 44 17.53 -25.51 -42.89
N ASP F 45 17.04 -25.46 -41.65
CA ASP F 45 15.60 -25.53 -41.36
C ASP F 45 15.24 -24.50 -40.31
N PRO F 46 15.46 -23.22 -40.64
CA PRO F 46 15.25 -22.08 -39.74
C PRO F 46 13.77 -21.84 -39.46
N ASN F 47 13.46 -21.29 -38.31
CA ASN F 47 12.08 -20.90 -38.02
C ASN F 47 11.72 -19.71 -38.94
N LEU F 48 10.62 -19.85 -39.67
CA LEU F 48 10.22 -18.85 -40.67
C LEU F 48 9.26 -17.85 -40.01
N VAL F 49 9.70 -16.59 -39.89
CA VAL F 49 9.00 -15.59 -39.11
C VAL F 49 8.28 -14.60 -39.98
N PRO F 50 6.96 -14.75 -40.10
CA PRO F 50 6.33 -13.82 -41.00
C PRO F 50 6.39 -12.39 -40.44
N SER F 51 6.38 -11.42 -41.35
CA SER F 51 6.26 -9.99 -40.98
C SER F 51 5.66 -9.09 -42.05
N ILE F 52 4.98 -8.03 -41.61
CA ILE F 52 4.53 -6.97 -42.53
C ILE F 52 5.51 -5.80 -42.69
N THR F 53 6.67 -5.83 -42.01
CA THR F 53 7.74 -4.87 -42.25
C THR F 53 9.02 -5.64 -42.39
N ASN F 54 10.12 -4.93 -42.19
CA ASN F 54 11.45 -5.49 -42.33
C ASN F 54 12.18 -5.85 -41.04
N LYS F 55 11.42 -5.91 -39.95
CA LYS F 55 11.94 -6.51 -38.72
C LYS F 55 10.80 -6.86 -37.80
N ARG F 56 11.01 -7.85 -36.94
CA ARG F 56 10.04 -8.28 -35.95
C ARG F 56 10.76 -8.85 -34.73
N ILE F 57 10.23 -8.60 -33.54
CA ILE F 57 10.78 -9.13 -32.31
C ILE F 57 10.44 -10.59 -32.17
N VAL F 58 11.46 -11.39 -31.95
CA VAL F 58 11.35 -12.79 -31.59
C VAL F 58 11.56 -12.93 -30.09
N GLY F 59 10.78 -13.79 -29.45
CA GLY F 59 11.11 -14.29 -28.12
C GLY F 59 11.42 -15.76 -28.27
N CYS F 60 12.56 -16.21 -27.72
CA CYS F 60 12.95 -17.59 -27.74
C CYS F 60 12.89 -18.14 -26.32
N ILE F 61 12.10 -19.20 -26.13
CA ILE F 61 12.05 -19.97 -24.89
C ILE F 61 12.95 -21.15 -25.16
N CYS F 62 14.20 -21.05 -24.71
CA CYS F 62 15.28 -21.94 -25.25
C CYS F 62 15.07 -23.38 -24.86
N GLU F 63 14.69 -23.59 -23.61
CA GLU F 63 14.33 -24.91 -23.13
C GLU F 63 12.95 -24.81 -22.53
N GLU F 64 12.15 -25.86 -22.69
CA GLU F 64 10.76 -25.90 -22.20
C GLU F 64 10.77 -25.55 -20.71
N ASP F 65 9.85 -24.76 -20.23
CA ASP F 65 9.86 -24.39 -18.79
C ASP F 65 11.05 -23.54 -18.25
N ASN F 66 11.90 -23.02 -19.10
CA ASN F 66 12.57 -21.77 -18.76
C ASN F 66 11.50 -20.75 -18.44
N SER F 67 11.69 -19.97 -17.36
CA SER F 67 10.85 -18.82 -17.10
C SER F 67 11.35 -17.54 -17.81
N THR F 68 12.62 -17.52 -18.20
CA THR F 68 13.21 -16.42 -18.93
C THR F 68 13.02 -16.56 -20.42
N VAL F 69 12.49 -15.53 -21.06
CA VAL F 69 12.38 -15.50 -22.48
C VAL F 69 13.45 -14.55 -23.00
N ILE F 70 14.09 -14.94 -24.12
CA ILE F 70 15.16 -14.18 -24.72
C ILE F 70 14.63 -13.43 -25.88
N TRP F 71 14.69 -12.09 -25.83
CA TRP F 71 14.07 -11.26 -26.86
C TRP F 71 15.06 -10.55 -27.76
N PHE F 72 14.81 -10.54 -29.06
CA PHE F 72 15.66 -9.79 -29.98
C PHE F 72 14.94 -9.44 -31.27
N TRP F 73 15.37 -8.35 -31.89
CA TRP F 73 14.97 -8.02 -33.25
C TRP F 73 15.50 -8.98 -34.33
N LEU F 74 14.58 -9.54 -35.11
CA LEU F 74 14.95 -10.27 -36.28
C LEU F 74 14.78 -9.34 -37.47
N HIS F 75 15.87 -9.18 -38.23
CA HIS F 75 15.86 -8.34 -39.44
C HIS F 75 15.78 -9.14 -40.73
N LYS F 76 15.20 -8.49 -41.75
CA LYS F 76 15.16 -9.05 -43.11
C LYS F 76 16.57 -9.41 -43.60
N GLY F 77 16.79 -10.60 -44.14
CA GLY F 77 18.10 -10.91 -44.69
C GLY F 77 18.53 -12.26 -44.19
N GLU F 78 19.82 -12.42 -43.97
CA GLU F 78 20.34 -13.69 -43.50
C GLU F 78 19.68 -14.09 -42.18
N ALA F 79 19.46 -15.39 -41.99
CA ALA F 79 18.88 -15.94 -40.78
C ALA F 79 19.70 -15.50 -39.61
N GLN F 80 19.11 -15.28 -38.44
CA GLN F 80 19.89 -14.93 -37.25
C GLN F 80 19.66 -15.97 -36.19
N ARG F 81 20.46 -15.92 -35.12
CA ARG F 81 20.44 -16.97 -34.11
C ARG F 81 20.04 -16.37 -32.77
N CYS F 82 19.26 -17.12 -32.00
CA CYS F 82 19.00 -16.71 -30.62
C CYS F 82 20.33 -16.54 -29.93
N PRO F 83 20.56 -15.39 -29.28
CA PRO F 83 21.83 -15.19 -28.55
C PRO F 83 22.01 -16.13 -27.35
N SER F 84 20.98 -16.87 -26.95
CA SER F 84 21.17 -17.81 -25.85
C SER F 84 21.43 -19.21 -26.34
N CYS F 85 20.58 -19.73 -27.23
CA CYS F 85 20.64 -21.15 -27.57
C CYS F 85 21.08 -21.42 -28.99
N GLY F 86 21.22 -20.34 -29.75
CA GLY F 86 21.62 -20.43 -31.16
C GLY F 86 20.56 -20.89 -32.16
N THR F 87 19.33 -21.22 -31.74
CA THR F 87 18.38 -21.73 -32.77
C THR F 87 18.16 -20.65 -33.81
N HIS F 88 17.95 -21.07 -35.04
CA HIS F 88 17.93 -20.16 -36.19
C HIS F 88 16.53 -19.65 -36.53
N TYR F 89 16.47 -18.39 -36.96
CA TYR F 89 15.22 -17.72 -37.30
C TYR F 89 15.48 -16.88 -38.55
N LYS F 90 14.56 -16.91 -39.51
CA LYS F 90 14.67 -16.15 -40.74
C LYS F 90 13.38 -15.39 -41.02
N LEU F 91 13.48 -14.09 -41.27
CA LEU F 91 12.28 -13.29 -41.54
C LEU F 91 11.73 -13.58 -42.95
N VAL F 92 10.41 -13.73 -43.10
CA VAL F 92 9.78 -13.79 -44.44
C VAL F 92 8.74 -12.64 -44.48
N PRO F 93 9.13 -11.45 -45.01
CA PRO F 93 8.13 -10.35 -44.98
C PRO F 93 6.84 -10.50 -45.84
N GLY G 12 -32.09 -28.39 -24.14
CA GLY G 12 -32.28 -27.29 -25.05
C GLY G 12 -33.29 -26.31 -24.54
N ALA G 13 -33.67 -25.44 -25.46
CA ALA G 13 -34.68 -24.43 -25.24
C ALA G 13 -36.00 -25.04 -24.81
N ARG G 14 -36.32 -26.22 -25.32
CA ARG G 14 -37.63 -26.82 -25.01
C ARG G 14 -37.73 -27.26 -23.53
N THR G 15 -36.64 -27.77 -23.02
CA THR G 15 -36.55 -28.09 -21.61
C THR G 15 -36.82 -26.88 -20.71
N TRP G 16 -36.14 -25.78 -21.02
CA TRP G 16 -36.20 -24.57 -20.21
C TRP G 16 -37.51 -23.84 -20.39
N ARG G 17 -38.05 -23.86 -21.60
CA ARG G 17 -39.45 -23.41 -21.78
C ARG G 17 -40.45 -24.25 -20.93
N PHE G 18 -40.32 -25.59 -20.99
CA PHE G 18 -41.13 -26.49 -20.14
C PHE G 18 -41.02 -26.09 -18.68
N LEU G 19 -39.79 -25.88 -18.17
CA LEU G 19 -39.59 -25.52 -16.77
C LEU G 19 -40.19 -24.15 -16.44
N THR G 20 -40.06 -23.22 -17.40
CA THR G 20 -40.61 -21.88 -17.23
C THR G 20 -42.16 -21.93 -17.11
N PHE G 21 -42.83 -22.61 -18.04
CA PHE G 21 -44.33 -22.68 -17.97
C PHE G 21 -44.89 -23.74 -16.98
N GLY G 22 -44.12 -24.78 -16.66
CA GLY G 22 -44.60 -25.87 -15.82
C GLY G 22 -44.27 -25.71 -14.33
N LEU G 23 -43.14 -25.12 -14.02
CA LEU G 23 -42.71 -25.06 -12.66
C LEU G 23 -42.57 -23.63 -12.18
N ALA G 24 -41.89 -22.80 -12.96
CA ALA G 24 -41.57 -21.45 -12.51
C ALA G 24 -42.78 -20.54 -12.43
N LEU G 25 -43.46 -20.38 -13.55
CA LEU G 25 -44.60 -19.42 -13.55
C LEU G 25 -45.73 -19.92 -12.71
N PRO G 26 -45.99 -21.25 -12.69
CA PRO G 26 -47.04 -21.67 -11.75
C PRO G 26 -46.71 -21.39 -10.29
N SER G 27 -45.45 -21.57 -9.91
CA SER G 27 -45.04 -21.28 -8.56
C SER G 27 -45.29 -19.79 -8.23
N VAL G 28 -44.95 -18.91 -9.17
CA VAL G 28 -45.13 -17.48 -8.95
C VAL G 28 -46.64 -17.11 -8.89
N ALA G 29 -47.44 -17.68 -9.80
CA ALA G 29 -48.90 -17.52 -9.69
C ALA G 29 -49.41 -17.98 -8.27
N LEU G 30 -49.04 -19.14 -7.76
CA LEU G 30 -49.57 -19.55 -6.46
C LEU G 30 -49.14 -18.60 -5.34
N CYS G 31 -47.84 -18.21 -5.32
CA CYS G 31 -47.41 -17.25 -4.32
C CYS G 31 -48.14 -15.91 -4.43
N THR G 32 -48.42 -15.49 -5.67
CA THR G 32 -49.12 -14.24 -5.90
C THR G 32 -50.53 -14.37 -5.29
N LEU G 33 -51.22 -15.45 -5.65
CA LEU G 33 -52.62 -15.64 -5.15
C LEU G 33 -52.61 -15.58 -3.61
N ASN G 34 -51.69 -16.33 -3.00
CA ASN G 34 -51.62 -16.40 -1.55
C ASN G 34 -51.28 -15.07 -0.85
N SER G 35 -50.36 -14.31 -1.40
CA SER G 35 -50.09 -12.96 -0.90
C SER G 35 -51.29 -11.98 -1.11
N TRP G 36 -51.97 -12.07 -2.25
CA TRP G 36 -52.97 -11.04 -2.52
C TRP G 36 -54.32 -11.48 -2.12
N LEU G 37 -54.35 -12.57 -1.36
CA LEU G 37 -55.46 -13.04 -0.50
C LEU G 37 -55.13 -12.90 0.96
N HIS G 38 -53.91 -13.12 1.34
CA HIS G 38 -53.59 -13.04 2.76
C HIS G 38 -52.98 -11.68 2.97
N SER G 39 -53.45 -10.68 2.23
CA SER G 39 -53.04 -9.30 2.52
C SER G 39 -53.99 -8.61 3.50
N GLY G 40 -55.00 -7.88 3.07
CA GLY G 40 -55.72 -7.03 4.02
C GLY G 40 -54.67 -6.10 4.58
N HIS G 41 -54.85 -5.68 5.83
CA HIS G 41 -53.98 -4.86 6.68
C HIS G 41 -54.14 -5.39 8.10
N ARG G 42 -53.06 -5.48 8.88
CA ARG G 42 -53.17 -6.09 10.20
C ARG G 42 -53.01 -5.06 11.34
N GLU G 43 -53.05 -5.54 12.58
CA GLU G 43 -53.04 -4.67 13.76
C GLU G 43 -51.84 -3.70 13.83
N ARG G 44 -52.11 -2.40 14.01
CA ARG G 44 -51.08 -1.35 14.19
C ARG G 44 -50.39 -1.68 15.49
N PRO G 45 -49.07 -1.99 15.45
CA PRO G 45 -48.40 -2.23 16.75
C PRO G 45 -48.46 -1.05 17.76
N ALA G 46 -48.67 -1.35 19.04
CA ALA G 46 -48.76 -0.35 20.11
C ALA G 46 -47.45 0.39 20.20
N PHE G 47 -47.46 1.68 20.54
CA PHE G 47 -46.24 2.46 20.48
C PHE G 47 -45.58 2.47 21.85
N ILE G 48 -44.27 2.29 21.90
CA ILE G 48 -43.56 2.45 23.17
C ILE G 48 -42.30 3.15 22.79
N PRO G 49 -41.96 4.25 23.48
CA PRO G 49 -40.89 5.06 22.90
C PRO G 49 -39.48 4.53 23.24
N TYR G 50 -39.22 3.34 22.76
CA TYR G 50 -37.90 2.69 22.94
C TYR G 50 -36.75 3.54 22.32
N HIS G 51 -35.65 3.65 23.06
CA HIS G 51 -34.49 4.55 22.70
C HIS G 51 -33.60 4.03 21.58
N HIS G 52 -33.65 2.71 21.41
CA HIS G 52 -33.02 2.08 20.27
C HIS G 52 -33.80 2.12 18.95
N LEU G 53 -35.03 2.65 18.96
CA LEU G 53 -35.85 2.75 17.73
C LEU G 53 -36.14 4.23 17.43
N ARG G 54 -36.60 4.52 16.22
CA ARG G 54 -36.87 5.88 15.77
C ARG G 54 -35.67 6.78 15.99
N ILE G 55 -34.51 6.33 15.59
CA ILE G 55 -33.29 7.08 15.84
C ILE G 55 -33.28 8.37 15.06
N ARG G 56 -32.93 9.48 15.71
CA ARG G 56 -32.71 10.76 15.01
C ARG G 56 -31.40 11.35 15.47
N THR G 57 -30.30 11.13 14.75
CA THR G 57 -29.11 11.83 15.15
C THR G 57 -28.88 13.00 14.23
N LYS G 58 -29.49 13.03 13.06
CA LYS G 58 -29.46 14.20 12.21
C LYS G 58 -30.80 14.23 11.46
N PRO G 59 -31.34 15.45 11.15
CA PRO G 59 -32.62 15.43 10.41
C PRO G 59 -32.48 14.81 9.04
N PHE G 60 -33.48 14.04 8.60
CA PHE G 60 -33.44 13.53 7.22
C PHE G 60 -33.37 14.70 6.26
N SER G 61 -32.74 14.47 5.11
CA SER G 61 -32.60 15.50 4.09
C SER G 61 -33.81 15.60 3.19
N TRP G 62 -35.01 15.43 3.73
CA TRP G 62 -36.23 15.59 2.90
C TRP G 62 -37.39 15.79 3.85
N GLY G 63 -38.55 16.19 3.33
CA GLY G 63 -39.73 16.41 4.19
C GLY G 63 -39.52 17.41 5.29
N ASP G 64 -40.05 17.13 6.46
CA ASP G 64 -39.81 17.99 7.62
C ASP G 64 -38.60 17.50 8.42
N GLY G 65 -37.80 16.58 7.89
CA GLY G 65 -36.65 16.07 8.66
C GLY G 65 -36.88 14.90 9.60
N ASN G 66 -38.15 14.56 9.82
CA ASN G 66 -38.49 13.63 10.88
C ASN G 66 -39.28 12.45 10.39
N HIS G 67 -39.44 12.34 9.07
CA HIS G 67 -40.20 11.30 8.38
C HIS G 67 -39.27 10.49 7.54
N THR G 68 -39.26 9.17 7.79
CA THR G 68 -38.51 8.27 6.91
C THR G 68 -39.06 8.29 5.47
N PHE G 69 -38.23 7.78 4.56
CA PHE G 69 -38.39 7.97 3.10
C PHE G 69 -39.66 7.30 2.57
N PHE G 70 -39.93 6.11 3.12
CA PHE G 70 -41.20 5.36 2.87
C PHE G 70 -42.07 5.37 4.14
N HIS G 71 -42.14 6.50 4.81
CA HIS G 71 -42.98 6.66 5.97
C HIS G 71 -44.44 6.34 5.62
N ASN G 72 -45.07 5.48 6.42
CA ASN G 72 -46.43 5.00 6.25
C ASN G 72 -47.15 5.38 7.53
N PRO G 73 -48.02 6.43 7.49
CA PRO G 73 -48.66 6.92 8.73
C PRO G 73 -49.32 5.81 9.54
N ARG G 74 -49.77 4.77 8.85
CA ARG G 74 -50.54 3.69 9.47
C ARG G 74 -49.74 2.87 10.45
N VAL G 75 -48.49 2.56 10.12
CA VAL G 75 -47.73 1.63 10.93
C VAL G 75 -46.38 2.16 11.40
N ASN G 76 -45.96 3.37 10.99
CA ASN G 76 -44.66 3.91 11.42
C ASN G 76 -44.79 5.12 12.33
N PRO G 77 -44.61 4.92 13.64
CA PRO G 77 -44.65 6.10 14.51
C PRO G 77 -43.41 7.01 14.38
N LEU G 78 -43.62 8.29 14.70
CA LEU G 78 -42.55 9.24 14.87
C LEU G 78 -41.93 9.03 16.26
N PRO G 79 -40.77 9.66 16.57
CA PRO G 79 -40.24 9.53 17.94
C PRO G 79 -41.30 9.82 19.00
N THR G 80 -42.20 10.77 18.76
CA THR G 80 -43.25 11.04 19.76
C THR G 80 -44.51 10.20 19.64
N GLY G 81 -44.63 9.32 18.67
CA GLY G 81 -45.81 8.41 18.63
C GLY G 81 -46.45 8.43 17.25
N TYR G 82 -47.61 7.83 17.13
CA TYR G 82 -48.29 7.85 15.83
C TYR G 82 -48.85 9.25 15.53
N GLU G 83 -48.85 9.62 14.26
CA GLU G 83 -49.43 10.91 13.83
C GLU G 83 -50.94 11.06 14.02
N TYR H 11 -18.64 -9.54 51.27
CA TYR H 11 -18.52 -9.07 49.82
C TYR H 11 -17.39 -8.03 49.74
N GLN H 12 -16.39 -8.34 48.90
CA GLN H 12 -15.34 -7.38 48.58
C GLN H 12 -15.61 -6.87 47.18
N THR H 13 -15.48 -7.73 46.17
CA THR H 13 -15.82 -7.34 44.83
C THR H 13 -16.38 -8.52 44.05
N ALA H 14 -16.74 -8.27 42.82
CA ALA H 14 -17.40 -9.31 42.05
C ALA H 14 -16.40 -10.45 41.71
N PRO H 15 -16.74 -11.73 42.03
CA PRO H 15 -15.78 -12.77 41.65
C PRO H 15 -15.68 -13.02 40.16
N PHE H 16 -14.59 -13.68 39.76
CA PHE H 16 -14.46 -14.23 38.46
C PHE H 16 -15.70 -15.04 38.17
N ASP H 17 -16.21 -15.01 36.95
CA ASP H 17 -17.46 -15.74 36.59
C ASP H 17 -17.09 -16.42 35.25
N SER H 18 -17.06 -17.75 35.26
CA SER H 18 -16.65 -18.45 34.06
C SER H 18 -17.54 -18.20 32.86
N ARG H 19 -18.76 -17.68 33.06
CA ARG H 19 -19.65 -17.36 31.93
C ARG H 19 -19.08 -16.20 31.17
N PHE H 20 -18.30 -15.37 31.86
CA PHE H 20 -17.84 -14.13 31.26
C PHE H 20 -16.33 -14.10 31.41
N PRO H 21 -15.60 -14.94 30.65
CA PRO H 21 -14.14 -14.98 30.91
C PRO H 21 -13.32 -13.97 30.09
N ASN H 22 -13.93 -13.13 29.28
CA ASN H 22 -13.16 -12.38 28.29
C ASN H 22 -12.98 -10.95 28.69
N GLN H 23 -12.15 -10.22 27.94
CA GLN H 23 -11.95 -8.80 28.21
C GLN H 23 -13.26 -8.01 28.07
N ASN H 24 -14.10 -8.37 27.13
CA ASN H 24 -15.41 -7.71 27.06
C ASN H 24 -16.31 -8.24 28.18
N GLN H 25 -16.54 -7.39 29.19
CA GLN H 25 -17.40 -7.68 30.36
C GLN H 25 -18.80 -7.04 30.31
N THR H 26 -19.18 -6.55 29.13
CA THR H 26 -20.50 -5.87 28.94
C THR H 26 -21.66 -6.74 29.47
N ARG H 27 -21.63 -8.00 29.06
CA ARG H 27 -22.71 -8.94 29.33
C ARG H 27 -22.73 -9.37 30.79
N ASN H 28 -21.57 -9.37 31.47
CA ASN H 28 -21.55 -9.64 32.87
C ASN H 28 -22.32 -8.59 33.67
N CYS H 29 -22.06 -7.30 33.41
CA CYS H 29 -22.84 -6.17 34.00
C CYS H 29 -24.30 -6.29 33.67
N TRP H 30 -24.58 -6.48 32.40
CA TRP H 30 -26.00 -6.61 31.94
C TRP H 30 -26.74 -7.73 32.67
N GLN H 31 -26.15 -8.92 32.70
CA GLN H 31 -26.83 -10.09 33.26
C GLN H 31 -27.12 -9.93 34.74
N ASN H 32 -26.15 -9.34 35.47
CA ASN H 32 -26.35 -9.14 36.89
C ASN H 32 -27.37 -8.06 37.21
N TYR H 33 -27.46 -7.01 36.39
CA TYR H 33 -28.53 -6.01 36.53
C TYR H 33 -29.89 -6.70 36.32
N LEU H 34 -30.02 -7.48 35.24
CA LEU H 34 -31.25 -8.25 34.96
C LEU H 34 -31.59 -9.21 36.11
N ASP H 35 -30.61 -9.98 36.55
CA ASP H 35 -30.82 -10.92 37.64
C ASP H 35 -31.30 -10.27 38.94
N PHE H 36 -30.77 -9.08 39.30
CA PHE H 36 -31.25 -8.38 40.48
C PHE H 36 -32.75 -8.19 40.42
N HIS H 37 -33.22 -7.66 39.29
CA HIS H 37 -34.64 -7.34 39.14
C HIS H 37 -35.47 -8.58 38.95
N ARG H 38 -34.96 -9.59 38.23
CA ARG H 38 -35.72 -10.86 38.11
C ARG H 38 -35.79 -11.56 39.46
N CYS H 39 -34.72 -11.53 40.23
CA CYS H 39 -34.70 -12.19 41.50
C CYS H 39 -35.70 -11.51 42.43
N GLU H 40 -35.75 -10.17 42.41
CA GLU H 40 -36.65 -9.45 43.36
C GLU H 40 -38.11 -9.76 43.02
N LYS H 41 -38.41 -9.74 41.73
CA LYS H 41 -39.76 -10.08 41.22
C LYS H 41 -40.15 -11.47 41.71
N ALA H 42 -39.25 -12.44 41.58
CA ALA H 42 -39.64 -13.83 41.80
C ALA H 42 -39.83 -14.05 43.29
N MET H 43 -38.99 -13.36 44.05
CA MET H 43 -39.02 -13.49 45.51
C MET H 43 -40.26 -12.77 46.09
N THR H 44 -40.55 -11.55 45.60
CA THR H 44 -41.70 -10.76 46.08
C THR H 44 -43.03 -11.34 45.66
N ALA H 45 -43.07 -12.01 44.52
CA ALA H 45 -44.29 -12.68 44.10
C ALA H 45 -44.58 -13.77 45.08
N LYS H 46 -43.56 -14.45 45.59
CA LYS H 46 -43.81 -15.69 46.35
C LYS H 46 -43.55 -15.57 47.86
N GLY H 47 -43.59 -14.33 48.37
CA GLY H 47 -43.36 -14.04 49.80
C GLY H 47 -42.04 -14.59 50.32
N GLY H 48 -41.05 -14.66 49.43
CA GLY H 48 -39.76 -15.21 49.76
C GLY H 48 -38.89 -14.08 50.27
N ASP H 49 -37.69 -14.43 50.66
CA ASP H 49 -36.76 -13.41 51.17
C ASP H 49 -36.13 -12.61 50.03
N VAL H 50 -36.62 -11.40 49.84
CA VAL H 50 -36.09 -10.48 48.86
C VAL H 50 -34.58 -10.22 49.06
N SER H 51 -34.14 -10.22 50.33
CA SER H 51 -32.73 -9.92 50.65
C SER H 51 -31.71 -10.78 49.92
N VAL H 52 -32.11 -11.98 49.51
CA VAL H 52 -31.25 -12.88 48.74
C VAL H 52 -30.77 -12.27 47.42
N CYS H 53 -31.59 -11.41 46.84
CA CYS H 53 -31.25 -10.81 45.57
C CYS H 53 -30.09 -9.83 45.68
N GLU H 54 -29.79 -9.36 46.91
CA GLU H 54 -28.74 -8.38 47.18
C GLU H 54 -27.44 -8.76 46.52
N TRP H 55 -27.17 -10.04 46.43
CA TRP H 55 -25.93 -10.52 45.78
C TRP H 55 -25.80 -9.97 44.38
N TYR H 56 -26.90 -10.01 43.62
CA TYR H 56 -26.83 -9.53 42.25
C TYR H 56 -26.64 -8.03 42.19
N ARG H 57 -27.25 -7.32 43.12
CA ARG H 57 -27.12 -5.86 43.23
C ARG H 57 -25.68 -5.52 43.52
N ARG H 58 -25.05 -6.29 44.40
CA ARG H 58 -23.64 -6.00 44.75
C ARG H 58 -22.73 -6.19 43.52
N VAL H 59 -22.94 -7.27 42.79
CA VAL H 59 -22.18 -7.59 41.60
C VAL H 59 -22.40 -6.55 40.51
N TYR H 60 -23.66 -6.27 40.12
CA TYR H 60 -23.88 -5.22 39.10
C TYR H 60 -23.36 -3.81 39.52
N LYS H 61 -23.48 -3.45 40.81
CA LYS H 61 -23.01 -2.15 41.32
C LYS H 61 -21.47 -2.10 41.15
N SER H 62 -20.81 -3.21 41.39
CA SER H 62 -19.30 -3.24 41.23
C SER H 62 -18.90 -3.06 39.74
N LEU H 63 -19.63 -3.76 38.85
CA LEU H 63 -19.19 -3.87 37.46
C LEU H 63 -19.73 -2.81 36.59
N CYS H 64 -20.97 -2.37 36.83
CA CYS H 64 -21.59 -1.47 35.84
C CYS H 64 -21.21 0.01 36.00
N PRO H 65 -20.92 0.66 34.85
CA PRO H 65 -20.81 2.10 34.92
C PRO H 65 -22.05 2.75 35.50
N ILE H 66 -21.86 3.79 36.32
CA ILE H 66 -22.98 4.49 36.97
C ILE H 66 -24.01 5.01 35.95
N SER H 67 -23.55 5.58 34.82
CA SER H 67 -24.45 6.10 33.78
C SER H 67 -25.28 4.95 33.12
N TRP H 68 -24.73 3.75 32.99
CA TRP H 68 -25.51 2.64 32.48
C TRP H 68 -26.62 2.23 33.44
N VAL H 69 -26.26 2.11 34.73
CA VAL H 69 -27.25 1.81 35.77
C VAL H 69 -28.35 2.90 35.77
N SER H 70 -27.95 4.16 35.75
CA SER H 70 -28.86 5.30 35.81
C SER H 70 -29.87 5.35 34.59
N THR H 71 -29.33 5.25 33.38
CA THR H 71 -30.12 5.16 32.18
C THR H 71 -31.07 3.97 32.20
N TRP H 72 -30.59 2.80 32.59
CA TRP H 72 -31.48 1.64 32.61
C TRP H 72 -32.58 1.81 33.63
N ASP H 73 -32.22 2.31 34.80
CA ASP H 73 -33.21 2.66 35.83
C ASP H 73 -34.29 3.69 35.29
N ASP H 74 -33.84 4.77 34.63
CA ASP H 74 -34.72 5.74 34.01
C ASP H 74 -35.66 5.02 33.00
N ARG H 75 -35.13 4.12 32.23
CA ARG H 75 -35.93 3.44 31.20
C ARG H 75 -37.01 2.46 31.79
N ARG H 76 -36.64 1.76 32.84
CA ARG H 76 -37.61 0.94 33.56
C ARG H 76 -38.76 1.82 34.08
N ALA H 77 -38.42 2.98 34.67
CA ALA H 77 -39.41 3.96 35.15
C ALA H 77 -40.24 4.44 33.98
N GLU H 78 -39.66 4.59 32.81
CA GLU H 78 -40.35 5.12 31.65
C GLU H 78 -41.22 4.05 30.95
N GLY H 79 -40.98 2.77 31.24
CA GLY H 79 -41.55 1.66 30.47
C GLY H 79 -40.86 1.43 29.12
N THR H 80 -39.60 1.82 29.01
CA THR H 80 -38.88 1.64 27.78
C THR H 80 -37.63 0.81 27.97
N PHE H 81 -37.51 0.16 29.11
CA PHE H 81 -36.35 -0.74 29.31
C PHE H 81 -36.51 -1.98 28.43
N PRO H 82 -35.53 -2.30 27.59
CA PRO H 82 -35.75 -3.32 26.55
C PRO H 82 -35.44 -4.77 27.00
N GLY H 83 -34.82 -4.88 28.17
CA GLY H 83 -34.56 -6.20 28.75
C GLY H 83 -35.79 -6.85 29.34
N LYS H 84 -35.85 -8.16 29.34
CA LYS H 84 -37.01 -8.85 29.85
C LYS H 84 -36.84 -9.12 31.39
N ILE H 85 -37.73 -8.56 32.20
CA ILE H 85 -37.77 -8.79 33.67
C ILE H 85 -39.12 -9.33 34.13
N ALA I 3 59.10 -22.51 -12.71
CA ALA I 3 57.79 -22.79 -13.25
C ALA I 3 56.83 -22.49 -12.11
N LEU I 4 55.67 -21.97 -12.44
CA LEU I 4 54.67 -21.69 -11.43
C LEU I 4 53.78 -22.92 -11.26
N ALA I 5 53.43 -23.32 -10.02
CA ALA I 5 52.44 -24.40 -9.86
C ALA I 5 51.01 -23.98 -10.24
N LYS I 6 50.20 -24.99 -10.55
CA LYS I 6 48.82 -24.87 -10.95
C LYS I 6 47.90 -24.53 -9.77
N PRO I 7 47.31 -23.31 -9.74
CA PRO I 7 46.37 -22.99 -8.65
C PRO I 7 44.96 -23.42 -8.97
N GLN I 8 44.10 -23.30 -7.97
CA GLN I 8 42.69 -23.62 -8.10
C GLN I 8 42.16 -22.62 -9.09
N MET I 9 41.42 -23.13 -10.07
CA MET I 9 40.81 -22.29 -11.09
C MET I 9 39.28 -22.34 -11.14
N ARG I 10 38.67 -23.38 -10.57
CA ARG I 10 37.21 -23.59 -10.63
C ARG I 10 36.55 -23.29 -9.33
N GLY I 11 35.33 -22.79 -9.36
CA GLY I 11 34.54 -22.71 -8.14
C GLY I 11 35.04 -21.75 -7.08
N LEU I 12 35.73 -20.69 -7.48
CA LEU I 12 36.23 -19.69 -6.54
C LEU I 12 35.12 -18.89 -5.84
N LEU I 13 34.06 -18.49 -6.56
CA LEU I 13 32.97 -17.77 -5.92
C LEU I 13 32.30 -18.67 -4.90
N ALA I 14 31.97 -19.90 -5.31
CA ALA I 14 31.30 -20.86 -4.41
C ALA I 14 32.10 -21.09 -3.15
N ARG I 15 33.43 -21.08 -3.30
CA ARG I 15 34.32 -21.40 -2.17
C ARG I 15 34.33 -20.25 -1.20
N ARG I 16 34.46 -19.03 -1.72
CA ARG I 16 34.34 -17.85 -0.90
C ARG I 16 33.00 -17.85 -0.13
N LEU I 17 31.92 -18.27 -0.80
CA LEU I 17 30.60 -18.27 -0.13
C LEU I 17 30.53 -19.29 0.98
N ARG I 18 30.95 -20.53 0.68
CA ARG I 18 30.91 -21.62 1.71
C ARG I 18 31.59 -21.20 3.01
N PHE I 19 32.73 -20.51 2.94
CA PHE I 19 33.48 -20.07 4.15
C PHE I 19 32.78 -18.88 4.77
N HIS I 20 32.50 -17.86 3.94
CA HIS I 20 31.91 -16.62 4.47
C HIS I 20 30.48 -16.74 5.03
N ILE I 21 29.70 -17.74 4.57
CA ILE I 21 28.39 -17.98 5.17
C ILE I 21 28.55 -18.48 6.61
N VAL I 22 29.50 -19.36 6.83
CA VAL I 22 29.77 -19.79 8.20
C VAL I 22 30.14 -18.55 9.01
N GLY I 23 30.98 -17.70 8.43
CA GLY I 23 31.40 -16.47 9.11
C GLY I 23 30.22 -15.58 9.45
N ALA I 24 29.36 -15.38 8.45
CA ALA I 24 28.12 -14.60 8.62
C ALA I 24 27.28 -15.08 9.81
N PHE I 25 27.05 -16.38 9.89
CA PHE I 25 26.32 -16.93 11.01
C PHE I 25 27.05 -16.74 12.36
N MET I 26 28.37 -16.91 12.37
CA MET I 26 29.11 -16.69 13.59
C MET I 26 28.99 -15.23 14.10
N VAL I 27 29.19 -14.29 13.21
CA VAL I 27 29.19 -12.90 13.56
C VAL I 27 27.80 -12.47 14.02
N SER I 28 26.79 -12.97 13.33
CA SER I 28 25.47 -12.48 13.58
C SER I 28 25.04 -13.05 14.93
N LEU I 29 25.36 -14.32 15.18
CA LEU I 29 25.12 -14.91 16.51
C LEU I 29 25.92 -14.18 17.59
N GLY I 30 27.19 -13.86 17.30
CA GLY I 30 27.96 -13.11 18.26
C GLY I 30 27.33 -11.77 18.59
N PHE I 31 26.93 -11.04 17.56
CA PHE I 31 26.39 -9.69 17.73
C PHE I 31 25.09 -9.77 18.58
N ALA I 32 24.25 -10.75 18.29
CA ALA I 32 22.96 -10.90 19.01
C ALA I 32 23.20 -11.34 20.47
N THR I 33 24.19 -12.21 20.65
CA THR I 33 24.50 -12.69 21.99
C THR I 33 25.15 -11.59 22.83
N PHE I 34 25.87 -10.67 22.17
CA PHE I 34 26.38 -9.50 22.86
C PHE I 34 25.23 -8.68 23.43
N TYR I 35 24.17 -8.48 22.62
CA TYR I 35 23.00 -7.72 23.08
C TYR I 35 22.40 -8.43 24.27
N LYS I 36 22.23 -9.74 24.18
CA LYS I 36 21.61 -10.48 25.27
C LYS I 36 22.41 -10.31 26.53
N PHE I 37 23.74 -10.36 26.38
CA PHE I 37 24.60 -10.22 27.56
C PHE I 37 24.58 -8.81 28.11
N ALA I 38 24.83 -7.82 27.23
CA ALA I 38 25.00 -6.43 27.67
C ALA I 38 23.66 -5.81 28.10
N VAL I 39 22.57 -6.32 27.53
CA VAL I 39 21.25 -5.72 27.78
C VAL I 39 20.30 -6.62 28.60
N ALA I 40 20.03 -7.83 28.12
CA ALA I 40 19.01 -8.68 28.78
C ALA I 40 19.45 -9.23 30.11
N GLU I 41 20.69 -9.72 30.17
CA GLU I 41 21.23 -10.28 31.41
C GLU I 41 21.46 -9.19 32.43
N LYS I 42 21.92 -8.02 32.00
CA LYS I 42 22.00 -6.88 32.88
C LYS I 42 20.60 -6.47 33.42
N ARG I 43 19.60 -6.51 32.56
CA ARG I 43 18.25 -6.23 33.02
C ARG I 43 17.76 -7.22 34.06
N LYS I 44 17.95 -8.54 33.80
CA LYS I 44 17.51 -9.60 34.74
C LYS I 44 18.16 -9.38 36.06
N LYS I 45 19.46 -9.05 36.03
CA LYS I 45 20.18 -8.89 37.26
C LYS I 45 19.71 -7.64 38.02
N ALA I 46 19.53 -6.54 37.30
CA ALA I 46 19.13 -5.31 37.93
C ALA I 46 17.75 -5.51 38.60
N TYR I 47 16.81 -6.25 37.98
CA TYR I 47 15.47 -6.48 38.64
C TYR I 47 15.59 -7.36 39.89
N ALA I 48 16.30 -8.48 39.79
CA ALA I 48 16.42 -9.47 40.88
C ALA I 48 17.09 -8.84 42.08
N ASP I 49 18.16 -8.08 41.81
CA ASP I 49 18.87 -7.29 42.87
C ASP I 49 18.03 -6.18 43.45
N PHE I 50 17.33 -5.42 42.61
CA PHE I 50 16.41 -4.39 43.17
C PHE I 50 15.38 -5.00 44.18
N TYR I 51 14.73 -6.07 43.80
CA TYR I 51 13.68 -6.67 44.62
C TYR I 51 14.14 -7.64 45.71
N ARG I 52 15.36 -8.15 45.63
CA ARG I 52 15.74 -9.21 46.57
C ARG I 52 15.51 -8.84 48.02
N ASN I 53 15.85 -7.61 48.42
CA ASN I 53 15.46 -7.14 49.76
C ASN I 53 14.67 -5.84 49.75
N TYR I 54 13.82 -5.69 48.75
CA TYR I 54 13.09 -4.49 48.61
C TYR I 54 12.04 -4.48 49.72
N ASP I 55 11.90 -3.30 50.31
CA ASP I 55 10.94 -3.04 51.37
C ASP I 55 9.92 -2.01 50.86
N SER I 56 8.76 -2.46 50.41
CA SER I 56 7.77 -1.53 49.81
C SER I 56 7.26 -0.51 50.78
N MET I 57 7.15 -0.85 52.07
CA MET I 57 6.58 0.10 53.07
C MET I 57 7.59 1.20 53.32
N LYS I 58 8.83 0.80 53.48
CA LYS I 58 9.93 1.78 53.59
C LYS I 58 9.98 2.70 52.39
N ASP I 59 9.87 2.15 51.18
CA ASP I 59 9.82 2.95 49.93
C ASP I 59 8.65 3.93 50.02
N PHE I 60 7.49 3.41 50.40
CA PHE I 60 6.33 4.26 50.63
C PHE I 60 6.56 5.39 51.63
N GLU I 61 7.10 5.06 52.81
CA GLU I 61 7.32 6.11 53.84
C GLU I 61 8.24 7.19 53.32
N GLU I 62 9.24 6.85 52.53
CA GLU I 62 10.15 7.90 52.03
C GLU I 62 9.43 8.87 51.05
N MET I 63 8.58 8.28 50.19
CA MET I 63 7.80 9.05 49.24
C MET I 63 6.80 9.91 49.98
N ARG I 64 6.17 9.32 51.00
CA ARG I 64 5.24 10.10 51.82
C ARG I 64 5.97 11.29 52.41
N LYS I 65 7.10 11.04 53.10
CA LYS I 65 7.87 12.13 53.79
C LYS I 65 8.26 13.23 52.83
N ALA I 66 8.61 12.86 51.62
CA ALA I 66 8.93 13.88 50.62
C ALA I 66 7.74 14.72 50.09
N GLY I 67 6.50 14.38 50.46
CA GLY I 67 5.33 15.20 50.04
C GLY I 67 4.77 14.76 48.65
N ILE I 68 5.06 13.57 48.12
CA ILE I 68 4.59 13.36 46.75
C ILE I 68 3.08 13.03 46.60
N PHE I 69 2.45 12.52 47.67
CA PHE I 69 1.11 11.88 47.55
C PHE I 69 -0.02 12.84 47.87
N GLN I 70 -1.16 12.63 47.20
CA GLN I 70 -2.42 13.28 47.56
C GLN I 70 -3.04 12.55 48.72
N SER I 71 -2.85 11.23 48.83
CA SER I 71 -3.58 10.44 49.83
C SER I 71 -2.91 10.24 51.17
N ALA I 72 -1.66 10.69 51.33
CA ALA I 72 -0.99 10.50 52.63
C ALA I 72 0.11 11.53 52.87
N PHE J 1 -40.36 -5.92 -37.11
CA PHE J 1 -38.99 -5.38 -37.25
C PHE J 1 -38.21 -6.14 -38.30
N GLU J 2 -37.32 -5.42 -38.98
CA GLU J 2 -36.43 -6.01 -39.96
C GLU J 2 -34.96 -5.79 -39.60
N ASN J 3 -34.12 -6.71 -40.02
CA ASN J 3 -32.70 -6.63 -39.77
C ASN J 3 -31.98 -5.57 -40.63
N ARG J 4 -31.68 -4.42 -40.03
CA ARG J 4 -30.98 -3.35 -40.72
C ARG J 4 -29.52 -3.29 -40.22
N VAL J 5 -29.00 -4.38 -39.67
CA VAL J 5 -27.58 -4.38 -39.19
C VAL J 5 -26.60 -4.06 -40.30
N ALA J 6 -26.81 -4.61 -41.50
CA ALA J 6 -25.95 -4.29 -42.64
C ALA J 6 -25.85 -2.79 -42.90
N GLU J 7 -26.93 -2.03 -42.77
CA GLU J 7 -26.86 -0.57 -43.00
C GLU J 7 -26.02 0.15 -41.97
N LYS J 8 -26.15 -0.30 -40.73
CA LYS J 8 -25.42 0.35 -39.61
C LYS J 8 -23.91 -0.02 -39.74
N GLN J 9 -23.63 -1.25 -40.17
CA GLN J 9 -22.25 -1.68 -40.50
C GLN J 9 -21.56 -0.79 -41.56
N LYS J 10 -22.22 -0.53 -42.67
CA LYS J 10 -21.74 0.41 -43.69
C LYS J 10 -21.59 1.82 -43.11
N LEU J 11 -22.56 2.30 -42.34
CA LEU J 11 -22.42 3.65 -41.76
C LEU J 11 -21.16 3.72 -40.86
N PHE J 12 -21.05 2.81 -39.93
CA PHE J 12 -19.97 2.85 -38.93
C PHE J 12 -18.63 2.43 -39.44
N GLN J 13 -18.59 1.83 -40.61
CA GLN J 13 -17.33 1.56 -41.26
C GLN J 13 -16.99 2.53 -42.38
N GLU J 14 -17.73 3.64 -42.53
CA GLU J 14 -17.47 4.62 -43.62
C GLU J 14 -16.09 5.24 -43.40
N ASP J 15 -15.22 5.26 -44.39
CA ASP J 15 -13.88 5.67 -44.20
C ASP J 15 -13.81 7.19 -44.17
N ASN J 16 -14.34 7.77 -43.11
CA ASN J 16 -14.40 9.24 -43.01
C ASN J 16 -13.56 9.88 -41.90
N GLY J 17 -12.68 9.12 -41.27
CA GLY J 17 -11.81 9.70 -40.20
C GLY J 17 -12.48 10.04 -38.86
N LEU J 18 -13.79 9.83 -38.70
CA LEU J 18 -14.42 10.24 -37.47
C LEU J 18 -14.18 9.17 -36.39
N PRO J 19 -14.00 9.62 -35.14
CA PRO J 19 -13.97 8.65 -34.04
C PRO J 19 -15.39 8.08 -33.80
N VAL J 20 -15.42 6.94 -33.14
CA VAL J 20 -16.64 6.14 -33.04
C VAL J 20 -17.76 6.92 -32.37
N HIS J 21 -17.41 7.78 -31.43
CA HIS J 21 -18.41 8.53 -30.70
C HIS J 21 -19.14 9.65 -31.48
N LEU J 22 -18.69 9.95 -32.70
CA LEU J 22 -19.26 10.98 -33.55
C LEU J 22 -19.66 10.39 -34.86
N LYS J 23 -19.47 9.12 -35.07
CA LYS J 23 -19.60 8.58 -36.40
C LYS J 23 -21.08 8.34 -36.83
N GLY J 24 -22.00 8.45 -35.90
CA GLY J 24 -23.43 8.31 -36.24
C GLY J 24 -23.92 9.56 -36.91
N GLY J 25 -23.25 10.66 -36.63
CA GLY J 25 -23.44 11.85 -37.41
C GLY J 25 -23.89 12.98 -36.53
N ALA J 26 -24.68 13.85 -37.07
CA ALA J 26 -24.92 15.15 -36.47
C ALA J 26 -25.49 15.09 -35.04
N THR J 27 -26.34 14.12 -34.76
CA THR J 27 -26.94 14.08 -33.45
C THR J 27 -25.91 13.57 -32.45
N ASP J 28 -24.94 12.78 -32.88
CA ASP J 28 -23.76 12.46 -31.94
C ASP J 28 -23.10 13.72 -31.40
N ASN J 29 -22.82 14.68 -32.30
CA ASN J 29 -22.14 15.91 -31.94
C ASN J 29 -22.99 16.70 -30.95
N ILE J 30 -24.30 16.73 -31.15
CA ILE J 30 -25.20 17.40 -30.23
C ILE J 30 -25.13 16.81 -28.81
N LEU J 31 -25.28 15.49 -28.74
CA LEU J 31 -25.38 14.82 -27.44
C LEU J 31 -24.03 14.95 -26.73
N TYR J 32 -22.96 14.83 -27.50
CA TYR J 32 -21.60 15.07 -26.97
C TYR J 32 -21.49 16.47 -26.35
N ARG J 33 -21.88 17.49 -27.10
CA ARG J 33 -21.86 18.87 -26.58
C ARG J 33 -22.73 19.11 -25.36
N VAL J 34 -23.93 18.54 -25.35
CA VAL J 34 -24.74 18.70 -24.18
C VAL J 34 -24.05 18.04 -22.96
N THR J 35 -23.53 16.85 -23.18
CA THR J 35 -22.87 16.05 -22.10
C THR J 35 -21.67 16.82 -21.52
N MET J 36 -20.77 17.21 -22.42
CA MET J 36 -19.54 17.93 -22.01
C MET J 36 -19.91 19.24 -21.39
N THR J 37 -20.89 19.95 -21.94
CA THR J 37 -21.25 21.25 -21.34
C THR J 37 -21.85 21.15 -19.92
N LEU J 38 -22.69 20.16 -19.71
CA LEU J 38 -23.21 19.92 -18.37
C LEU J 38 -22.10 19.54 -17.40
N CYS J 39 -21.17 18.75 -17.91
CA CYS J 39 -20.04 18.23 -17.08
C CYS J 39 -19.15 19.39 -16.65
N LEU J 40 -18.78 20.20 -17.62
CA LEU J 40 -17.88 21.31 -17.30
C LEU J 40 -18.58 22.38 -16.51
N GLY J 41 -19.80 22.73 -16.92
CA GLY J 41 -20.56 23.75 -16.23
C GLY J 41 -20.92 23.29 -14.84
N GLY J 42 -21.36 22.05 -14.71
CA GLY J 42 -21.54 21.45 -13.38
C GLY J 42 -20.26 21.50 -12.54
N THR J 43 -19.11 21.25 -13.18
CA THR J 43 -17.85 21.28 -12.39
C THR J 43 -17.52 22.70 -11.91
N LEU J 44 -17.71 23.69 -12.79
CA LEU J 44 -17.65 25.09 -12.37
C LEU J 44 -18.57 25.35 -11.17
N TYR J 45 -19.84 24.96 -11.26
CA TYR J 45 -20.77 25.14 -10.15
C TYR J 45 -20.31 24.46 -8.88
N SER J 46 -19.73 23.28 -8.99
CA SER J 46 -19.28 22.58 -7.79
C SER J 46 -18.13 23.36 -7.10
N LEU J 47 -17.25 23.97 -7.92
CA LEU J 47 -16.17 24.81 -7.38
C LEU J 47 -16.72 26.04 -6.75
N TYR J 48 -17.78 26.59 -7.37
CA TYR J 48 -18.52 27.74 -6.75
C TYR J 48 -19.07 27.35 -5.36
N CYS J 49 -19.77 26.23 -5.27
CA CYS J 49 -20.31 25.78 -3.98
C CYS J 49 -19.17 25.55 -2.99
N LEU J 50 -18.02 25.08 -3.47
CA LEU J 50 -16.87 24.88 -2.54
C LEU J 50 -16.45 26.21 -1.93
N GLY J 51 -16.21 27.20 -2.79
CA GLY J 51 -15.82 28.55 -2.34
C GLY J 51 -16.79 29.09 -1.33
N TRP J 52 -18.08 28.89 -1.61
CA TRP J 52 -19.14 29.32 -0.72
C TRP J 52 -19.05 28.60 0.61
N ALA J 53 -18.92 27.28 0.59
CA ALA J 53 -18.93 26.49 1.82
C ALA J 53 -17.61 26.70 2.59
N SER J 54 -16.58 27.20 1.93
CA SER J 54 -15.29 27.30 2.62
C SER J 54 -15.20 28.40 3.68
N PHE J 55 -16.28 29.15 3.95
CA PHE J 55 -16.20 30.36 4.81
C PHE J 55 -17.36 30.52 5.74
N ALA K 6 41.72 11.27 -19.96
CA ALA K 6 41.42 12.73 -19.81
C ALA K 6 40.69 12.96 -18.47
N PRO K 7 41.20 13.87 -17.60
CA PRO K 7 40.56 14.04 -16.24
C PRO K 7 39.09 14.42 -16.25
N ASP K 8 38.27 13.81 -15.40
CA ASP K 8 36.85 14.14 -15.38
C ASP K 8 36.47 15.17 -14.32
N PHE K 9 35.17 15.40 -14.18
CA PHE K 9 34.67 16.34 -13.19
C PHE K 9 35.22 16.03 -11.78
N HIS K 10 35.29 14.73 -11.48
CA HIS K 10 35.63 14.25 -10.15
C HIS K 10 37.13 14.32 -9.89
N ASP K 11 37.92 14.07 -10.93
CA ASP K 11 39.38 14.30 -10.83
C ASP K 11 39.68 15.77 -10.59
N LYS K 12 38.91 16.67 -11.24
CA LYS K 12 39.25 18.12 -11.07
C LYS K 12 38.71 18.65 -9.78
N TYR K 13 37.42 18.44 -9.51
CA TYR K 13 36.77 19.12 -8.38
C TYR K 13 36.41 18.27 -7.17
N GLY K 14 36.62 16.96 -7.26
CA GLY K 14 36.40 16.01 -6.17
C GLY K 14 36.95 16.33 -4.79
N ASN K 15 38.25 16.53 -4.60
CA ASN K 15 38.69 16.82 -3.22
C ASN K 15 38.17 18.14 -2.66
N ALA K 16 38.02 19.16 -3.51
CA ALA K 16 37.51 20.47 -3.08
C ALA K 16 36.06 20.33 -2.62
N VAL K 17 35.24 19.68 -3.44
CA VAL K 17 33.84 19.41 -3.08
C VAL K 17 33.76 18.66 -1.72
N LEU K 18 34.51 17.56 -1.63
CA LEU K 18 34.55 16.75 -0.39
C LEU K 18 35.01 17.57 0.82
N ALA K 19 36.12 18.32 0.68
CA ALA K 19 36.66 19.04 1.82
C ALA K 19 35.74 20.19 2.25
N SER K 20 35.37 21.05 1.32
CA SER K 20 34.58 22.18 1.73
C SER K 20 33.12 21.75 2.09
N GLY K 21 32.52 20.72 1.44
CA GLY K 21 31.29 20.28 1.84
C GLY K 21 31.29 19.75 3.27
N ALA K 22 32.26 18.92 3.61
CA ALA K 22 32.40 18.41 4.96
C ALA K 22 32.56 19.53 5.98
N THR K 23 33.40 20.52 5.67
CA THR K 23 33.63 21.66 6.53
C THR K 23 32.38 22.50 6.73
N PHE K 24 31.70 22.81 5.64
CA PHE K 24 30.46 23.60 5.73
C PHE K 24 29.48 22.84 6.60
N CYS K 25 29.30 21.53 6.32
CA CYS K 25 28.28 20.74 7.02
C CYS K 25 28.50 20.74 8.52
N VAL K 26 29.71 20.42 8.93
CA VAL K 26 30.02 20.40 10.36
C VAL K 26 29.85 21.78 10.99
N ALA K 27 30.44 22.80 10.40
CA ALA K 27 30.33 24.14 10.97
C ALA K 27 28.85 24.58 11.15
N VAL K 28 28.03 24.47 10.10
CA VAL K 28 26.62 24.98 10.16
C VAL K 28 25.77 24.18 11.17
N TRP K 29 25.94 22.85 11.21
CA TRP K 29 25.25 22.04 12.21
C TRP K 29 25.68 22.34 13.63
N VAL K 30 26.97 22.51 13.87
CA VAL K 30 27.43 22.84 15.21
C VAL K 30 26.87 24.15 15.65
N TYR K 31 26.97 25.15 14.77
CA TYR K 31 26.39 26.45 15.04
C TYR K 31 24.88 26.31 15.37
N MET K 32 24.12 25.52 14.58
CA MET K 32 22.66 25.33 14.82
C MET K 32 22.43 24.66 16.18
N ALA K 33 23.24 23.67 16.47
CA ALA K 33 23.04 22.92 17.71
C ALA K 33 23.31 23.74 18.99
N THR K 34 24.20 24.71 18.89
CA THR K 34 24.77 25.33 20.09
C THR K 34 24.59 26.84 20.20
N GLN K 35 24.37 27.52 19.09
CA GLN K 35 24.44 28.97 19.12
C GLN K 35 23.10 29.64 18.98
N ILE K 36 22.00 28.92 18.76
CA ILE K 36 20.74 29.63 18.51
C ILE K 36 19.63 29.35 19.53
N GLY K 37 19.94 28.71 20.65
CA GLY K 37 18.99 28.60 21.76
C GLY K 37 18.05 27.39 21.67
N ILE K 38 18.35 26.44 20.80
CA ILE K 38 17.67 25.15 20.86
C ILE K 38 17.79 24.52 22.25
N GLU K 39 16.67 24.16 22.85
CA GLU K 39 16.69 23.39 24.08
C GLU K 39 16.54 21.94 23.69
N TRP K 40 17.64 21.21 23.74
CA TRP K 40 17.63 19.79 23.47
C TRP K 40 16.99 18.95 24.57
N ASN K 41 16.87 19.52 25.78
CA ASN K 41 16.47 18.84 26.99
C ASN K 41 17.21 17.48 27.22
N PRO K 42 18.54 17.55 27.42
CA PRO K 42 19.33 16.33 27.68
C PRO K 42 19.00 15.75 29.04
N SER K 43 19.45 14.54 29.32
CA SER K 43 19.27 13.90 30.65
C SER K 43 19.76 14.85 31.68
N PRO K 44 19.07 14.90 32.82
CA PRO K 44 19.60 15.57 33.99
C PRO K 44 20.67 14.77 34.72
N VAL K 45 20.76 13.48 34.40
CA VAL K 45 21.65 12.59 35.14
C VAL K 45 23.05 13.16 35.05
N GLY K 46 23.73 13.27 36.19
CA GLY K 46 25.10 13.81 36.23
C GLY K 46 25.21 15.21 35.74
N ARG K 47 24.12 15.96 35.65
CA ARG K 47 24.18 17.30 35.06
C ARG K 47 23.44 18.32 35.89
N VAL K 48 22.25 17.97 36.36
CA VAL K 48 21.41 18.88 37.11
C VAL K 48 21.53 18.52 38.59
N THR K 49 21.60 19.59 39.40
CA THR K 49 21.49 19.53 40.87
C THR K 49 20.05 19.61 41.33
N PRO K 50 19.53 18.53 41.94
CA PRO K 50 18.10 18.64 42.29
C PRO K 50 17.81 19.81 43.20
N LYS K 51 16.59 20.32 43.18
CA LYS K 51 16.31 21.45 44.07
C LYS K 51 14.98 21.30 44.79
N GLU K 52 14.89 21.81 46.00
CA GLU K 52 13.68 21.66 46.77
C GLU K 52 12.46 22.11 45.93
N TRP K 53 11.44 21.28 45.89
CA TRP K 53 10.25 21.59 45.11
C TRP K 53 9.01 21.77 46.01
N ARG K 54 8.90 21.11 47.14
CA ARG K 54 7.66 21.25 47.96
C ARG K 54 7.55 22.63 48.65
N TYR L 3 0.14 11.44 -34.15
CA TYR L 3 0.76 12.15 -32.96
C TYR L 3 2.28 12.29 -33.04
N GLU L 4 2.79 13.31 -32.32
CA GLU L 4 4.25 13.54 -32.26
C GLU L 4 4.88 12.34 -31.57
N GLU L 5 6.07 11.95 -31.99
CA GLU L 5 6.76 10.81 -31.39
C GLU L 5 8.21 11.18 -31.06
N GLY L 6 8.73 10.53 -30.07
CA GLY L 6 10.14 10.74 -29.68
C GLY L 6 10.37 11.55 -28.42
N PRO L 7 11.64 11.71 -28.06
CA PRO L 7 12.02 12.47 -26.85
C PRO L 7 11.48 13.93 -26.81
N GLY L 8 10.95 14.36 -25.68
CA GLY L 8 10.38 15.73 -25.59
C GLY L 8 9.01 15.82 -26.26
N LYS L 9 8.54 14.77 -26.96
CA LYS L 9 7.25 14.78 -27.72
C LYS L 9 6.12 13.89 -27.19
N ASN L 10 6.42 12.98 -26.28
CA ASN L 10 5.43 12.12 -25.64
C ASN L 10 5.00 12.58 -24.22
N ILE L 11 4.87 13.89 -24.05
CA ILE L 11 4.64 14.46 -22.77
C ILE L 11 3.68 15.59 -22.99
N PRO L 12 2.83 15.90 -21.99
CA PRO L 12 1.85 16.96 -22.15
C PRO L 12 2.41 18.34 -21.82
N PHE L 13 3.73 18.43 -21.64
CA PHE L 13 4.35 19.72 -21.34
C PHE L 13 5.50 19.85 -22.28
N SER L 14 5.96 21.08 -22.49
CA SER L 14 6.94 21.32 -23.53
C SER L 14 8.33 21.41 -22.93
N VAL L 15 9.28 20.90 -23.65
CA VAL L 15 10.65 21.05 -23.17
C VAL L 15 11.50 21.77 -24.21
N GLU L 16 10.83 22.45 -25.12
CA GLU L 16 11.47 23.23 -26.14
C GLU L 16 12.47 24.27 -25.57
N ASN L 17 12.13 24.93 -24.47
CA ASN L 17 12.95 25.94 -23.87
C ASN L 17 13.08 25.58 -22.42
N LYS L 18 14.29 25.49 -21.90
CA LYS L 18 14.50 24.98 -20.55
C LYS L 18 14.11 25.95 -19.44
N TRP L 19 14.01 27.24 -19.76
CA TRP L 19 13.59 28.26 -18.81
C TRP L 19 12.08 28.29 -18.74
N ARG L 20 11.43 28.11 -19.86
CA ARG L 20 9.97 28.04 -19.78
C ARG L 20 9.55 26.71 -19.09
N LEU L 21 10.29 25.63 -19.34
CA LEU L 21 10.11 24.37 -18.60
C LEU L 21 10.34 24.58 -17.10
N LEU L 22 11.43 25.27 -16.75
CA LEU L 22 11.69 25.55 -15.37
C LEU L 22 10.49 26.22 -14.72
N ALA L 23 9.93 27.25 -15.38
CA ALA L 23 8.78 28.00 -14.84
C ALA L 23 7.58 27.04 -14.66
N MET L 24 7.33 26.23 -15.70
CA MET L 24 6.19 25.26 -15.64
C MET L 24 6.37 24.23 -14.52
N MET L 25 7.61 23.75 -14.31
CA MET L 25 7.85 22.72 -13.27
C MET L 25 7.72 23.27 -11.85
N THR L 26 8.28 24.44 -11.67
CA THR L 26 8.16 25.25 -10.48
C THR L 26 6.67 25.61 -10.10
N LEU L 27 5.85 26.00 -11.09
CA LEU L 27 4.42 26.27 -10.83
C LEU L 27 3.77 24.94 -10.45
N PHE L 28 4.08 23.91 -11.23
CA PHE L 28 3.51 22.59 -10.99
C PHE L 28 3.84 22.05 -9.59
N PHE L 29 5.12 21.79 -9.33
CA PHE L 29 5.46 21.21 -8.05
C PHE L 29 5.27 22.18 -6.90
N GLY L 30 5.56 23.43 -7.12
CA GLY L 30 5.41 24.40 -6.05
C GLY L 30 3.94 24.62 -5.69
N SER L 31 3.00 24.49 -6.66
CA SER L 31 1.58 24.65 -6.26
C SER L 31 1.15 23.54 -5.35
N GLY L 32 1.58 22.30 -5.69
CA GLY L 32 1.34 21.15 -4.82
C GLY L 32 1.97 21.28 -3.44
N PHE L 33 3.24 21.70 -3.39
CA PHE L 33 3.90 21.86 -2.09
C PHE L 33 3.26 22.99 -1.29
N ALA L 34 2.91 24.12 -1.95
CA ALA L 34 2.37 25.22 -1.18
C ALA L 34 0.93 24.94 -0.63
N ALA L 35 0.15 24.10 -1.32
CA ALA L 35 -1.29 23.98 -1.01
C ALA L 35 -1.59 23.70 0.46
N PRO L 36 -0.91 22.73 1.11
CA PRO L 36 -1.21 22.59 2.54
C PRO L 36 -0.98 23.82 3.41
N PHE L 37 0.04 24.61 3.08
CA PHE L 37 0.36 25.69 3.99
C PHE L 37 -0.77 26.71 3.90
N PHE L 38 -1.33 26.84 2.68
CA PHE L 38 -2.44 27.81 2.45
C PHE L 38 -3.71 27.27 2.99
N ILE L 39 -3.91 25.95 3.01
CA ILE L 39 -5.04 25.36 3.73
C ILE L 39 -4.99 25.68 5.23
N VAL L 40 -3.81 25.53 5.79
CA VAL L 40 -3.62 25.80 7.23
C VAL L 40 -3.92 27.24 7.56
N ARG L 41 -3.38 28.14 6.72
CA ARG L 41 -3.68 29.57 6.80
C ARG L 41 -5.16 29.77 6.75
N HIS L 42 -5.78 29.19 5.73
CA HIS L 42 -7.25 29.27 5.59
C HIS L 42 -7.99 28.87 6.89
N GLN L 43 -7.63 27.74 7.44
CA GLN L 43 -8.31 27.28 8.62
C GLN L 43 -8.06 28.15 9.82
N LEU L 44 -6.83 28.66 10.01
CA LEU L 44 -6.54 29.47 11.21
C LEU L 44 -7.27 30.80 11.16
N LEU L 45 -7.33 31.36 9.96
CA LEU L 45 -8.10 32.56 9.72
C LEU L 45 -9.65 32.41 9.92
N LYS L 46 -10.17 31.18 9.92
CA LYS L 46 -11.51 30.97 10.43
C LYS L 46 -11.52 31.17 11.94
N ILE M 1 23.81 2.48 -19.55
CA ILE M 1 23.13 3.12 -20.68
C ILE M 1 24.13 4.08 -21.23
N THR M 2 24.19 4.20 -22.55
CA THR M 2 24.99 5.29 -23.20
C THR M 2 24.05 6.31 -23.79
N ALA M 3 24.53 7.54 -24.00
CA ALA M 3 23.68 8.61 -24.49
C ALA M 3 24.50 9.49 -25.41
N LYS M 4 23.88 10.28 -26.27
CA LYS M 4 24.55 11.24 -27.15
C LYS M 4 24.87 12.44 -26.30
N PRO M 5 25.83 13.31 -26.72
CA PRO M 5 26.04 14.56 -25.98
C PRO M 5 24.75 15.33 -25.84
N ALA M 6 24.63 16.10 -24.78
CA ALA M 6 23.48 16.99 -24.59
C ALA M 6 23.20 17.84 -25.86
N LYS M 7 21.94 17.93 -26.28
CA LYS M 7 21.59 18.73 -27.40
C LYS M 7 21.67 20.20 -26.97
N THR M 8 21.46 20.45 -25.70
CA THR M 8 21.37 21.79 -25.18
C THR M 8 22.04 21.78 -23.82
N PRO M 9 23.41 21.66 -23.80
CA PRO M 9 24.12 21.56 -22.55
C PRO M 9 23.64 22.56 -21.55
N THR M 10 23.62 22.16 -20.29
CA THR M 10 23.28 23.02 -19.15
C THR M 10 24.56 23.28 -18.29
N SER M 11 25.17 24.43 -18.52
CA SER M 11 26.38 24.85 -17.83
C SER M 11 26.21 24.94 -16.30
N PRO M 12 27.30 24.95 -15.53
CA PRO M 12 27.19 25.07 -14.09
C PRO M 12 26.41 26.27 -13.62
N LYS M 13 26.53 27.35 -14.37
CA LYS M 13 25.79 28.59 -14.05
C LYS M 13 24.26 28.39 -14.17
N GLU M 14 23.93 27.70 -15.26
CA GLU M 14 22.52 27.43 -15.59
C GLU M 14 21.99 26.48 -14.57
N GLN M 15 22.83 25.55 -14.07
CA GLN M 15 22.36 24.65 -13.03
C GLN M 15 22.17 25.35 -11.75
N ALA M 16 23.05 26.29 -11.46
CA ALA M 16 22.90 27.02 -10.22
C ALA M 16 21.61 27.84 -10.30
N ILE M 17 21.30 28.35 -11.48
CA ILE M 17 20.02 29.07 -11.57
C ILE M 17 18.83 28.10 -11.39
N GLY M 18 18.82 27.03 -12.17
CA GLY M 18 17.79 25.97 -12.02
C GLY M 18 17.55 25.53 -10.58
N LEU M 19 18.64 25.29 -9.87
CA LEU M 19 18.59 24.84 -8.51
C LEU M 19 18.04 25.92 -7.63
N SER M 20 18.52 27.14 -7.80
CA SER M 20 18.05 28.21 -6.93
C SER M 20 16.55 28.47 -7.11
N VAL M 21 16.11 28.51 -8.35
CA VAL M 21 14.68 28.78 -8.65
C VAL M 21 13.85 27.62 -8.09
N THR M 22 14.34 26.40 -8.31
CA THR M 22 13.66 25.21 -7.75
C THR M 22 13.45 25.31 -6.25
N PHE M 23 14.53 25.54 -5.53
CA PHE M 23 14.45 25.63 -4.08
C PHE M 23 13.56 26.77 -3.59
N LEU M 24 13.65 27.95 -4.23
CA LEU M 24 12.84 29.08 -3.79
C LEU M 24 11.33 28.81 -4.06
N SER M 25 11.00 28.06 -5.12
CA SER M 25 9.58 27.70 -5.38
C SER M 25 8.92 26.91 -4.26
N PHE M 26 9.70 26.07 -3.58
CA PHE M 26 9.22 25.37 -2.37
C PHE M 26 9.32 26.27 -1.16
N LEU M 27 10.44 26.97 -1.02
CA LEU M 27 10.75 27.57 0.25
C LEU M 27 10.03 28.91 0.46
N LEU M 28 9.79 29.69 -0.59
CA LEU M 28 9.18 31.03 -0.34
C LEU M 28 7.71 30.99 0.08
N PRO M 29 6.86 30.22 -0.62
CA PRO M 29 5.47 30.23 -0.18
C PRO M 29 5.27 29.65 1.24
N ALA M 30 5.82 28.47 1.48
CA ALA M 30 5.77 27.87 2.82
C ALA M 30 6.35 28.80 3.90
N GLY M 31 7.44 29.49 3.58
CA GLY M 31 8.09 30.36 4.59
C GLY M 31 7.23 31.58 4.89
N TRP M 32 6.62 32.12 3.83
CA TRP M 32 5.65 33.20 4.00
C TRP M 32 4.60 32.76 5.00
N VAL M 33 4.03 31.57 4.77
CA VAL M 33 2.99 31.15 5.65
C VAL M 33 3.46 30.93 7.08
N LEU M 34 4.61 30.25 7.24
CA LEU M 34 5.09 29.92 8.57
C LEU M 34 5.48 31.18 9.34
N TYR M 35 6.12 32.12 8.66
CA TYR M 35 6.52 33.38 9.28
C TYR M 35 5.27 34.10 9.81
N HIS M 36 4.16 34.03 9.08
CA HIS M 36 2.96 34.80 9.45
C HIS M 36 1.90 34.06 10.29
N LEU M 37 2.23 32.89 10.85
CA LEU M 37 1.27 32.13 11.66
C LEU M 37 0.62 32.95 12.78
N ASP M 38 1.46 33.59 13.58
CA ASP M 38 1.02 34.52 14.62
C ASP M 38 -0.11 35.42 14.07
N ASN M 39 0.11 35.97 12.88
CA ASN M 39 -0.85 36.90 12.30
C ASN M 39 -2.20 36.20 12.12
N TYR M 40 -2.18 34.91 11.80
CA TYR M 40 -3.39 34.17 11.78
C TYR M 40 -3.58 33.59 13.21
FE HEA N . 3.93 9.82 7.29
CHA HEA N . 1.71 9.57 10.04
CHB HEA N . 5.97 11.79 8.96
CHC HEA N . 5.95 10.16 4.51
CHD HEA N . 2.12 7.49 5.73
NA HEA N . 3.82 10.59 9.11
C1A HEA N . 2.99 10.37 10.14
C2A HEA N . 3.42 10.92 11.31
C3A HEA N . 4.66 11.57 11.06
C4A HEA N . 4.86 11.32 9.72
CMA HEA N . 5.39 12.24 12.16
OMA HEA N . 6.58 12.49 11.93
CAA HEA N . 2.73 10.83 12.65
CBA HEA N . 1.57 11.77 12.92
CGA HEA N . 1.10 11.60 14.31
O1A HEA N . 0.67 12.57 14.99
O2A HEA N . 1.09 10.46 14.81
NB HEA N . 5.67 10.85 6.80
C1B HEA N . 6.33 11.64 7.61
C2B HEA N . 7.43 12.27 7.04
C3B HEA N . 7.40 11.77 5.78
C4B HEA N . 6.28 10.90 5.69
CMB HEA N . 8.39 13.24 7.77
NC HEA N . 4.06 8.97 5.49
C1C HEA N . 4.90 9.13 4.50
C2C HEA N . 4.67 8.29 3.43
C3C HEA N . 3.58 7.50 3.77
C4C HEA N . 3.25 7.95 5.03
CMC HEA N . 5.48 8.27 2.13
CAC HEA N . 2.93 6.45 2.94
CBC HEA N . 3.23 6.01 1.80
ND HEA N . 2.14 8.77 7.77
C1D HEA N . 1.61 7.87 6.99
C2D HEA N . 0.42 7.36 7.60
C3D HEA N . 0.28 7.95 8.81
C4D HEA N . 1.43 8.77 8.90
CMD HEA N . -0.47 6.38 6.97
CAD HEA N . -0.69 7.79 9.92
CBD HEA N . -1.83 8.86 9.83
CGD HEA N . -2.74 8.75 11.00
O1D HEA N . -3.99 8.68 10.76
O2D HEA N . -2.26 8.66 12.19
C11 HEA N . 8.30 12.00 4.61
O11 HEA N . 8.54 13.47 4.52
C12 HEA N . 9.49 11.03 4.60
C13 HEA N . 10.21 11.34 3.31
C14 HEA N . 9.41 10.93 2.05
C15 HEA N . 9.18 11.73 1.00
C16 HEA N . 8.34 11.20 -0.14
C17 HEA N . 8.71 11.76 -1.47
C18 HEA N . 8.09 11.16 -2.71
C19 HEA N . 7.65 11.96 -3.70
C20 HEA N . 7.11 11.36 -4.97
C21 HEA N . 8.04 11.39 -6.14
C22 HEA N . 7.44 10.83 -7.40
C23 HEA N . 8.05 10.36 -8.47
C24 HEA N . 9.52 10.19 -8.61
C25 HEA N . 7.35 9.86 -9.68
C26 HEA N . 9.65 13.12 0.97
C27 HEA N . 7.65 13.46 -3.67
FE HEA O . 2.90 -3.47 9.26
CHA HEA O . 0.81 -1.67 11.38
CHB HEA O . 2.96 -6.07 11.43
CHC HEA O . 4.41 -5.44 6.98
CHD HEA O . 2.46 -1.03 6.88
NA HEA O . 2.14 -3.81 11.04
C1A HEA O . 1.20 -3.03 11.73
C2A HEA O . 0.73 -3.63 12.89
C3A HEA O . 1.31 -4.90 12.95
C4A HEA O . 2.09 -4.97 11.79
CMA HEA O . 1.01 -5.90 14.05
OMA HEA O . 1.23 -7.12 13.91
CAA HEA O . -0.21 -3.04 13.93
CBA HEA O . 0.44 -2.33 15.08
CGA HEA O . -0.42 -1.50 15.98
O1A HEA O . -0.45 -1.66 17.24
O2A HEA O . -1.07 -0.61 15.37
NB HEA O . 3.70 -5.32 9.23
C1B HEA O . 3.55 -6.27 10.15
C2B HEA O . 4.20 -7.47 9.83
C3B HEA O . 4.62 -7.31 8.56
C4B HEA O . 4.16 -6.00 8.24
CMB HEA O . 4.31 -8.65 10.78
NC HEA O . 3.55 -3.16 7.42
C1C HEA O . 3.89 -4.16 6.53
C2C HEA O . 4.14 -3.78 5.23
C3C HEA O . 3.57 -2.51 5.16
C4C HEA O . 3.11 -2.27 6.48
CMC HEA O . 4.68 -4.55 4.06
CAC HEA O . 3.59 -1.54 4.02
CBC HEA O . 4.52 -1.47 3.06
ND HEA O . 1.97 -1.62 9.24
C1D HEA O . 1.80 -0.82 8.14
C2D HEA O . 1.01 0.32 8.37
C3D HEA O . 0.56 0.14 9.63
C4D HEA O . 1.09 -1.10 10.10
CMD HEA O . 0.76 1.46 7.41
CAD HEA O . -0.32 0.97 10.53
CBD HEA O . -1.36 1.87 9.99
CGD HEA O . -1.95 2.71 11.08
O1D HEA O . -2.26 2.33 12.24
O2D HEA O . -2.17 3.88 10.66
C11 HEA O . 5.34 -8.36 7.73
O11 HEA O . 4.78 -8.47 6.40
C12 HEA O . 6.87 -8.07 7.61
C13 HEA O . 7.67 -9.29 7.08
C14 HEA O . 9.13 -8.93 6.71
C15 HEA O . 10.17 -9.21 7.49
C16 HEA O . 11.57 -8.78 7.07
C17 HEA O . 12.15 -9.65 5.98
C18 HEA O . 12.35 -11.12 6.40
C19 HEA O . 13.49 -11.77 6.61
C20 HEA O . 13.29 -13.22 6.96
C21 HEA O . 13.66 -13.59 8.35
C22 HEA O . 12.83 -12.92 9.40
C23 HEA O . 12.30 -13.54 10.48
C24 HEA O . 12.38 -15.00 10.84
C25 HEA O . 11.52 -12.76 11.49
C26 HEA O . 10.07 -9.97 8.76
C27 HEA O . 14.87 -11.16 6.43
CU CU P . -1.88 -5.09 9.13
MG MG Q . -5.80 2.42 18.76
NA NA R . 3.58 20.90 19.30
C1 CQX S . 23.46 -22.10 -2.98
C2 CQX S . 25.00 -22.19 -3.07
C3 CQX S . 25.56 -22.16 -4.52
C4 CQX S . 24.81 -21.19 -5.48
C6 CQX S . 22.96 -20.94 -3.81
O49 CQX S . 22.80 -23.27 -3.44
O55 CQX S . 25.33 -23.39 -2.36
O7 CQX S . 27.01 -21.87 -4.46
O5 CQX S . 23.43 -20.92 -5.16
C57 CQX S . 24.74 -21.75 -6.91
O61 CQX S . 25.54 -21.00 -7.77
O16 CQX S . 23.36 -19.78 -3.11
C18 CQX S . 23.02 -18.70 -3.91
C19 CQX S . 23.77 -17.59 -3.28
O22 CQX S . 23.18 -17.46 -2.01
C25 CQX S . 23.78 -16.34 -1.39
C28 CQX S . 22.71 -15.46 -0.81
C31 CQX S . 22.38 -16.22 0.42
C34 CQX S . 21.47 -15.47 1.28
C37 CQX S . 21.18 -16.54 2.27
C40 CQX S . 20.61 -16.04 3.58
C43 CQX S . 20.70 -17.30 4.43
C46 CQX S . 19.65 -17.35 5.51
C49 CQX S . 19.01 -18.70 5.68
C52 CQX S . 18.11 -18.60 6.90
P PGV T . -13.39 -0.10 -22.73
C01 PGV T . -14.51 -2.98 -19.59
C02 PGV T . -15.54 -2.17 -20.44
C03 PGV T . -15.07 -1.90 -21.86
C04 PGV T . -12.87 -1.89 -24.70
C05 PGV T . -13.41 -2.13 -26.08
C06 PGV T . -14.95 -2.41 -26.10
O01 PGV T . -15.70 -0.91 -19.78
O02 PGV T . -18.01 -0.99 -19.92
O03 PGV T . -14.97 -3.27 -18.28
O04 PGV T . -15.79 -5.07 -19.29
O05 PGV T . -12.75 -3.20 -26.72
O06 PGV T . -15.45 -2.52 -27.45
O11 PGV T . -13.73 -1.36 -21.86
O12 PGV T . -13.52 -0.67 -24.18
O13 PGV T . -11.90 0.25 -22.50
O14 PGV T . -14.31 1.04 -22.57
C1 PGV T . -17.02 -0.41 -19.47
C2 PGV T . -17.01 0.80 -18.60
C3 PGV T . -18.27 1.62 -18.71
C4 PGV T . -18.22 2.85 -17.85
C5 PGV T . -19.47 3.72 -18.06
C6 PGV T . -19.43 4.95 -17.22
C7 PGV T . -19.53 4.71 -15.71
C8 PGV T . -19.42 6.05 -14.98
C9 PGV T . -18.94 5.80 -13.57
C10 PGV T . -18.96 6.99 -12.64
C11 PGV T . -17.89 6.68 -11.61
C12 PGV T . -18.04 6.58 -10.28
C13 PGV T . -19.32 6.81 -9.52
C14 PGV T . -18.95 6.70 -8.04
C15 PGV T . -19.98 7.47 -7.23
C16 PGV T . -19.93 7.06 -5.78
C17 PGV T . -21.10 7.75 -5.14
C18 PGV T . -21.02 7.68 -3.66
C19 PGV T . -15.71 -4.50 -18.19
C20 PGV T . -16.32 -4.97 -16.91
C21 PGV T . -16.45 -3.82 -15.90
C22 PGV T . -17.62 -2.86 -16.16
C23 PGV T . -17.49 -1.67 -15.21
C24 PGV T . -18.66 -0.73 -15.31
C25 PGV T . -18.56 0.63 -14.59
C26 PGV T . -18.82 0.39 -13.11
C27 PGV T . -18.84 1.62 -12.21
C28 PGV T . -19.40 1.35 -10.80
C29 PGV T . -18.38 0.86 -9.76
C30 PGV T . -18.87 -0.24 -8.81
C31 PGV T . -17.87 -0.91 -7.83
C32 PGV T . -18.79 -1.78 -6.97
C33 PGV T . -18.09 -2.84 -6.13
C34 PGV T . -17.30 -2.05 -5.09
C1 CQX U . 27.82 12.50 -15.58
C2 CQX U . 28.52 11.69 -14.50
C3 CQX U . 30.02 11.44 -14.76
C4 CQX U . 30.74 12.76 -15.00
C6 CQX U . 28.64 13.77 -15.66
O49 CQX U . 27.67 11.83 -16.86
O55 CQX U . 27.92 10.45 -14.33
O7 CQX U . 30.58 10.74 -13.62
O5 CQX U . 30.01 13.54 -15.97
C57 CQX U . 32.18 12.57 -15.51
O61 CQX U . 32.87 13.84 -15.52
O16 CQX U . 28.57 14.27 -14.33
C18 CQX U . 29.27 15.48 -14.21
C19 CQX U . 29.26 15.76 -12.77
O22 CQX U . 28.07 16.48 -12.64
C25 CQX U . 27.52 16.28 -11.37
C28 CQX U . 28.01 17.42 -10.64
C31 CQX U . 27.38 17.29 -9.31
C34 CQX U . 27.63 18.69 -8.84
C37 CQX U . 27.76 18.62 -7.38
C40 CQX U . 27.66 20.05 -6.96
C43 CQX U . 28.70 20.31 -5.90
C46 CQX U . 28.14 21.38 -4.99
C49 CQX U . 29.20 21.69 -3.97
C52 CQX U . 28.63 21.68 -2.57
C1 CQX V . 26.73 19.73 -18.95
C2 CQX V . 25.58 18.76 -19.19
C3 CQX V . 26.12 17.55 -19.98
C4 CQX V . 27.14 16.86 -19.06
C6 CQX V . 27.84 19.05 -18.14
O49 CQX V . 27.26 20.30 -20.20
O55 CQX V . 24.56 19.46 -19.88
O7 CQX V . 25.16 16.61 -20.42
O5 CQX V . 28.19 17.79 -18.76
C57 CQX V . 27.75 15.62 -19.71
O61 CQX V . 28.88 15.15 -18.96
O16 CQX V . 27.41 18.82 -16.79
C18 CQX V . 28.43 19.02 -15.80
C19 CQX V . 27.75 19.12 -14.46
O22 CQX V . 28.50 20.00 -13.61
C25 CQX V . 27.55 20.75 -12.88
C28 CQX V . 28.19 21.47 -11.73
C31 CQX V . 27.02 22.22 -11.16
C34 CQX V . 27.45 23.16 -10.08
C37 CQX V . 26.21 23.88 -9.61
C40 CQX V . 26.53 24.38 -8.22
C43 CQX V . 25.32 24.94 -7.55
C46 CQX V . 25.79 25.34 -6.17
C49 CQX V . 24.63 25.34 -5.19
C52 CQX V . 24.96 26.23 -4.03
C1 CDL W . 20.60 0.33 26.70
O1 CDL W . 20.31 1.65 27.21
CA2 CDL W . 19.65 -0.09 25.60
OA2 CDL W . 18.65 -0.84 26.26
PA1 CDL W . 17.16 -0.27 26.39
OA3 CDL W . 17.28 1.24 26.66
OA4 CDL W . 16.51 -1.08 27.46
OA5 CDL W . 16.31 -0.67 25.06
CA3 CDL W . 16.83 -1.27 23.89
CA4 CDL W . 17.00 -0.21 22.79
OA6 CDL W . 15.80 0.11 21.99
CA5 CDL W . 15.27 -0.42 20.66
OA7 CDL W . 14.54 -1.45 20.53
C11 CDL W . 15.49 0.35 19.36
C12 CDL W . 14.59 -0.22 18.25
C13 CDL W . 15.44 -0.93 17.21
C14 CDL W . 14.67 -1.49 16.05
C15 CDL W . 15.52 -2.46 15.23
C16 CDL W . 16.77 -1.79 14.65
C17 CDL W . 17.34 -2.54 13.44
C18 CDL W . 18.85 -2.46 13.42
C19 CDL W . 19.62 -2.75 12.13
C20 CDL W . 21.14 -2.51 12.35
C21 CDL W . 22.04 -3.76 12.24
C22 CDL W . 23.27 -3.71 13.14
C23 CDL W . 24.23 -4.81 12.76
CA6 CDL W . 18.27 -0.65 22.06
OA8 CDL W . 18.44 -0.01 20.80
CA7 CDL W . 19.73 0.60 20.60
OA9 CDL W . 20.61 0.30 21.37
C31 CDL W . 19.98 1.53 19.44
C32 CDL W . 20.48 0.66 18.29
C33 CDL W . 20.97 1.57 17.15
C34 CDL W . 21.12 0.86 15.80
C35 CDL W . 21.53 -0.61 15.94
CB2 CDL W . 21.99 0.23 26.14
OB2 CDL W . 22.56 1.49 26.43
PB2 CDL W . 23.37 1.73 27.80
OB3 CDL W . 24.19 0.48 28.01
OB4 CDL W . 22.37 2.25 28.80
OB5 CDL W . 24.37 2.91 27.30
CB3 CDL W . 23.91 4.18 26.80
CB4 CDL W . 23.49 4.24 25.31
OB6 CDL W . 24.38 3.45 24.50
CB5 CDL W . 24.00 3.24 23.09
OB7 CDL W . 23.02 2.58 22.81
C51 CDL W . 24.83 3.82 21.96
C52 CDL W . 25.67 2.74 21.28
CB6 CDL W . 23.45 5.71 24.82
OB8 CDL W . 22.39 5.93 23.87
CB7 CDL W . 22.03 7.24 23.33
OB9 CDL W . 21.70 8.12 24.12
C71 CDL W . 22.03 7.52 21.84
C72 CDL W . 21.94 6.26 20.94
C73 CDL W . 20.81 6.40 19.92
C74 CDL W . 21.14 6.35 18.43
C75 CDL W . 20.50 7.59 17.74
C76 CDL W . 20.24 7.44 16.24
C77 CDL W . 20.19 8.79 15.51
C78 CDL W . 19.57 8.77 14.10
C79 CDL W . 20.45 8.17 12.97
C80 CDL W . 21.10 9.18 11.98
C81 CDL W . 20.87 8.87 10.49
C82 CDL W . 22.12 8.68 9.64
CU1 CUA X . -9.25 10.77 24.81
CU2 CUA X . -7.48 10.49 23.03
C1 CQX Y . 19.23 -19.21 22.18
C2 CQX Y . 17.71 -19.42 22.47
C3 CQX Y . 17.05 -18.14 22.89
C4 CQX Y . 17.40 -17.06 21.83
C6 CQX Y . 19.49 -18.14 21.09
O49 CQX Y . 20.05 -18.92 23.35
O55 CQX Y . 17.50 -20.40 23.51
O7 CQX Y . 15.60 -18.32 22.98
O5 CQX Y . 18.80 -16.94 21.48
C57 CQX Y . 16.86 -15.69 22.29
O61 CQX Y . 17.84 -14.70 22.64
O16 CQX Y . 19.16 -18.66 19.79
C18 CQX Y . 19.19 -17.82 18.63
C19 CQX Y . 19.18 -18.66 17.35
O22 CQX Y . 20.05 -19.80 17.38
C25 CQX Y . 19.96 -20.46 16.10
C1 CHD Z . -9.12 -18.00 15.72
C2 CHD Z . -9.51 -18.24 17.19
C3 CHD Z . -10.16 -19.60 17.32
O3 CHD Z . -10.59 -19.72 18.67
C4 CHD Z . -11.37 -19.73 16.38
C5 CHD Z . -11.01 -19.45 14.90
C6 CHD Z . -12.20 -19.62 13.93
C7 CHD Z . -13.19 -18.46 13.99
O7 CHD Z . -13.87 -18.49 15.27
C8 CHD Z . -12.51 -17.09 13.86
C9 CHD Z . -11.36 -16.99 14.88
C10 CHD Z . -10.31 -18.10 14.73
C11 CHD Z . -10.78 -15.59 14.82
C12 CHD Z . -11.71 -14.39 14.97
O12 CHD Z . -12.25 -14.43 16.27
C13 CHD Z . -12.83 -14.52 13.95
C14 CHD Z . -13.47 -15.90 14.08
C15 CHD Z . -14.70 -15.82 13.15
C16 CHD Z . -15.14 -14.36 13.36
C17 CHD Z . -14.04 -13.64 14.18
C18 CHD Z . -12.23 -14.24 12.59
C19 CHD Z . -9.70 -18.06 13.31
C20 CHD Z . -13.94 -12.15 13.79
C21 CHD Z . -12.77 -11.36 14.36
C22 CHD Z . -15.19 -11.46 14.37
C23 CHD Z . -15.38 -10.06 13.82
O25 CHD Z . -16.91 -9.29 15.54
C24 CHD Z . -16.67 -9.42 14.33
O26 CHD Z . -17.45 -9.06 13.45
NA NA AA . -24.08 -17.71 -25.18
P PGV BA . -21.88 -8.24 -28.02
C01 PGV BA . -19.98 -6.24 -24.97
C02 PGV BA . -21.30 -5.85 -25.68
C03 PGV BA . -21.11 -5.92 -27.16
C04 PGV BA . -21.48 -8.03 -30.64
C05 PGV BA . -22.22 -8.90 -31.63
C06 PGV BA . -21.43 -9.34 -32.87
O01 PGV BA . -21.65 -4.53 -25.32
O02 PGV BA . -23.52 -5.28 -24.21
O03 PGV BA . -20.25 -6.46 -23.60
O04 PGV BA . -19.14 -4.63 -23.04
O05 PGV BA . -23.29 -8.10 -32.09
O06 PGV BA . -22.23 -10.27 -33.63
O11 PGV BA . -20.70 -7.24 -27.56
O12 PGV BA . -22.26 -7.79 -29.48
O13 PGV BA . -23.05 -8.03 -27.10
O14 PGV BA . -21.21 -9.59 -28.13
C1 PGV BA . -22.85 -4.33 -24.59
C2 PGV BA . -23.19 -2.85 -24.38
C3 PGV BA . -24.34 -2.65 -23.43
C4 PGV BA . -24.01 -2.70 -21.96
C5 PGV BA . -25.26 -2.23 -21.22
C6 PGV BA . -25.15 -2.26 -19.71
C7 PGV BA . -26.30 -1.49 -18.99
C8 PGV BA . -26.24 -1.52 -17.46
C9 PGV BA . -27.35 -0.86 -16.59
C10 PGV BA . -27.19 0.64 -16.28
C11 PGV BA . -26.92 0.98 -14.82
C12 PGV BA . -27.61 1.82 -14.01
C13 PGV BA . -28.83 2.66 -14.39
C14 PGV BA . -30.08 2.44 -13.49
C15 PGV BA . -31.10 3.57 -13.79
C16 PGV BA . -32.58 3.21 -13.65
C17 PGV BA . -33.41 4.36 -13.06
C18 PGV BA . -34.76 3.93 -12.47
C19 PGV BA . -19.75 -5.57 -22.62
C20 PGV BA . -20.06 -5.79 -21.17
C21 PGV BA . -20.29 -4.43 -20.49
C22 PGV BA . -20.84 -4.80 -19.11
C23 PGV BA . -21.43 -3.66 -18.37
C24 PGV BA . -21.70 -4.04 -16.95
C25 PGV BA . -22.98 -3.44 -16.46
C26 PGV BA . -23.18 -3.48 -14.96
C27 PGV BA . -22.71 -2.19 -14.31
C28 PGV BA . -23.68 -1.65 -13.30
C29 PGV BA . -23.05 -0.55 -12.43
C30 PGV BA . -23.10 -0.94 -10.94
C31 PGV BA . -23.35 0.20 -9.95
C32 PGV BA . -23.04 -0.35 -8.56
C33 PGV BA . -23.55 0.50 -7.38
C34 PGV BA . -22.97 -0.10 -6.09
C1 CDL CA . -27.11 3.76 -35.16
O1 CDL CA . -27.44 3.71 -36.53
CA2 CDL CA . -27.21 5.26 -34.88
OA2 CDL CA . -27.55 5.47 -33.52
PA1 CDL CA . -26.83 4.81 -32.24
OA3 CDL CA . -25.55 3.95 -32.58
OA4 CDL CA . -26.89 6.01 -31.33
OA5 CDL CA . -27.99 3.90 -31.59
CA3 CDL CA . -28.54 4.13 -30.28
CA4 CDL CA . -28.29 2.89 -29.43
OA6 CDL CA . -28.55 1.78 -30.28
CA5 CDL CA . -27.68 0.68 -29.98
OA7 CDL CA . -26.55 0.72 -30.47
C11 CDL CA . -28.25 -0.42 -29.12
C12 CDL CA . -29.76 -0.40 -29.34
C13 CDL CA . -30.67 -1.01 -28.28
C14 CDL CA . -30.52 -0.47 -26.86
C15 CDL CA . -31.31 0.81 -26.54
C16 CDL CA . -32.28 0.59 -25.39
C17 CDL CA . -32.05 1.48 -24.19
C18 CDL CA . -32.69 0.84 -22.97
C19 CDL CA . -32.58 1.75 -21.77
C20 CDL CA . -33.03 1.06 -20.50
C21 CDL CA . -33.79 2.00 -19.56
C22 CDL CA . -34.78 1.17 -18.74
C23 CDL CA . -35.54 2.01 -17.69
C24 CDL CA . -35.36 1.48 -16.25
C25 CDL CA . -36.41 0.41 -15.82
C26 CDL CA . -36.33 0.03 -14.34
C27 CDL CA . -36.31 -1.48 -14.09
CA6 CDL CA . -29.19 2.80 -28.22
OA8 CDL CA . -28.70 1.77 -27.34
CA7 CDL CA . -27.67 1.98 -26.36
OA9 CDL CA . -26.96 2.96 -26.45
C31 CDL CA . -27.46 0.98 -25.25
C32 CDL CA . -26.92 1.71 -24.02
C33 CDL CA . -27.76 1.43 -22.79
C34 CDL CA . -27.30 2.14 -21.52
C35 CDL CA . -28.42 2.54 -20.55
C36 CDL CA . -27.86 3.42 -19.43
C37 CDL CA . -28.86 3.70 -18.30
C38 CDL CA . -29.55 5.05 -18.48
C39 CDL CA . -30.91 5.13 -17.75
CB2 CDL CA . -27.99 2.91 -34.24
OB2 CDL CA . -28.72 1.79 -34.75
PB2 CDL CA . -29.58 0.94 -33.66
OB3 CDL CA . -29.66 -0.55 -34.11
OB4 CDL CA . -28.91 1.19 -32.33
OB5 CDL CA . -30.98 1.83 -33.60
CB3 CDL CA . -31.16 2.94 -32.68
CB4 CDL CA . -31.82 4.25 -33.17
OB6 CDL CA . -33.08 4.00 -33.79
CB5 CDL CA . -34.23 4.72 -33.22
OB7 CDL CA . -35.03 5.25 -33.97
C51 CDL CA . -34.48 4.81 -31.75
C52 CDL CA . -34.02 6.19 -31.24
C53 CDL CA . -32.90 6.15 -30.18
C54 CDL CA . -32.79 4.81 -29.46
C55 CDL CA . -31.98 4.98 -28.20
C56 CDL CA . -32.74 5.71 -27.11
C57 CDL CA . -32.62 4.94 -25.78
C58 CDL CA . -33.23 5.72 -24.62
C59 CDL CA . -32.28 5.96 -23.44
C60 CDL CA . -32.44 4.94 -22.32
C61 CDL CA . -31.91 5.39 -20.95
C62 CDL CA . -32.98 6.05 -20.06
CB6 CDL CA . -30.95 5.11 -34.11
OB8 CDL CA . -31.53 6.39 -34.38
CB7 CDL CA . -30.74 7.62 -34.37
OB9 CDL CA . -30.03 7.85 -33.40
C71 CDL CA . -30.74 8.57 -35.56
C72 CDL CA . -31.67 9.78 -35.39
C73 CDL CA . -31.35 10.67 -34.18
C74 CDL CA . -32.37 10.49 -33.08
C75 CDL CA . -31.88 10.98 -31.71
C76 CDL CA . -31.85 9.86 -30.67
C77 CDL CA . -30.97 10.22 -29.46
C78 CDL CA . -31.59 9.75 -28.14
C79 CDL CA . -30.52 9.48 -27.05
C80 CDL CA . -30.90 9.96 -25.64
C81 CDL CA . -30.45 9.00 -24.51
C82 CDL CA . -29.97 9.63 -23.19
C83 CDL CA . -30.41 8.85 -21.93
C84 CDL CA . -29.86 9.44 -20.62
C85 CDL CA . -30.88 9.60 -19.48
C86 CDL CA . -30.67 10.90 -18.71
C87 CDL CA . -31.42 12.05 -19.39
C1 CQX DA . -45.63 7.74 -0.98
C2 CQX DA . -45.17 9.17 -1.02
C3 CQX DA . -44.75 9.66 0.36
C4 CQX DA . -43.76 8.71 1.03
C6 CQX DA . -44.48 6.94 -0.36
O49 CQX DA . -46.90 7.74 -0.24
O55 CQX DA . -46.28 9.99 -1.32
O7 CQX DA . -44.19 10.95 0.11
O5 CQX DA . -44.28 7.37 1.01
C57 CQX DA . -43.43 9.17 2.45
O61 CQX DA . -44.51 9.14 3.37
O16 CQX DA . -43.34 7.15 -1.23
C18 CQX DA . -42.12 6.30 -1.16
C19 CQX DA . -41.58 6.57 -2.57
O22 CQX DA . -40.89 5.51 -3.21
C25 CQX DA . -41.12 5.31 -4.60
C28 CQX DA . -39.90 4.63 -5.22
C31 CQX DA . -40.00 3.11 -5.35
C34 CQX DA . -38.80 2.45 -6.04
C37 CQX DA . -37.73 1.86 -5.08
C40 CQX DA . -37.80 0.33 -4.85
C43 CQX DA . -36.74 -0.16 -3.88
C46 CQX DA . -37.09 -1.57 -3.45
C49 CQX DA . -35.88 -2.50 -3.43
C52 CQX DA . -35.84 -3.44 -4.64
C1 CQX EA . -44.42 2.59 -3.05
C2 CQX EA . -45.66 1.73 -3.10
C3 CQX EA . -46.58 2.17 -1.99
C4 CQX EA . -46.95 3.63 -2.21
C6 CQX EA . -44.78 4.08 -3.06
O49 CQX EA . -43.70 2.36 -1.84
O55 CQX EA . -45.31 0.36 -2.99
O7 CQX EA . -47.80 1.43 -2.06
O5 CQX EA . -45.77 4.38 -2.07
C57 CQX EA . -48.02 4.08 -1.21
O61 CQX EA . -48.09 5.51 -1.18
O16 CQX EA . -45.26 4.37 -4.36
C18 CQX EA . -45.49 5.74 -4.64
C19 CQX EA . -45.61 5.82 -6.15
O22 CQX EA . -44.50 6.56 -6.62
C25 CQX EA . -43.66 5.90 -7.57
C28 CQX EA . -42.89 6.95 -8.38
C31 CQX EA . -41.52 6.43 -8.82
C34 CQX EA . -40.87 7.34 -9.85
C37 CQX EA . -39.37 7.56 -9.60
C40 CQX EA . -38.50 6.99 -10.73
C43 CQX EA . -37.16 7.73 -10.92
C46 CQX EA . -36.56 7.50 -12.32
C49 CQX EA . -35.06 7.80 -12.37
C52 CQX EA . -34.61 8.35 -13.71
ZN ZN FA . 16.92 -19.48 -27.53
P PEK GA . -38.15 3.63 5.56
N PEK GA . -42.41 1.77 5.99
C01 PEK GA . -35.18 4.25 3.45
C02 PEK GA . -35.77 2.97 2.89
C03 PEK GA . -36.66 2.21 3.85
C04 PEK GA . -39.90 1.69 5.80
C05 PEK GA . -41.10 2.13 6.62
O01 PEK GA . -34.71 2.12 2.56
O02 PEK GA . -34.97 2.50 0.27
O03 PEK GA . -34.53 4.82 2.30
O04 PEK GA . -33.27 6.25 3.60
O11 PEK GA . -37.78 3.10 4.11
O12 PEK GA . -38.63 2.30 6.27
O13 PEK GA . -36.95 3.94 6.46
O14 PEK GA . -39.33 4.61 5.48
C1 PEK GA . -34.37 1.96 1.19
C2 PEK GA . -33.18 1.08 0.93
C3 PEK GA . -31.89 1.63 1.59
C4 PEK GA . -31.49 2.99 1.08
C5 PEK GA . -30.13 3.32 1.73
C6 PEK GA . -29.00 3.48 1.04
C7 PEK GA . -28.88 3.42 -0.47
C8 PEK GA . -29.14 2.06 -1.06
C9 PEK GA . -29.85 1.92 -2.23
C10 PEK GA . -30.49 3.04 -3.06
C21 PEK GA . -33.67 5.92 2.50
C22 PEK GA . -33.40 6.51 1.17
C23 PEK GA . -32.15 7.34 1.16
C24 PEK GA . -32.13 7.87 -0.23
C25 PEK GA . -30.79 8.46 -0.53
C26 PEK GA . -29.96 7.30 -0.96
C27 PEK GA . -28.77 7.30 -0.09
C28 PEK GA . -27.80 8.30 -0.68
C29 PEK GA . -26.45 7.74 -0.37
C30 PEK GA . -26.03 6.85 -1.49
C31 PEK GA . -24.70 6.30 -1.01
C32 PEK GA . -24.26 5.43 -2.10
C33 PEK GA . -22.79 5.06 -1.98
C34 PEK GA . -22.51 4.02 -3.06
C35 PEK GA . -21.02 3.76 -3.24
C36 PEK GA . -20.73 2.43 -3.93
C37 PEK GA . -19.27 1.98 -3.70
C38 PEK GA . -18.37 2.04 -4.91
C1 CQX HA . -39.77 10.76 -0.19
C2 CQX HA . -40.90 11.32 -1.04
C3 CQX HA . -41.36 12.58 -0.34
C4 CQX HA . -40.26 13.57 -0.06
C6 CQX HA . -38.68 11.81 -0.04
O49 CQX HA . -40.22 10.37 1.13
O55 CQX HA . -42.02 10.42 -1.13
O7 CQX HA . -42.38 13.20 -1.15
O5 CQX HA . -39.19 12.93 0.68
C57 CQX HA . -40.79 14.77 0.73
O61 CQX HA . -39.72 15.71 0.93
O16 CQX HA . -38.16 12.16 -1.33
C18 CQX HA . -37.11 13.13 -1.19
C19 CQX HA . -36.28 13.16 -2.46
O22 CQX HA . -35.46 11.98 -2.49
C25 CQX HA . -34.73 11.87 -3.72
C28 CQX HA . -33.43 11.18 -3.38
C31 CQX HA . -32.72 10.57 -4.57
C34 CQX HA . -31.46 9.88 -4.05
C37 CQX HA . -30.38 9.65 -5.13
C40 CQX HA . -29.06 9.06 -4.64
C43 CQX HA . -28.06 8.94 -5.82
C46 CQX HA . -26.64 8.45 -5.45
C49 CQX HA . -25.66 8.70 -6.58
C52 CQX HA . -24.22 8.35 -6.20
C1 CDL IA . 2.00 21.80 -25.12
O1 CDL IA . 3.04 21.06 -25.80
CA2 CDL IA . 1.01 22.28 -26.17
OA2 CDL IA . -0.16 22.81 -25.55
PA1 CDL IA . -1.36 23.44 -26.46
OA3 CDL IA . -0.81 24.70 -27.04
OA4 CDL IA . -1.79 22.47 -27.54
OA5 CDL IA . -2.59 23.75 -25.40
CA3 CDL IA . -2.68 25.02 -24.75
CA4 CDL IA . -3.78 25.20 -23.68
OA6 CDL IA . -3.66 24.24 -22.62
CA5 CDL IA . -2.88 24.85 -21.58
OA7 CDL IA . -1.69 24.65 -21.64
C11 CDL IA . -3.50 25.76 -20.53
C12 CDL IA . -4.42 25.03 -19.54
C13 CDL IA . -4.08 25.44 -18.10
C14 CDL IA . -4.87 24.63 -17.07
C15 CDL IA . -4.16 24.53 -15.70
C16 CDL IA . -4.16 23.11 -15.11
C17 CDL IA . -2.77 22.46 -15.16
C18 CDL IA . -2.68 20.98 -14.73
C19 CDL IA . -2.98 20.77 -13.24
C20 CDL IA . -1.94 21.41 -12.30
C21 CDL IA . -2.33 21.24 -10.84
C22 CDL IA . -2.63 22.55 -10.10
C23 CDL IA . -3.90 22.39 -9.26
C24 CDL IA . -4.30 23.66 -8.50
C25 CDL IA . -3.89 23.52 -7.04
C26 CDL IA . -3.96 24.78 -6.20
C27 CDL IA . -4.13 24.42 -4.74
CA6 CDL IA . -5.17 25.09 -24.26
OA8 CDL IA . -5.28 23.76 -24.74
CA7 CDL IA . -6.22 22.84 -24.16
OA9 CDL IA . -7.20 22.60 -24.80
C31 CDL IA . -6.02 22.21 -22.82
C32 CDL IA . -6.74 23.07 -21.79
C33 CDL IA . -7.55 22.21 -20.85
C34 CDL IA . -6.65 21.26 -20.07
C35 CDL IA . -7.14 21.12 -18.64
C36 CDL IA . -6.25 20.20 -17.81
C37 CDL IA . -6.75 20.14 -16.37
C38 CDL IA . -6.24 18.88 -15.69
C39 CDL IA . -6.75 18.85 -14.26
C40 CDL IA . -5.90 17.99 -13.38
C41 CDL IA . -6.24 18.39 -11.96
CB2 CDL IA . 2.60 23.01 -24.40
OB2 CDL IA . 2.52 22.85 -22.98
PB2 CDL IA . 3.44 23.72 -21.91
OB3 CDL IA . 3.48 25.17 -22.32
OB4 CDL IA . 4.81 23.10 -21.60
OB5 CDL IA . 2.64 23.53 -20.52
CB3 CDL IA . 1.67 22.49 -20.62
CB4 CDL IA . 0.98 22.33 -19.32
OB6 CDL IA . 0.98 20.93 -19.22
CB5 CDL IA . 1.03 20.65 -17.81
OB7 CDL IA . 0.77 21.59 -17.07
C51 CDL IA . 1.35 19.32 -17.26
C52 CDL IA . 1.84 19.67 -15.85
C53 CDL IA . 3.03 20.62 -15.90
C54 CDL IA . 4.24 19.84 -16.32
C55 CDL IA . 5.23 19.77 -15.18
C56 CDL IA . 6.43 18.95 -15.61
C57 CDL IA . 6.94 18.08 -14.46
C58 CDL IA . 7.75 16.89 -15.00
C59 CDL IA . 7.94 15.81 -13.92
C60 CDL IA . 8.37 14.49 -14.53
C61 CDL IA . 7.80 13.28 -13.80
C62 CDL IA . 7.02 12.39 -14.82
C63 CDL IA . 7.97 11.65 -15.76
C64 CDL IA . 7.38 11.17 -17.06
C65 CDL IA . 8.15 11.86 -18.14
C66 CDL IA . 8.40 11.01 -19.36
C67 CDL IA . 7.14 10.52 -20.02
CB6 CDL IA . -0.46 22.92 -19.35
OB8 CDL IA . -1.47 22.11 -20.00
CB7 CDL IA . -2.57 21.52 -19.26
OB9 CDL IA . -3.04 22.06 -18.26
C71 CDL IA . -3.14 20.24 -19.81
C72 CDL IA . -2.55 19.00 -19.15
C73 CDL IA . -3.22 17.67 -19.51
C74 CDL IA . -3.53 16.89 -18.26
C75 CDL IA . -2.27 16.74 -17.38
C76 CDL IA . -2.67 16.35 -15.96
C77 CDL IA . -1.43 15.95 -15.17
C78 CDL IA . -1.95 15.48 -13.83
C79 CDL IA . -1.70 16.61 -12.92
C80 CDL IA . -2.68 16.55 -11.81
C81 CDL IA . -2.13 17.41 -10.70
C82 CDL IA . -3.22 18.25 -10.07
C83 CDL IA . -4.38 17.51 -9.38
C84 CDL IA . -5.35 18.62 -8.94
C85 CDL IA . -6.33 18.13 -7.94
C86 CDL IA . -7.11 19.29 -7.37
C87 CDL IA . -6.27 20.07 -6.42
#